data_6ZNP
#
_entry.id   6ZNP
#
_cell.length_a   140.332
_cell.length_b   140.332
_cell.length_c   212.106
_cell.angle_alpha   90.000
_cell.angle_beta   90.000
_cell.angle_gamma   90.000
#
_symmetry.space_group_name_H-M   'P 41 21 2'
#
loop_
_entity.id
_entity.type
_entity.pdbx_description
1 polymer 'Uncharacterized ATP-dependent helicase YprA'
2 polymer ssDNA
3 non-polymer 'ZINC ION'
4 non-polymer 'CITRIC ACID'
5 water water
#
loop_
_entity_poly.entity_id
_entity_poly.type
_entity_poly.pdbx_seq_one_letter_code
_entity_poly.pdbx_strand_id
1 'polypeptide(L)'
;GAMKKKSLTELISDLKGNENVVNWHEIEPREAKTRPMPESIDERIKAALSKRGIDELYTHQYSAFQYVQKGESIVTVTPT
ASGKTLCYNLPVLQSIAQDETNRALYLFPTKALAQDQKSELNEIIDEMGIDIKSFTYDGDTSPAIRQKVRKAGHIVITNP
DMLHSAILPHHTKWVSLFENLKYIVIDELHTYRGVFGSHVANVIRRLKRICRFYGSDPVFICTSATIANPKELGEQLTGK
PMRLVDDNGAPSGRKHFVFYNPPIVNKPLNIRRSATAEVNELAKEFLKNKVQTIVFARSRVRVEIILSHIQELVKKEIGT
KSIRGYRGGYLPKERREIERGLREGDILGVVSTNALELGVDIGQLQVCVMTGYPGSVASAWQQAGRAGRRHGESLIIMVA
NSTPIDQYIVRHPEYFFNRSPESARINPENLIILVDHLKCAAYELPFRADEEFGAMEVSDILEYLQEEAVLHRNGERYHW
ASESFPASNISLRSASQENVVIVDQSDIANVRIIGEMDRFSAMTLLHDEAIYLHEGVQYQVEKLDWDHKKAYVRKVDVEY
YTDANLAVQLKVLEIDKTKEKSRTSLHYGDVTVNALPTIFKKIKMTTFENIGSGPIHLPEEELHTSAAWLEIKTADEDIG
EKTLEQLLLGISNVLQHIVPVYIMCDRNDVHVVSQIKAAHTGLPTIFLYDHYPGGIGLAEEVFKRFSDINEAAKQLITHC
PCHDGCPSCIGTEIEGIKAKERILQLLDQMS
;
A,B
2 'polydeoxyribonucleotide' (DT)(DA)(DT)(DA)(DA)(DA)(DC)(DC)(DA)(DG)(DA)(DC)(DC)(DG)(DT)(DC) C,D
#
loop_
_chem_comp.id
_chem_comp.type
_chem_comp.name
_chem_comp.formula
CIT non-polymer 'CITRIC ACID' 'C6 H8 O7'
DA DNA linking 2'-DEOXYADENOSINE-5'-MONOPHOSPHATE 'C10 H14 N5 O6 P'
DC DNA linking 2'-DEOXYCYTIDINE-5'-MONOPHOSPHATE 'C9 H14 N3 O7 P'
DG DNA linking 2'-DEOXYGUANOSINE-5'-MONOPHOSPHATE 'C10 H14 N5 O7 P'
DT DNA linking THYMIDINE-5'-MONOPHOSPHATE 'C10 H15 N2 O8 P'
ZN non-polymer 'ZINC ION' 'Zn 2'
#
# COMPACT_ATOMS: atom_id res chain seq x y z
N LYS A 4 40.25 41.51 -9.39
CA LYS A 4 39.13 40.56 -9.35
C LYS A 4 39.05 39.73 -10.62
N LYS A 5 37.95 38.99 -10.75
CA LYS A 5 37.70 38.09 -11.87
C LYS A 5 38.91 37.19 -12.14
N LYS A 6 39.21 36.35 -11.16
CA LYS A 6 40.29 35.39 -11.24
C LYS A 6 39.70 34.02 -11.60
N SER A 7 40.57 33.14 -12.09
CA SER A 7 40.19 31.77 -12.39
C SER A 7 40.70 30.85 -11.28
N LEU A 8 40.42 29.56 -11.41
CA LEU A 8 40.83 28.64 -10.36
C LEU A 8 42.34 28.50 -10.31
N THR A 9 42.99 28.44 -11.48
CA THR A 9 44.46 28.34 -11.53
C THR A 9 45.10 29.62 -10.99
N GLU A 10 44.52 30.78 -11.29
CA GLU A 10 45.02 32.02 -10.69
C GLU A 10 44.94 31.96 -9.17
N LEU A 11 43.82 31.45 -8.65
CA LEU A 11 43.66 31.33 -7.21
C LEU A 11 44.66 30.34 -6.61
N ILE A 12 44.92 29.24 -7.33
CA ILE A 12 45.92 28.28 -6.88
C ILE A 12 47.29 28.93 -6.82
N SER A 13 47.64 29.77 -7.80
CA SER A 13 48.94 30.43 -7.75
C SER A 13 49.00 31.43 -6.60
N ASP A 14 47.94 32.21 -6.41
CA ASP A 14 47.89 33.14 -5.28
C ASP A 14 48.02 32.41 -3.96
N LEU A 15 47.55 31.16 -3.90
CA LEU A 15 47.74 30.37 -2.68
C LEU A 15 49.12 29.73 -2.63
N LYS A 16 49.69 29.44 -3.79
CA LYS A 16 51.01 28.81 -3.86
C LYS A 16 52.05 29.74 -3.29
N GLY A 17 51.89 31.05 -3.53
CA GLY A 17 52.81 32.03 -3.01
C GLY A 17 52.10 32.97 -2.04
N ASN A 18 52.89 33.92 -1.52
CA ASN A 18 52.39 35.05 -0.72
C ASN A 18 51.47 34.59 0.41
N GLU A 19 51.61 33.35 0.89
CA GLU A 19 50.62 32.85 1.84
C GLU A 19 51.19 32.29 3.14
N ASN A 20 50.30 31.64 3.90
CA ASN A 20 50.60 30.98 5.15
C ASN A 20 50.74 29.47 5.00
N VAL A 21 50.84 28.97 3.77
CA VAL A 21 50.84 27.53 3.55
C VAL A 21 52.07 26.91 4.20
N VAL A 22 51.87 25.78 4.86
CA VAL A 22 52.97 25.07 5.51
C VAL A 22 53.36 23.78 4.81
N ASN A 23 52.50 23.24 3.95
CA ASN A 23 52.85 22.09 3.13
C ASN A 23 52.00 22.11 1.87
N TRP A 24 52.59 21.72 0.75
CA TRP A 24 51.87 21.59 -0.51
C TRP A 24 52.08 20.18 -1.05
N HIS A 25 51.00 19.40 -1.13
CA HIS A 25 51.10 18.01 -1.55
C HIS A 25 50.34 17.86 -2.86
N GLU A 26 51.06 17.55 -3.93
CA GLU A 26 50.46 17.39 -5.24
C GLU A 26 50.16 15.92 -5.51
N ILE A 27 48.91 15.64 -5.86
CA ILE A 27 48.43 14.32 -6.24
C ILE A 27 48.34 14.30 -7.76
N GLU A 28 49.07 13.37 -8.37
CA GLU A 28 49.20 13.32 -9.82
C GLU A 28 47.88 12.95 -10.48
N PRO A 29 47.62 13.44 -11.69
CA PRO A 29 46.42 13.03 -12.43
C PRO A 29 46.51 11.57 -12.82
N ARG A 30 45.36 11.03 -13.19
CA ARG A 30 45.26 9.63 -13.63
C ARG A 30 44.34 9.58 -14.84
N GLU A 31 44.85 9.02 -15.93
CA GLU A 31 44.01 8.82 -17.11
C GLU A 31 43.07 7.64 -16.89
N ALA A 32 41.89 7.71 -17.49
CA ALA A 32 40.90 6.66 -17.34
C ALA A 32 41.40 5.35 -17.95
N LYS A 33 41.51 4.32 -17.12
CA LYS A 33 41.85 2.97 -17.56
C LYS A 33 40.56 2.18 -17.70
N THR A 34 40.38 1.49 -18.83
CA THR A 34 39.08 0.92 -19.13
C THR A 34 39.23 -0.44 -19.77
N ARG A 35 38.16 -1.21 -19.74
CA ARG A 35 37.98 -2.45 -20.47
C ARG A 35 36.64 -2.37 -21.18
N PRO A 36 36.43 -3.19 -22.21
CA PRO A 36 35.18 -3.10 -22.97
C PRO A 36 34.02 -3.74 -22.24
N MET A 37 32.82 -3.35 -22.66
CA MET A 37 31.60 -3.95 -22.13
C MET A 37 31.59 -5.43 -22.46
N PRO A 38 31.36 -6.31 -21.49
CA PRO A 38 31.38 -7.75 -21.78
C PRO A 38 30.30 -8.11 -22.79
N GLU A 39 30.61 -9.08 -23.65
CA GLU A 39 29.64 -9.49 -24.66
C GLU A 39 28.42 -10.15 -24.02
N SER A 40 28.65 -10.93 -22.96
CA SER A 40 27.57 -11.67 -22.31
C SER A 40 26.51 -10.75 -21.72
N ILE A 41 26.80 -9.46 -21.57
CA ILE A 41 25.83 -8.51 -21.02
C ILE A 41 24.61 -8.44 -21.94
N ASP A 42 23.43 -8.41 -21.33
CA ASP A 42 22.19 -8.28 -22.08
C ASP A 42 22.22 -7.04 -22.97
N GLU A 43 21.62 -7.17 -24.16
CA GLU A 43 21.64 -6.07 -25.11
C GLU A 43 20.86 -4.88 -24.58
N ARG A 44 19.77 -5.14 -23.85
CA ARG A 44 18.98 -4.05 -23.29
C ARG A 44 19.78 -3.27 -22.27
N ILE A 45 20.59 -3.97 -21.48
CA ILE A 45 21.42 -3.29 -20.49
C ILE A 45 22.52 -2.48 -21.17
N LYS A 46 23.06 -2.98 -22.28
CA LYS A 46 24.10 -2.23 -22.99
C LYS A 46 23.51 -0.95 -23.60
N ALA A 47 22.31 -1.06 -24.17
CA ALA A 47 21.64 0.14 -24.68
C ALA A 47 21.30 1.12 -23.57
N ALA A 48 20.84 0.60 -22.41
CA ALA A 48 20.49 1.49 -21.31
C ALA A 48 21.71 2.18 -20.73
N LEU A 49 22.87 1.52 -20.77
CA LEU A 49 24.11 2.13 -20.31
C LEU A 49 24.76 3.02 -21.36
N SER A 50 24.37 2.90 -22.63
CA SER A 50 24.75 3.93 -23.60
C SER A 50 24.25 5.31 -23.16
N LYS A 51 23.14 5.36 -22.42
CA LYS A 51 22.74 6.58 -21.72
C LYS A 51 23.83 7.06 -20.78
N ARG A 52 23.98 8.39 -20.67
CA ARG A 52 25.00 9.05 -19.87
C ARG A 52 26.43 8.65 -20.26
N GLY A 53 26.60 8.01 -21.42
CA GLY A 53 27.91 7.70 -21.93
C GLY A 53 28.68 6.64 -21.19
N ILE A 54 28.04 5.51 -20.92
CA ILE A 54 28.72 4.38 -20.29
C ILE A 54 28.77 3.25 -21.32
N ASP A 55 29.65 3.41 -22.32
CA ASP A 55 29.91 2.39 -23.32
C ASP A 55 31.14 1.54 -23.01
N GLU A 56 31.94 1.95 -22.03
CA GLU A 56 33.12 1.24 -21.58
C GLU A 56 33.03 1.08 -20.06
N LEU A 57 33.71 0.08 -19.51
CA LEU A 57 33.76 -0.09 -18.06
C LEU A 57 35.13 0.32 -17.53
N TYR A 58 35.16 0.88 -16.32
CA TYR A 58 36.45 1.13 -15.68
C TYR A 58 37.09 -0.19 -15.27
N THR A 59 38.38 -0.12 -14.95
CA THR A 59 39.09 -1.34 -14.58
C THR A 59 38.47 -1.98 -13.34
N HIS A 60 38.08 -1.16 -12.36
CA HIS A 60 37.49 -1.72 -11.14
C HIS A 60 36.10 -2.27 -11.39
N GLN A 61 35.30 -1.59 -12.21
CA GLN A 61 33.97 -2.08 -12.52
C GLN A 61 34.03 -3.41 -13.26
N TYR A 62 34.87 -3.48 -14.29
CA TYR A 62 35.04 -4.73 -15.04
C TYR A 62 35.58 -5.84 -14.15
N SER A 63 36.59 -5.52 -13.34
CA SER A 63 37.16 -6.51 -12.44
C SER A 63 36.13 -7.02 -11.44
N ALA A 64 35.28 -6.12 -10.94
CA ALA A 64 34.22 -6.52 -10.02
C ALA A 64 33.24 -7.48 -10.70
N PHE A 65 32.79 -7.12 -11.90
CA PHE A 65 31.85 -7.97 -12.62
C PHE A 65 32.45 -9.35 -12.88
N GLN A 66 33.73 -9.40 -13.24
CA GLN A 66 34.35 -10.68 -13.56
C GLN A 66 34.53 -11.54 -12.31
N TYR A 67 35.08 -10.96 -11.23
CA TYR A 67 35.14 -11.69 -9.96
C TYR A 67 33.79 -12.21 -9.49
N VAL A 68 32.75 -11.39 -9.58
CA VAL A 68 31.46 -11.80 -9.03
C VAL A 68 30.75 -12.78 -9.94
N GLN A 69 31.03 -12.73 -11.25
CA GLN A 69 30.45 -13.71 -12.16
C GLN A 69 30.91 -15.12 -11.82
N LYS A 70 32.15 -15.26 -11.34
CA LYS A 70 32.66 -16.57 -10.95
C LYS A 70 32.12 -17.06 -9.62
N GLY A 71 31.54 -16.17 -8.81
CA GLY A 71 31.05 -16.55 -7.51
C GLY A 71 31.93 -16.17 -6.34
N GLU A 72 32.98 -15.37 -6.56
CA GLU A 72 33.85 -14.93 -5.48
C GLU A 72 33.33 -13.60 -4.92
N SER A 73 33.08 -13.57 -3.61
CA SER A 73 32.64 -12.35 -2.97
C SER A 73 33.76 -11.32 -2.98
N ILE A 74 33.39 -10.04 -3.07
CA ILE A 74 34.36 -8.97 -3.24
C ILE A 74 34.02 -7.79 -2.35
N VAL A 75 35.04 -7.01 -2.03
CA VAL A 75 34.89 -5.71 -1.41
C VAL A 75 35.72 -4.70 -2.21
N THR A 76 35.06 -3.65 -2.70
CA THR A 76 35.71 -2.64 -3.52
C THR A 76 35.81 -1.33 -2.75
N VAL A 77 36.97 -0.69 -2.85
CA VAL A 77 37.16 0.63 -2.26
C VAL A 77 37.06 1.68 -3.35
N THR A 78 35.83 1.95 -3.79
CA THR A 78 35.59 2.84 -4.92
C THR A 78 34.69 3.98 -4.46
N PRO A 79 35.11 5.24 -4.59
CA PRO A 79 34.22 6.34 -4.23
C PRO A 79 33.00 6.39 -5.13
N THR A 80 31.93 7.00 -4.61
CA THR A 80 30.69 7.15 -5.37
C THR A 80 30.93 7.92 -6.65
N ALA A 81 31.92 8.82 -6.66
CA ALA A 81 32.25 9.59 -7.86
C ALA A 81 32.95 8.77 -8.93
N SER A 82 33.56 7.65 -8.56
CA SER A 82 34.24 6.78 -9.51
C SER A 82 33.34 5.66 -10.04
N GLY A 83 32.03 5.86 -9.97
CA GLY A 83 31.08 4.88 -10.46
C GLY A 83 31.04 3.62 -9.62
N LYS A 84 30.89 3.76 -8.29
CA LYS A 84 30.91 2.59 -7.43
C LYS A 84 29.62 1.79 -7.55
N THR A 85 28.49 2.47 -7.79
CA THR A 85 27.21 1.76 -7.80
C THR A 85 27.12 0.78 -8.96
N LEU A 86 27.81 1.07 -10.06
CA LEU A 86 27.77 0.15 -11.20
C LEU A 86 28.41 -1.20 -10.86
N CYS A 87 29.42 -1.19 -9.97
CA CYS A 87 30.14 -2.42 -9.65
C CYS A 87 29.20 -3.52 -9.15
N TYR A 88 28.13 -3.16 -8.46
CA TYR A 88 27.13 -4.15 -8.04
C TYR A 88 25.82 -4.07 -8.80
N ASN A 89 25.49 -2.94 -9.42
CA ASN A 89 24.25 -2.89 -10.20
C ASN A 89 24.38 -3.68 -11.49
N LEU A 90 25.57 -3.72 -12.09
CA LEU A 90 25.73 -4.51 -13.31
C LEU A 90 25.52 -6.00 -13.08
N PRO A 91 26.19 -6.65 -12.12
CA PRO A 91 25.94 -8.09 -11.93
C PRO A 91 24.51 -8.41 -11.54
N VAL A 92 23.92 -7.61 -10.65
CA VAL A 92 22.54 -7.88 -10.20
C VAL A 92 21.58 -7.76 -11.37
N LEU A 93 21.64 -6.66 -12.11
CA LEU A 93 20.71 -6.45 -13.22
C LEU A 93 20.96 -7.46 -14.34
N GLN A 94 22.21 -7.80 -14.61
CA GLN A 94 22.50 -8.87 -15.55
C GLN A 94 21.83 -10.18 -15.13
N SER A 95 21.96 -10.52 -13.84
CA SER A 95 21.41 -11.78 -13.36
C SER A 95 19.90 -11.80 -13.43
N ILE A 96 19.25 -10.67 -13.16
CA ILE A 96 17.79 -10.63 -13.24
C ILE A 96 17.35 -10.64 -14.70
N ALA A 97 18.09 -9.99 -15.59
CA ALA A 97 17.74 -9.99 -17.00
C ALA A 97 17.85 -11.37 -17.61
N GLN A 98 18.87 -12.15 -17.20
CA GLN A 98 18.98 -13.53 -17.67
C GLN A 98 17.80 -14.37 -17.18
N ASP A 99 17.69 -14.52 -15.87
CA ASP A 99 16.59 -15.25 -15.24
C ASP A 99 15.79 -14.25 -14.40
N GLU A 100 14.54 -14.02 -14.79
CA GLU A 100 13.72 -13.05 -14.07
C GLU A 100 13.32 -13.51 -12.68
N THR A 101 13.56 -14.78 -12.35
CA THR A 101 13.21 -15.30 -11.03
C THR A 101 14.29 -15.04 -9.98
N ASN A 102 15.34 -14.30 -10.34
CA ASN A 102 16.42 -14.01 -9.41
C ASN A 102 16.08 -12.79 -8.55
N ARG A 103 16.74 -12.70 -7.40
CA ARG A 103 16.48 -11.64 -6.43
C ARG A 103 17.80 -11.16 -5.82
N ALA A 104 17.73 -10.05 -5.10
CA ALA A 104 18.92 -9.49 -4.47
C ALA A 104 18.55 -8.61 -3.29
N LEU A 105 19.33 -8.72 -2.21
CA LEU A 105 19.26 -7.81 -1.06
C LEU A 105 20.35 -6.75 -1.14
N TYR A 106 19.95 -5.52 -0.89
CA TYR A 106 20.87 -4.41 -0.75
C TYR A 106 20.84 -3.95 0.69
N LEU A 107 22.00 -3.79 1.30
CA LEU A 107 22.10 -3.38 2.70
C LEU A 107 22.71 -1.99 2.76
N PHE A 108 21.91 -0.99 3.10
CA PHE A 108 22.47 0.34 3.21
C PHE A 108 22.44 0.80 4.67
N PRO A 109 23.41 1.61 5.10
CA PRO A 109 23.45 2.03 6.51
C PRO A 109 22.39 3.05 6.90
N THR A 110 21.78 3.73 5.93
CA THR A 110 20.71 4.70 6.20
C THR A 110 19.55 4.45 5.24
N LYS A 111 18.39 4.99 5.61
CA LYS A 111 17.22 4.86 4.76
C LYS A 111 17.26 5.83 3.58
N ALA A 112 17.90 6.99 3.76
CA ALA A 112 18.00 7.96 2.67
C ALA A 112 18.87 7.42 1.53
N LEU A 113 19.98 6.75 1.88
CA LEU A 113 20.81 6.12 0.87
C LEU A 113 20.04 5.02 0.14
N ALA A 114 19.20 4.28 0.86
CA ALA A 114 18.36 3.29 0.22
C ALA A 114 17.42 3.94 -0.79
N GLN A 115 16.82 5.07 -0.42
CA GLN A 115 15.95 5.75 -1.37
C GLN A 115 16.72 6.21 -2.60
N ASP A 116 17.93 6.75 -2.39
CA ASP A 116 18.73 7.21 -3.53
C ASP A 116 19.04 6.05 -4.47
N GLN A 117 19.45 4.91 -3.91
CA GLN A 117 19.77 3.76 -4.75
C GLN A 117 18.54 3.22 -5.47
N LYS A 118 17.38 3.22 -4.80
CA LYS A 118 16.15 2.82 -5.47
C LYS A 118 15.85 3.73 -6.65
N SER A 119 16.05 5.04 -6.47
CA SER A 119 15.77 5.98 -7.55
C SER A 119 16.68 5.74 -8.75
N GLU A 120 17.98 5.58 -8.50
CA GLU A 120 18.91 5.32 -9.61
C GLU A 120 18.57 4.01 -10.30
N LEU A 121 18.27 2.96 -9.52
CA LEU A 121 17.89 1.68 -10.11
C LEU A 121 16.63 1.81 -10.94
N ASN A 122 15.67 2.60 -10.48
CA ASN A 122 14.44 2.80 -11.25
C ASN A 122 14.75 3.46 -12.58
N GLU A 123 15.63 4.47 -12.60
CA GLU A 123 16.02 5.09 -13.86
C GLU A 123 16.67 4.07 -14.81
N ILE A 124 17.68 3.35 -14.30
CA ILE A 124 18.40 2.41 -15.17
C ILE A 124 17.46 1.32 -15.68
N ILE A 125 16.52 0.87 -14.85
CA ILE A 125 15.60 -0.18 -15.24
C ILE A 125 14.61 0.34 -16.28
N ASP A 126 14.09 1.55 -16.07
CA ASP A 126 13.15 2.14 -17.01
C ASP A 126 13.78 2.32 -18.38
N GLU A 127 15.10 2.60 -18.43
CA GLU A 127 15.74 2.69 -19.74
C GLU A 127 15.77 1.34 -20.46
N MET A 128 15.79 0.24 -19.73
CA MET A 128 15.62 -1.07 -20.34
C MET A 128 14.13 -1.37 -20.56
N GLY A 129 13.88 -2.44 -21.30
CA GLY A 129 12.54 -2.94 -21.53
C GLY A 129 12.07 -4.01 -20.57
N ILE A 130 12.80 -4.24 -19.48
CA ILE A 130 12.50 -5.32 -18.56
C ILE A 130 11.67 -4.77 -17.41
N ASP A 131 10.78 -5.60 -16.89
CA ASP A 131 9.94 -5.25 -15.74
C ASP A 131 10.62 -5.80 -14.48
N ILE A 132 11.64 -5.07 -14.03
CA ILE A 132 12.32 -5.37 -12.78
C ILE A 132 11.82 -4.40 -11.72
N LYS A 133 11.23 -4.94 -10.67
CA LYS A 133 10.68 -4.14 -9.58
C LYS A 133 11.68 -4.12 -8.43
N SER A 134 12.05 -2.92 -8.00
CA SER A 134 12.88 -2.74 -6.81
C SER A 134 12.08 -1.95 -5.79
N PHE A 135 12.25 -2.29 -4.51
CA PHE A 135 11.53 -1.66 -3.43
C PHE A 135 12.45 -1.52 -2.23
N THR A 136 12.15 -0.54 -1.39
CA THR A 136 12.78 -0.43 -0.09
C THR A 136 11.84 -1.00 0.96
N TYR A 137 12.41 -1.74 1.91
CA TYR A 137 11.68 -2.37 3.01
C TYR A 137 12.36 -1.93 4.30
N ASP A 138 11.87 -0.84 4.89
CA ASP A 138 12.46 -0.28 6.09
C ASP A 138 11.35 0.29 6.97
N GLY A 139 11.73 0.93 8.07
CA GLY A 139 10.74 1.43 9.01
C GLY A 139 9.81 2.48 8.43
N ASP A 140 10.19 3.10 7.31
CA ASP A 140 9.36 4.10 6.67
C ASP A 140 8.42 3.51 5.62
N THR A 141 8.54 2.23 5.31
CA THR A 141 7.65 1.59 4.35
C THR A 141 6.29 1.35 4.99
N SER A 142 5.24 1.91 4.41
CA SER A 142 3.91 1.74 4.98
C SER A 142 3.53 0.27 4.98
N PRO A 143 2.91 -0.22 6.05
CA PRO A 143 2.64 -1.67 6.15
C PRO A 143 1.71 -2.20 5.07
N ALA A 144 0.90 -1.36 4.43
CA ALA A 144 0.00 -1.85 3.39
C ALA A 144 0.77 -2.33 2.16
N ILE A 145 1.91 -1.70 1.85
CA ILE A 145 2.71 -2.09 0.69
C ILE A 145 3.67 -3.23 0.98
N ARG A 146 3.89 -3.57 2.26
CA ARG A 146 4.88 -4.56 2.63
C ARG A 146 4.52 -5.95 2.11
N GLN A 147 3.22 -6.26 2.06
CA GLN A 147 2.77 -7.52 1.48
C GLN A 147 3.15 -7.61 0.01
N LYS A 148 2.90 -6.55 -0.75
CA LYS A 148 3.28 -6.53 -2.16
C LYS A 148 4.79 -6.61 -2.33
N VAL A 149 5.54 -5.96 -1.43
CA VAL A 149 6.98 -5.91 -1.57
C VAL A 149 7.61 -7.28 -1.35
N ARG A 150 7.10 -8.03 -0.37
CA ARG A 150 7.65 -9.36 -0.15
C ARG A 150 7.49 -10.26 -1.37
N LYS A 151 6.44 -10.05 -2.18
CA LYS A 151 6.18 -10.91 -3.32
C LYS A 151 6.84 -10.40 -4.60
N ALA A 152 6.62 -9.14 -4.95
CA ALA A 152 7.00 -8.63 -6.27
C ALA A 152 8.40 -8.04 -6.33
N GLY A 153 9.07 -7.84 -5.20
CA GLY A 153 10.35 -7.18 -5.20
C GLY A 153 11.48 -8.03 -5.74
N HIS A 154 12.02 -7.68 -6.91
CA HIS A 154 13.23 -8.34 -7.39
C HIS A 154 14.44 -7.87 -6.62
N ILE A 155 14.52 -6.58 -6.34
CA ILE A 155 15.61 -5.99 -5.57
C ILE A 155 15.00 -5.38 -4.31
N VAL A 156 15.43 -5.87 -3.15
CA VAL A 156 14.92 -5.42 -1.86
C VAL A 156 16.02 -4.66 -1.13
N ILE A 157 15.75 -3.39 -0.84
CA ILE A 157 16.74 -2.46 -0.29
C ILE A 157 16.38 -2.20 1.17
N THR A 158 17.21 -2.69 2.10
CA THR A 158 16.89 -2.73 3.51
C THR A 158 18.08 -2.16 4.30
N ASN A 159 17.92 -2.07 5.62
CA ASN A 159 18.94 -1.75 6.60
C ASN A 159 19.41 -3.03 7.26
N PRO A 160 20.60 -3.05 7.85
CA PRO A 160 20.93 -4.16 8.75
C PRO A 160 19.95 -4.23 9.90
N ASP A 161 19.44 -3.07 10.33
CA ASP A 161 18.52 -3.00 11.45
C ASP A 161 17.17 -3.58 11.08
N MET A 162 16.64 -3.22 9.91
CA MET A 162 15.39 -3.80 9.45
C MET A 162 15.55 -5.28 9.13
N LEU A 163 16.73 -5.68 8.65
CA LEU A 163 16.99 -7.09 8.41
C LEU A 163 16.95 -7.91 9.70
N HIS A 164 17.64 -7.42 10.73
CA HIS A 164 17.55 -7.97 12.08
C HIS A 164 16.10 -8.06 12.56
N SER A 165 15.39 -6.94 12.55
CA SER A 165 14.13 -6.84 13.27
C SER A 165 12.93 -7.38 12.50
N ALA A 166 12.91 -7.26 11.17
CA ALA A 166 11.73 -7.63 10.37
C ALA A 166 11.90 -8.86 9.48
N ILE A 167 12.96 -8.92 8.65
CA ILE A 167 12.98 -9.88 7.54
C ILE A 167 13.36 -11.28 8.02
N LEU A 168 14.45 -11.38 8.79
CA LEU A 168 14.92 -12.69 9.21
C LEU A 168 13.98 -13.38 10.18
N PRO A 169 13.52 -12.75 11.27
CA PRO A 169 12.56 -13.42 12.16
C PRO A 169 11.25 -13.79 11.47
N HIS A 170 10.98 -13.27 10.27
CA HIS A 170 9.83 -13.65 9.48
C HIS A 170 10.26 -14.22 8.12
N HIS A 171 11.28 -15.08 8.12
CA HIS A 171 11.77 -15.61 6.85
C HIS A 171 10.71 -16.41 6.10
N THR A 172 9.74 -16.99 6.82
CA THR A 172 8.67 -17.72 6.14
C THR A 172 7.81 -16.82 5.25
N LYS A 173 7.86 -15.50 5.47
CA LYS A 173 7.16 -14.56 4.63
C LYS A 173 8.01 -14.06 3.46
N TRP A 174 9.27 -14.48 3.36
CA TRP A 174 10.18 -14.02 2.32
C TRP A 174 10.71 -15.17 1.46
N VAL A 175 10.00 -16.30 1.46
CA VAL A 175 10.50 -17.51 0.78
C VAL A 175 10.83 -17.21 -0.67
N SER A 176 10.11 -16.27 -1.27
CA SER A 176 10.32 -15.94 -2.68
C SER A 176 11.77 -15.55 -2.97
N LEU A 177 12.36 -14.67 -2.15
CA LEU A 177 13.73 -14.29 -2.49
C LEU A 177 14.77 -15.15 -1.80
N PHE A 178 14.47 -15.72 -0.64
CA PHE A 178 15.49 -16.52 0.03
C PHE A 178 15.82 -17.78 -0.77
N GLU A 179 14.86 -18.28 -1.56
CA GLU A 179 15.14 -19.43 -2.40
C GLU A 179 15.88 -19.06 -3.69
N ASN A 180 15.88 -17.78 -4.06
CA ASN A 180 16.49 -17.32 -5.31
C ASN A 180 17.39 -16.11 -5.06
N LEU A 181 18.14 -16.11 -3.97
CA LEU A 181 19.03 -15.01 -3.65
C LEU A 181 20.39 -15.26 -4.29
N LYS A 182 20.82 -14.33 -5.15
CA LYS A 182 22.09 -14.45 -5.86
C LYS A 182 23.13 -13.43 -5.41
N TYR A 183 22.70 -12.26 -4.96
CA TYR A 183 23.62 -11.21 -4.57
C TYR A 183 23.17 -10.57 -3.27
N ILE A 184 24.12 -10.25 -2.40
CA ILE A 184 23.88 -9.47 -1.19
C ILE A 184 24.83 -8.27 -1.24
N VAL A 185 24.27 -7.07 -1.32
CA VAL A 185 25.06 -5.86 -1.45
C VAL A 185 25.16 -5.18 -0.09
N ILE A 186 26.37 -4.85 0.31
CA ILE A 186 26.65 -4.10 1.55
C ILE A 186 27.36 -2.81 1.15
N ASP A 187 26.70 -1.67 1.33
CA ASP A 187 27.14 -0.46 0.64
C ASP A 187 28.33 0.21 1.30
N GLU A 188 28.28 0.44 2.62
CA GLU A 188 29.42 1.07 3.26
C GLU A 188 29.87 0.21 4.43
N LEU A 189 30.74 -0.73 4.12
CA LEU A 189 31.18 -1.72 5.10
C LEU A 189 31.79 -1.06 6.33
N HIS A 190 32.59 -0.02 6.13
CA HIS A 190 33.34 0.58 7.23
C HIS A 190 32.44 1.18 8.30
N THR A 191 31.16 1.46 8.00
CA THR A 191 30.28 1.94 9.06
C THR A 191 29.96 0.83 10.06
N TYR A 192 29.99 -0.43 9.62
CA TYR A 192 29.72 -1.58 10.48
C TYR A 192 31.03 -2.04 11.13
N ARG A 193 31.50 -1.22 12.07
CA ARG A 193 32.71 -1.53 12.83
C ARG A 193 32.42 -1.38 14.32
N GLY A 194 33.32 -1.94 15.14
CA GLY A 194 33.13 -1.85 16.57
C GLY A 194 31.99 -2.75 17.06
N VAL A 195 31.26 -2.27 18.06
CA VAL A 195 30.15 -3.05 18.61
C VAL A 195 29.01 -3.16 17.61
N PHE A 196 28.68 -2.06 16.94
CA PHE A 196 27.72 -2.12 15.85
C PHE A 196 28.17 -3.10 14.77
N GLY A 197 29.48 -3.13 14.50
CA GLY A 197 29.98 -4.10 13.54
C GLY A 197 29.83 -5.53 14.01
N SER A 198 29.98 -5.76 15.31
CA SER A 198 29.79 -7.10 15.87
C SER A 198 28.33 -7.54 15.69
N HIS A 199 27.40 -6.66 16.03
CA HIS A 199 25.99 -6.94 15.84
C HIS A 199 25.70 -7.27 14.37
N VAL A 200 26.20 -6.44 13.46
CA VAL A 200 25.89 -6.65 12.04
C VAL A 200 26.54 -7.94 11.55
N ALA A 201 27.72 -8.30 12.06
CA ALA A 201 28.33 -9.57 11.68
C ALA A 201 27.45 -10.74 12.08
N ASN A 202 26.89 -10.69 13.29
CA ASN A 202 26.00 -11.78 13.70
C ASN A 202 24.70 -11.77 12.89
N VAL A 203 24.20 -10.59 12.53
CA VAL A 203 23.03 -10.53 11.65
C VAL A 203 23.35 -11.20 10.31
N ILE A 204 24.56 -10.98 9.80
CA ILE A 204 24.96 -11.60 8.54
C ILE A 204 25.03 -13.11 8.69
N ARG A 205 25.52 -13.59 9.85
CA ARG A 205 25.55 -15.03 10.12
C ARG A 205 24.14 -15.60 10.08
N ARG A 206 23.19 -14.92 10.71
CA ARG A 206 21.81 -15.39 10.69
C ARG A 206 21.25 -15.38 9.28
N LEU A 207 21.55 -14.33 8.51
CA LEU A 207 21.08 -14.26 7.13
C LEU A 207 21.66 -15.40 6.30
N LYS A 208 22.91 -15.78 6.56
CA LYS A 208 23.54 -16.87 5.83
C LYS A 208 22.89 -18.22 6.18
N ARG A 209 22.57 -18.44 7.45
CA ARG A 209 21.88 -19.70 7.78
C ARG A 209 20.47 -19.73 7.19
N ILE A 210 19.78 -18.58 7.14
CA ILE A 210 18.47 -18.54 6.50
C ILE A 210 18.59 -18.89 5.03
N CYS A 211 19.60 -18.32 4.35
CA CYS A 211 19.80 -18.62 2.93
C CYS A 211 20.15 -20.08 2.71
N ARG A 212 20.95 -20.65 3.61
CA ARG A 212 21.27 -22.07 3.51
C ARG A 212 20.02 -22.92 3.61
N PHE A 213 19.07 -22.51 4.48
CA PHE A 213 17.84 -23.27 4.64
C PHE A 213 17.05 -23.35 3.34
N TYR A 214 16.98 -22.24 2.61
CA TYR A 214 16.18 -22.16 1.40
C TYR A 214 16.96 -22.56 0.16
N GLY A 215 18.13 -23.17 0.33
CA GLY A 215 18.89 -23.70 -0.79
C GLY A 215 19.44 -22.64 -1.73
N SER A 216 20.11 -21.63 -1.18
CA SER A 216 20.74 -20.60 -2.00
C SER A 216 21.97 -20.11 -1.26
N ASP A 217 23.05 -19.90 -2.01
CA ASP A 217 24.32 -19.40 -1.49
C ASP A 217 24.69 -18.15 -2.29
N PRO A 218 24.15 -17.00 -1.92
CA PRO A 218 24.42 -15.78 -2.69
C PRO A 218 25.86 -15.33 -2.50
N VAL A 219 26.28 -14.45 -3.39
CA VAL A 219 27.62 -13.88 -3.35
C VAL A 219 27.52 -12.45 -2.85
N PHE A 220 28.50 -12.04 -2.04
CA PHE A 220 28.49 -10.76 -1.36
C PHE A 220 29.29 -9.75 -2.16
N ILE A 221 28.68 -8.62 -2.46
CA ILE A 221 29.34 -7.49 -3.10
C ILE A 221 29.34 -6.34 -2.09
N CYS A 222 30.53 -5.93 -1.68
CA CYS A 222 30.67 -4.92 -0.65
C CYS A 222 31.40 -3.70 -1.20
N THR A 223 31.09 -2.55 -0.62
CA THR A 223 31.80 -1.32 -0.87
C THR A 223 32.25 -0.76 0.48
N SER A 224 33.43 -0.14 0.51
CA SER A 224 33.92 0.43 1.76
C SER A 224 34.76 1.66 1.44
N ALA A 225 34.92 2.50 2.46
CA ALA A 225 35.83 3.63 2.35
C ALA A 225 37.27 3.15 2.47
N THR A 226 38.21 4.06 2.28
CA THR A 226 39.63 3.71 2.35
C THR A 226 40.03 3.64 3.82
N ILE A 227 39.75 2.48 4.41
CA ILE A 227 40.27 2.12 5.70
C ILE A 227 41.44 1.18 5.46
N ALA A 228 42.20 0.88 6.52
CA ALA A 228 43.41 0.08 6.36
C ALA A 228 43.09 -1.36 5.98
N ASN A 229 42.00 -1.93 6.51
CA ASN A 229 41.71 -3.35 6.38
C ASN A 229 40.33 -3.58 5.77
N PRO A 230 40.14 -3.25 4.49
CA PRO A 230 38.81 -3.48 3.89
C PRO A 230 38.55 -4.93 3.60
N LYS A 231 39.54 -5.64 3.04
CA LYS A 231 39.36 -7.07 2.78
C LYS A 231 39.13 -7.82 4.08
N GLU A 232 39.89 -7.51 5.12
CA GLU A 232 39.77 -8.21 6.39
C GLU A 232 38.43 -7.93 7.07
N LEU A 233 38.00 -6.66 7.06
CA LEU A 233 36.70 -6.33 7.63
C LEU A 233 35.59 -7.04 6.88
N GLY A 234 35.68 -7.08 5.55
CA GLY A 234 34.67 -7.78 4.78
C GLY A 234 34.64 -9.27 5.07
N GLU A 235 35.81 -9.87 5.21
CA GLU A 235 35.88 -11.30 5.49
C GLU A 235 35.30 -11.60 6.87
N GLN A 236 35.68 -10.81 7.87
CA GLN A 236 35.18 -11.06 9.22
C GLN A 236 33.70 -10.71 9.36
N LEU A 237 33.17 -9.85 8.51
CA LEU A 237 31.79 -9.41 8.60
C LEU A 237 30.84 -10.35 7.84
N THR A 238 31.27 -10.86 6.68
CA THR A 238 30.44 -11.74 5.89
C THR A 238 30.75 -13.22 6.13
N GLY A 239 31.92 -13.55 6.66
CA GLY A 239 32.27 -14.94 6.88
C GLY A 239 32.69 -15.70 5.65
N LYS A 240 32.95 -15.01 4.55
CA LYS A 240 33.40 -15.61 3.30
C LYS A 240 34.72 -14.96 2.88
N PRO A 241 35.53 -15.66 2.09
CA PRO A 241 36.75 -15.03 1.55
C PRO A 241 36.39 -13.95 0.54
N MET A 242 37.19 -12.87 0.53
CA MET A 242 36.92 -11.70 -0.29
C MET A 242 38.08 -11.41 -1.23
N ARG A 243 37.75 -10.88 -2.39
CA ARG A 243 38.71 -10.40 -3.36
C ARG A 243 38.62 -8.88 -3.39
N LEU A 244 39.72 -8.22 -2.99
CA LEU A 244 39.72 -6.76 -2.83
C LEU A 244 39.91 -6.12 -4.21
N VAL A 245 39.11 -5.10 -4.54
CA VAL A 245 39.28 -4.41 -5.82
C VAL A 245 39.94 -3.06 -5.55
N ASP A 246 41.23 -2.96 -5.84
CA ASP A 246 42.04 -1.77 -5.60
C ASP A 246 41.96 -0.72 -6.71
N ASP A 247 42.38 -1.08 -7.93
CA ASP A 247 42.61 -0.11 -8.99
C ASP A 247 41.41 0.78 -9.23
N ASN A 248 41.68 2.06 -9.47
CA ASN A 248 40.62 3.03 -9.76
C ASN A 248 40.79 3.48 -11.21
N GLY A 249 40.08 2.81 -12.12
CA GLY A 249 40.15 3.15 -13.52
C GLY A 249 39.48 4.46 -13.90
N ALA A 250 38.88 5.15 -12.94
CA ALA A 250 38.22 6.41 -13.24
C ALA A 250 39.25 7.52 -13.53
N PRO A 251 38.93 8.45 -14.41
CA PRO A 251 39.87 9.54 -14.71
C PRO A 251 39.95 10.52 -13.55
N SER A 252 41.15 11.03 -13.31
CA SER A 252 41.42 11.96 -12.22
C SER A 252 42.34 13.06 -12.71
N GLY A 253 42.09 14.29 -12.25
CA GLY A 253 42.93 15.41 -12.56
C GLY A 253 43.97 15.67 -11.48
N ARG A 254 44.74 16.74 -11.68
CA ARG A 254 45.69 17.16 -10.67
C ARG A 254 44.94 17.54 -9.40
N LYS A 255 45.55 17.25 -8.24
CA LYS A 255 44.92 17.61 -6.97
C LYS A 255 45.95 18.24 -6.05
N HIS A 256 45.60 19.35 -5.41
CA HIS A 256 46.51 20.07 -4.53
C HIS A 256 45.97 20.02 -3.11
N PHE A 257 46.54 19.17 -2.28
CA PHE A 257 46.14 19.04 -0.88
C PHE A 257 47.14 19.83 -0.06
N VAL A 258 46.70 20.97 0.48
CA VAL A 258 47.60 21.97 1.05
C VAL A 258 47.28 22.13 2.52
N PHE A 259 48.32 22.36 3.31
CA PHE A 259 48.19 22.59 4.74
C PHE A 259 48.33 24.08 5.03
N TYR A 260 47.43 24.61 5.85
CA TYR A 260 47.31 26.05 6.10
C TYR A 260 47.32 26.31 7.60
N ASN A 261 48.14 27.26 8.03
CA ASN A 261 48.22 27.63 9.44
C ASN A 261 47.91 29.12 9.57
N PRO A 262 46.85 29.50 10.29
CA PRO A 262 46.49 30.92 10.34
C PRO A 262 47.59 31.74 10.99
N PRO A 263 47.70 33.01 10.62
CA PRO A 263 48.77 33.86 11.16
C PRO A 263 48.61 34.07 12.65
N ILE A 264 49.72 34.43 13.29
CA ILE A 264 49.70 34.79 14.70
C ILE A 264 49.30 36.25 14.82
N VAL A 265 48.36 36.54 15.73
CA VAL A 265 47.78 37.87 15.88
C VAL A 265 48.45 38.61 17.03
N ASN A 266 48.90 37.87 18.04
CA ASN A 266 49.69 38.42 19.13
C ASN A 266 50.86 37.48 19.40
N LYS A 267 52.05 38.05 19.52
CA LYS A 267 53.27 37.27 19.64
C LYS A 267 53.61 36.94 21.09
N PRO A 268 53.48 37.88 22.06
CA PRO A 268 53.67 37.51 23.47
C PRO A 268 52.67 36.46 23.92
N LEU A 269 51.38 36.75 23.80
CA LEU A 269 50.37 35.79 24.22
C LEU A 269 50.35 34.53 23.36
N ASN A 270 51.01 34.56 22.20
CA ASN A 270 51.12 33.41 21.29
C ASN A 270 49.73 32.81 21.00
N ILE A 271 48.95 33.60 20.26
CA ILE A 271 47.60 33.22 19.87
C ILE A 271 47.44 33.45 18.37
N ARG A 272 46.98 32.42 17.66
CA ARG A 272 46.79 32.49 16.22
C ARG A 272 45.38 32.96 15.89
N ARG A 273 45.16 33.29 14.63
CA ARG A 273 43.84 33.68 14.16
C ARG A 273 42.95 32.44 14.12
N SER A 274 41.65 32.65 14.34
CA SER A 274 40.73 31.53 14.31
C SER A 274 40.71 30.89 12.94
N ALA A 275 40.73 29.55 12.92
CA ALA A 275 40.54 28.86 11.66
C ALA A 275 39.22 29.27 11.03
N THR A 276 38.26 29.68 11.84
CA THR A 276 36.96 30.10 11.33
C THR A 276 37.10 31.33 10.44
N ALA A 277 37.86 32.34 10.87
CA ALA A 277 38.00 33.55 10.07
C ALA A 277 38.78 33.29 8.78
N GLU A 278 39.88 32.56 8.88
CA GLU A 278 40.67 32.25 7.68
C GLU A 278 39.85 31.43 6.69
N VAL A 279 39.05 30.49 7.19
CA VAL A 279 38.19 29.70 6.32
C VAL A 279 37.12 30.58 5.67
N ASN A 280 36.52 31.47 6.44
CA ASN A 280 35.53 32.39 5.87
C ASN A 280 36.12 33.16 4.70
N GLU A 281 37.33 33.71 4.88
CA GLU A 281 37.91 34.54 3.82
C GLU A 281 38.41 33.71 2.64
N LEU A 282 38.93 32.50 2.89
CA LEU A 282 39.34 31.64 1.78
C LEU A 282 38.13 31.23 0.94
N ALA A 283 37.09 30.73 1.60
CA ALA A 283 35.87 30.35 0.88
C ALA A 283 35.25 31.56 0.21
N LYS A 284 35.42 32.76 0.78
CA LYS A 284 34.97 33.98 0.11
C LYS A 284 35.67 34.16 -1.22
N GLU A 285 37.00 34.10 -1.22
CA GLU A 285 37.73 34.28 -2.47
C GLU A 285 37.40 33.20 -3.48
N PHE A 286 37.06 31.99 -3.04
CA PHE A 286 36.73 30.95 -4.01
C PHE A 286 35.29 31.07 -4.51
N LEU A 287 34.35 31.38 -3.63
CA LEU A 287 32.95 31.45 -4.03
C LEU A 287 32.65 32.71 -4.83
N LYS A 288 33.35 33.81 -4.55
CA LYS A 288 33.15 35.04 -5.31
C LYS A 288 33.52 34.86 -6.78
N ASN A 289 34.46 33.95 -7.06
CA ASN A 289 34.87 33.66 -8.43
C ASN A 289 34.11 32.48 -9.02
N LYS A 290 32.94 32.16 -8.47
CA LYS A 290 32.06 31.10 -8.98
C LYS A 290 32.80 29.76 -9.09
N VAL A 291 33.52 29.42 -8.02
CA VAL A 291 34.21 28.13 -7.89
C VAL A 291 33.45 27.30 -6.87
N GLN A 292 33.09 26.08 -7.25
CA GLN A 292 32.22 25.26 -6.41
C GLN A 292 33.04 24.72 -5.24
N THR A 293 32.60 25.01 -4.02
CA THR A 293 33.41 24.76 -2.82
C THR A 293 32.58 24.09 -1.72
N ILE A 294 33.20 23.13 -1.04
CA ILE A 294 32.62 22.53 0.16
C ILE A 294 33.49 22.93 1.35
N VAL A 295 32.84 23.19 2.49
CA VAL A 295 33.51 23.59 3.71
C VAL A 295 33.02 22.66 4.81
N PHE A 296 33.92 21.82 5.34
CA PHE A 296 33.61 20.95 6.46
C PHE A 296 33.96 21.65 7.76
N ALA A 297 33.12 21.43 8.78
CA ALA A 297 33.40 21.92 10.12
C ALA A 297 33.16 20.82 11.14
N ARG A 298 33.75 21.00 12.33
CA ARG A 298 33.79 19.91 13.29
C ARG A 298 32.51 19.76 14.10
N SER A 299 31.66 20.79 14.15
CA SER A 299 30.44 20.77 14.94
C SER A 299 29.31 21.51 14.23
N ARG A 300 28.08 21.26 14.69
CA ARG A 300 26.91 21.90 14.11
C ARG A 300 26.94 23.41 14.33
N VAL A 301 27.30 23.85 15.54
CA VAL A 301 27.30 25.27 15.84
C VAL A 301 28.29 26.01 14.95
N ARG A 302 29.46 25.42 14.75
CA ARG A 302 30.47 26.09 13.93
C ARG A 302 30.06 26.08 12.46
N VAL A 303 29.34 25.05 12.02
CA VAL A 303 28.81 25.05 10.67
C VAL A 303 27.86 26.23 10.47
N GLU A 304 26.96 26.44 11.44
CA GLU A 304 26.01 27.55 11.30
C GLU A 304 26.74 28.90 11.33
N ILE A 305 27.77 29.01 12.17
CA ILE A 305 28.56 30.25 12.23
C ILE A 305 29.19 30.54 10.88
N ILE A 306 29.81 29.52 10.28
CA ILE A 306 30.47 29.73 8.99
C ILE A 306 29.46 30.05 7.90
N LEU A 307 28.28 29.41 7.93
CA LEU A 307 27.24 29.80 6.98
C LEU A 307 26.91 31.27 7.09
N SER A 308 26.64 31.74 8.32
CA SER A 308 26.24 33.12 8.49
C SER A 308 27.31 34.06 7.95
N HIS A 309 28.57 33.82 8.35
CA HIS A 309 29.66 34.70 7.94
C HIS A 309 29.87 34.69 6.44
N ILE A 310 29.88 33.49 5.83
CA ILE A 310 30.15 33.39 4.41
C ILE A 310 29.04 34.06 3.60
N GLN A 311 27.77 33.75 3.93
CA GLN A 311 26.67 34.36 3.18
C GLN A 311 26.70 35.87 3.29
N GLU A 312 26.97 36.39 4.49
CA GLU A 312 27.04 37.85 4.63
C GLU A 312 28.14 38.43 3.76
N LEU A 313 29.33 37.85 3.81
CA LEU A 313 30.43 38.47 3.06
C LEU A 313 30.50 38.06 1.59
N VAL A 314 29.54 37.28 1.08
CA VAL A 314 29.57 36.92 -0.34
C VAL A 314 28.34 37.40 -1.10
N LYS A 315 27.20 37.68 -0.43
CA LYS A 315 25.98 38.04 -1.16
C LYS A 315 26.14 39.29 -2.03
N LYS A 316 27.09 40.17 -1.70
CA LYS A 316 27.30 41.38 -2.50
C LYS A 316 27.74 41.04 -3.93
N GLU A 317 28.51 39.97 -4.09
CA GLU A 317 29.05 39.61 -5.40
C GLU A 317 28.33 38.43 -6.04
N ILE A 318 27.82 37.50 -5.25
CA ILE A 318 27.24 36.26 -5.76
C ILE A 318 25.72 36.27 -5.68
N GLY A 319 25.16 36.76 -4.59
CA GLY A 319 23.73 36.74 -4.35
C GLY A 319 23.41 35.94 -3.10
N THR A 320 22.12 35.61 -2.95
CA THR A 320 21.62 34.98 -1.74
C THR A 320 21.49 33.46 -1.85
N LYS A 321 20.88 32.97 -2.92
CA LYS A 321 20.46 31.58 -3.03
C LYS A 321 21.55 30.66 -3.57
N SER A 322 22.83 31.00 -3.41
CA SER A 322 23.90 30.16 -3.94
C SER A 322 24.64 29.32 -2.89
N ILE A 323 24.65 29.73 -1.62
CA ILE A 323 25.31 28.99 -0.54
C ILE A 323 24.30 28.42 0.43
N ARG A 324 24.39 27.11 0.67
CA ARG A 324 23.48 26.41 1.57
C ARG A 324 24.32 25.68 2.63
N GLY A 325 23.66 25.21 3.68
CA GLY A 325 24.31 24.43 4.72
C GLY A 325 23.94 22.97 4.61
N TYR A 326 24.54 22.17 5.49
CA TYR A 326 24.19 20.75 5.55
C TYR A 326 24.57 20.19 6.90
N ARG A 327 23.58 19.72 7.65
CA ARG A 327 23.85 18.97 8.86
C ARG A 327 22.68 18.01 9.08
N GLY A 328 22.93 16.96 9.87
CA GLY A 328 21.95 15.90 10.03
C GLY A 328 20.65 16.32 10.67
N GLY A 329 20.67 17.38 11.49
CA GLY A 329 19.43 17.84 12.11
C GLY A 329 18.43 18.43 11.14
N TYR A 330 18.81 18.60 9.88
CA TYR A 330 17.89 19.16 8.89
C TYR A 330 16.77 18.17 8.59
N LEU A 331 15.69 18.70 8.02
CA LEU A 331 14.59 17.85 7.61
C LEU A 331 15.03 16.96 6.45
N PRO A 332 14.41 15.78 6.29
CA PRO A 332 14.72 14.93 5.14
C PRO A 332 14.56 15.66 3.82
N LYS A 333 13.34 16.16 3.53
CA LYS A 333 13.10 16.88 2.28
C LYS A 333 14.14 17.98 2.05
N GLU A 334 14.48 18.70 3.12
CA GLU A 334 15.33 19.87 3.01
C GLU A 334 16.75 19.48 2.58
N ARG A 335 17.32 18.46 3.22
CA ARG A 335 18.66 18.07 2.85
C ARG A 335 18.72 17.18 1.60
N ARG A 336 17.63 16.49 1.23
CA ARG A 336 17.59 15.89 -0.10
C ARG A 336 17.65 16.97 -1.17
N GLU A 337 16.93 18.08 -0.95
CA GLU A 337 17.02 19.21 -1.87
C GLU A 337 18.44 19.77 -1.93
N ILE A 338 19.11 19.86 -0.78
CA ILE A 338 20.48 20.35 -0.78
C ILE A 338 21.40 19.42 -1.58
N GLU A 339 21.24 18.11 -1.40
CA GLU A 339 22.04 17.13 -2.14
C GLU A 339 21.80 17.26 -3.64
N ARG A 340 20.53 17.35 -4.04
CA ARG A 340 20.18 17.51 -5.46
C ARG A 340 20.80 18.79 -6.01
N GLY A 341 20.73 19.89 -5.26
CA GLY A 341 21.30 21.13 -5.74
C GLY A 341 22.80 21.05 -5.93
N LEU A 342 23.50 20.44 -4.96
CA LEU A 342 24.94 20.24 -5.12
C LEU A 342 25.24 19.38 -6.34
N ARG A 343 24.39 18.38 -6.60
CA ARG A 343 24.62 17.48 -7.73
C ARG A 343 24.44 18.20 -9.06
N GLU A 344 23.30 18.86 -9.26
CA GLU A 344 23.00 19.52 -10.53
C GLU A 344 23.94 20.69 -10.80
N GLY A 345 24.54 21.27 -9.77
CA GLY A 345 25.49 22.35 -9.94
C GLY A 345 24.96 23.74 -9.65
N ASP A 346 23.69 23.87 -9.31
CA ASP A 346 23.12 25.17 -9.03
C ASP A 346 23.29 25.62 -7.58
N ILE A 347 23.91 24.80 -6.73
CA ILE A 347 24.36 25.22 -5.41
C ILE A 347 25.88 25.40 -5.47
N LEU A 348 26.36 26.61 -5.21
CA LEU A 348 27.76 26.90 -5.44
C LEU A 348 28.62 26.45 -4.28
N GLY A 349 28.16 26.68 -3.05
CA GLY A 349 28.91 26.26 -1.88
C GLY A 349 28.00 25.66 -0.83
N VAL A 350 28.59 24.82 0.00
CA VAL A 350 27.87 24.17 1.09
C VAL A 350 28.79 24.10 2.30
N VAL A 351 28.24 24.45 3.46
CA VAL A 351 28.94 24.35 4.74
C VAL A 351 28.33 23.17 5.49
N SER A 352 29.15 22.16 5.76
CA SER A 352 28.68 20.87 6.23
C SER A 352 29.38 20.42 7.51
N THR A 353 28.76 19.48 8.20
CA THR A 353 29.41 18.76 9.29
C THR A 353 30.10 17.55 8.67
N ASN A 354 30.48 16.57 9.49
CA ASN A 354 31.00 15.33 8.91
C ASN A 354 29.92 14.51 8.23
N ALA A 355 28.67 14.99 8.21
CA ALA A 355 27.59 14.18 7.68
C ALA A 355 27.76 13.90 6.19
N LEU A 356 28.48 14.74 5.45
CA LEU A 356 28.74 14.50 4.04
C LEU A 356 30.01 13.69 3.81
N GLU A 357 30.55 13.06 4.85
CA GLU A 357 31.52 12.00 4.65
C GLU A 357 30.83 10.72 4.19
N LEU A 358 29.53 10.62 4.43
CA LEU A 358 28.74 9.52 3.90
C LEU A 358 28.74 9.56 2.37
N GLY A 359 28.73 8.39 1.75
CA GLY A 359 28.85 8.33 0.32
C GLY A 359 27.59 8.69 -0.43
N VAL A 360 26.96 9.80 -0.06
CA VAL A 360 25.80 10.30 -0.78
C VAL A 360 26.28 11.00 -2.05
N ASP A 361 25.45 10.99 -3.08
CA ASP A 361 25.81 11.58 -4.37
C ASP A 361 25.50 13.07 -4.35
N ILE A 362 26.52 13.87 -4.07
CA ILE A 362 26.41 15.32 -4.11
C ILE A 362 27.25 15.89 -5.24
N GLY A 363 27.50 15.09 -6.27
CA GLY A 363 28.36 15.55 -7.32
C GLY A 363 29.81 15.51 -6.89
N GLN A 364 30.60 16.41 -7.45
CA GLN A 364 32.04 16.41 -7.26
C GLN A 364 32.51 17.85 -7.17
N LEU A 365 32.94 18.27 -5.99
CA LEU A 365 33.27 19.66 -5.71
C LEU A 365 34.63 20.02 -6.31
N GLN A 366 34.87 21.32 -6.46
CA GLN A 366 36.15 21.79 -6.97
C GLN A 366 37.15 22.08 -5.87
N VAL A 367 36.69 22.64 -4.75
CA VAL A 367 37.55 23.00 -3.64
C VAL A 367 36.97 22.44 -2.35
N CYS A 368 37.82 21.89 -1.51
CA CYS A 368 37.48 21.45 -0.17
C CYS A 368 38.25 22.30 0.83
N VAL A 369 37.54 22.82 1.83
CA VAL A 369 38.17 23.60 2.89
C VAL A 369 37.76 22.96 4.22
N MET A 370 38.75 22.43 4.94
CA MET A 370 38.51 21.81 6.24
C MET A 370 38.88 22.77 7.35
N THR A 371 37.93 23.06 8.24
CA THR A 371 38.18 23.96 9.38
C THR A 371 38.77 23.10 10.50
N GLY A 372 40.07 22.83 10.37
CA GLY A 372 40.76 21.99 11.33
C GLY A 372 40.80 20.53 10.90
N TYR A 373 41.71 19.80 11.54
CA TYR A 373 41.84 18.38 11.27
C TYR A 373 40.52 17.68 11.58
N PRO A 374 40.00 16.86 10.67
CA PRO A 374 38.69 16.23 10.93
C PRO A 374 38.68 15.34 12.15
N GLY A 375 39.83 14.83 12.59
CA GLY A 375 39.89 13.98 13.76
C GLY A 375 40.68 12.71 13.53
N SER A 376 40.52 12.10 12.35
CA SER A 376 41.21 10.88 11.97
C SER A 376 41.74 11.02 10.56
N VAL A 377 42.72 10.18 10.22
CA VAL A 377 43.28 10.21 8.87
C VAL A 377 42.24 9.76 7.85
N ALA A 378 41.44 8.76 8.19
CA ALA A 378 40.40 8.30 7.27
C ALA A 378 39.38 9.40 6.99
N SER A 379 38.95 10.12 8.04
CA SER A 379 38.03 11.23 7.82
C SER A 379 38.69 12.32 6.99
N ALA A 380 39.96 12.62 7.25
CA ALA A 380 40.63 13.64 6.46
C ALA A 380 40.65 13.27 4.98
N TRP A 381 41.02 12.03 4.67
CA TRP A 381 41.09 11.61 3.27
C TRP A 381 39.71 11.53 2.63
N GLN A 382 38.68 11.15 3.39
CA GLN A 382 37.37 11.05 2.79
C GLN A 382 36.78 12.44 2.56
N GLN A 383 37.02 13.37 3.49
CA GLN A 383 36.65 14.77 3.28
C GLN A 383 37.38 15.35 2.08
N ALA A 384 38.65 14.99 1.89
CA ALA A 384 39.42 15.47 0.75
C ALA A 384 38.91 14.90 -0.56
N GLY A 385 38.44 13.66 -0.56
CA GLY A 385 37.90 13.08 -1.78
C GLY A 385 36.62 13.73 -2.27
N ARG A 386 36.02 14.62 -1.48
CA ARG A 386 34.86 15.39 -1.94
C ARG A 386 35.23 16.48 -2.94
N ALA A 387 36.51 16.77 -3.11
CA ALA A 387 36.98 17.75 -4.08
C ALA A 387 37.90 17.03 -5.07
N GLY A 388 37.59 17.16 -6.35
CA GLY A 388 38.35 16.53 -7.40
C GLY A 388 37.62 16.69 -8.71
N ARG A 389 38.31 16.54 -9.84
CA ARG A 389 37.63 16.65 -11.12
C ARG A 389 38.04 15.49 -12.01
N ARG A 390 37.18 15.19 -12.98
CA ARG A 390 37.47 14.17 -13.98
C ARG A 390 38.77 14.51 -14.73
N HIS A 391 39.00 15.79 -15.00
CA HIS A 391 40.08 16.25 -15.86
C HIS A 391 40.75 17.54 -15.41
N GLY A 392 40.04 18.47 -14.78
CA GLY A 392 40.62 19.72 -14.32
C GLY A 392 41.44 19.55 -13.06
N GLU A 393 41.65 20.67 -12.38
CA GLU A 393 42.38 20.68 -11.11
C GLU A 393 41.45 21.02 -9.97
N SER A 394 41.93 20.73 -8.75
CA SER A 394 41.12 20.90 -7.54
C SER A 394 42.04 21.19 -6.35
N LEU A 395 41.54 21.98 -5.40
CA LEU A 395 42.24 22.29 -4.17
C LEU A 395 41.57 21.64 -2.97
N ILE A 396 42.40 21.33 -1.98
CA ILE A 396 41.92 20.90 -0.68
C ILE A 396 42.75 21.63 0.37
N ILE A 397 42.16 22.63 1.02
CA ILE A 397 42.85 23.46 1.99
C ILE A 397 42.45 22.99 3.37
N MET A 398 43.41 22.46 4.12
CA MET A 398 43.18 22.10 5.52
C MET A 398 43.70 23.26 6.36
N VAL A 399 42.78 24.04 6.91
CA VAL A 399 43.12 25.18 7.75
C VAL A 399 43.15 24.68 9.19
N ALA A 400 44.33 24.63 9.78
CA ALA A 400 44.46 24.11 11.14
C ALA A 400 44.05 25.17 12.16
N ASN A 401 43.77 24.71 13.38
CA ASN A 401 43.47 25.64 14.46
C ASN A 401 44.48 25.49 15.60
N SER A 402 44.10 25.90 16.81
CA SER A 402 45.04 25.94 17.93
C SER A 402 45.19 24.61 18.64
N THR A 403 44.52 23.55 18.18
CA THR A 403 44.61 22.25 18.85
C THR A 403 46.04 21.73 18.78
N PRO A 404 46.53 21.07 19.83
CA PRO A 404 47.86 20.44 19.74
C PRO A 404 47.99 19.47 18.58
N ILE A 405 46.94 18.70 18.29
CA ILE A 405 46.99 17.75 17.18
C ILE A 405 47.07 18.48 15.84
N ASP A 406 46.27 19.53 15.67
CA ASP A 406 46.34 20.36 14.47
C ASP A 406 47.75 20.92 14.28
N GLN A 407 48.31 21.50 15.35
CA GLN A 407 49.63 22.13 15.24
C GLN A 407 50.73 21.10 14.99
N TYR A 408 50.58 19.89 15.51
CA TYR A 408 51.57 18.85 15.21
C TYR A 408 51.45 18.41 13.76
N ILE A 409 50.22 18.27 13.25
CA ILE A 409 50.04 17.91 11.84
C ILE A 409 50.64 19.00 10.95
N VAL A 410 50.51 20.25 11.36
CA VAL A 410 51.10 21.36 10.62
C VAL A 410 52.62 21.27 10.64
N ARG A 411 53.21 21.24 11.84
CA ARG A 411 54.66 21.28 11.97
C ARG A 411 55.33 20.01 11.45
N HIS A 412 54.60 18.91 11.31
CA HIS A 412 55.15 17.65 10.82
C HIS A 412 54.18 17.04 9.82
N PRO A 413 54.14 17.57 8.59
CA PRO A 413 53.19 17.05 7.59
C PRO A 413 53.47 15.61 7.15
N GLU A 414 54.73 15.18 7.20
CA GLU A 414 55.03 13.79 6.88
C GLU A 414 54.33 12.84 7.85
N TYR A 415 54.03 13.29 9.06
CA TYR A 415 53.33 12.43 10.01
C TYR A 415 51.93 12.08 9.51
N PHE A 416 51.27 13.01 8.83
CA PHE A 416 49.96 12.70 8.24
C PHE A 416 50.10 11.95 6.93
N PHE A 417 51.03 12.39 6.07
CA PHE A 417 51.08 11.79 4.73
C PHE A 417 51.71 10.41 4.70
N ASN A 418 52.43 10.01 5.75
CA ASN A 418 53.00 8.68 5.82
C ASN A 418 52.12 7.70 6.60
N ARG A 419 51.24 8.20 7.44
CA ARG A 419 50.36 7.33 8.21
C ARG A 419 49.27 6.75 7.31
N SER A 420 49.11 5.44 7.39
CA SER A 420 48.02 4.75 6.72
C SER A 420 46.72 5.01 7.47
N PRO A 421 45.57 4.98 6.79
CA PRO A 421 44.29 5.21 7.48
C PRO A 421 44.06 4.21 8.61
N GLU A 422 43.12 4.55 9.49
CA GLU A 422 42.83 3.73 10.65
C GLU A 422 42.21 2.40 10.22
N SER A 423 42.11 1.48 11.17
CA SER A 423 41.57 0.16 10.92
C SER A 423 40.20 0.01 11.57
N ALA A 424 39.40 -0.87 11.00
CA ALA A 424 38.07 -1.22 11.53
C ALA A 424 38.15 -2.58 12.19
N ARG A 425 37.86 -2.62 13.49
CA ARG A 425 37.96 -3.85 14.27
C ARG A 425 36.60 -4.21 14.84
N ILE A 426 36.20 -5.45 14.64
CA ILE A 426 34.97 -5.96 15.25
C ILE A 426 35.30 -7.22 16.05
N ASN A 427 34.38 -7.56 16.95
CA ASN A 427 34.47 -8.78 17.76
C ASN A 427 33.10 -9.43 17.84
N PRO A 428 32.69 -10.15 16.80
CA PRO A 428 31.35 -10.76 16.79
C PRO A 428 31.17 -11.82 17.85
N GLU A 429 32.24 -12.18 18.58
CA GLU A 429 32.18 -13.15 19.66
C GLU A 429 32.08 -12.51 21.04
N ASN A 430 31.67 -11.25 21.11
CA ASN A 430 31.31 -10.65 22.39
C ASN A 430 30.16 -11.45 23.00
N LEU A 431 30.29 -11.78 24.28
CA LEU A 431 29.36 -12.71 24.92
C LEU A 431 27.93 -12.19 24.87
N ILE A 432 27.73 -10.91 25.19
CA ILE A 432 26.38 -10.34 25.19
C ILE A 432 25.79 -10.38 23.79
N ILE A 433 26.54 -9.88 22.81
CA ILE A 433 26.07 -9.80 21.43
C ILE A 433 25.83 -11.20 20.88
N LEU A 434 26.76 -12.11 21.14
CA LEU A 434 26.63 -13.45 20.59
C LEU A 434 25.43 -14.17 21.21
N VAL A 435 25.16 -13.95 22.49
CA VAL A 435 24.00 -14.59 23.13
C VAL A 435 22.70 -14.03 22.58
N ASP A 436 22.62 -12.70 22.43
CA ASP A 436 21.41 -12.10 21.88
C ASP A 436 21.12 -12.64 20.48
N HIS A 437 22.16 -12.69 19.63
CA HIS A 437 21.92 -13.14 18.27
C HIS A 437 21.77 -14.64 18.17
N LEU A 438 22.30 -15.40 19.13
CA LEU A 438 21.99 -16.82 19.17
C LEU A 438 20.52 -17.04 19.49
N LYS A 439 19.97 -16.24 20.42
CA LYS A 439 18.55 -16.38 20.69
C LYS A 439 17.72 -16.04 19.46
N CYS A 440 18.11 -14.99 18.74
CA CYS A 440 17.39 -14.64 17.52
C CYS A 440 17.49 -15.75 16.47
N ALA A 441 18.68 -16.29 16.28
CA ALA A 441 18.89 -17.34 15.28
C ALA A 441 18.12 -18.61 15.64
N ALA A 442 18.02 -18.92 16.92
CA ALA A 442 17.23 -20.08 17.33
C ALA A 442 15.74 -19.83 17.12
N TYR A 443 15.28 -18.59 17.34
CA TYR A 443 13.88 -18.29 17.05
C TYR A 443 13.59 -18.49 15.58
N GLU A 444 14.53 -18.11 14.70
CA GLU A 444 14.27 -18.25 13.27
C GLU A 444 14.23 -19.72 12.85
N LEU A 445 15.33 -20.43 13.02
CA LEU A 445 15.45 -21.85 12.72
C LEU A 445 15.96 -22.59 13.95
N PRO A 446 15.48 -23.81 14.21
CA PRO A 446 16.07 -24.60 15.29
C PRO A 446 17.55 -24.79 15.03
N PHE A 447 18.36 -24.44 16.02
CA PHE A 447 19.81 -24.38 15.85
C PHE A 447 20.39 -25.71 16.33
N ARG A 448 20.94 -26.46 15.37
CA ARG A 448 21.63 -27.71 15.68
C ARG A 448 22.91 -27.45 16.46
N ALA A 449 23.21 -28.34 17.41
CA ALA A 449 24.29 -28.10 18.37
C ALA A 449 25.66 -28.09 17.72
N ASP A 450 25.90 -28.98 16.75
CA ASP A 450 27.24 -29.11 16.18
C ASP A 450 27.49 -28.16 15.01
N GLU A 451 26.43 -27.57 14.44
CA GLU A 451 26.61 -26.64 13.34
C GLU A 451 27.29 -25.38 13.83
N GLU A 452 28.25 -24.90 13.03
CA GLU A 452 29.05 -23.75 13.41
C GLU A 452 28.29 -22.46 13.13
N PHE A 453 28.34 -21.55 14.08
CA PHE A 453 27.81 -20.19 13.94
C PHE A 453 29.02 -19.27 13.88
N GLY A 454 29.46 -18.96 12.68
CA GLY A 454 30.65 -18.16 12.50
C GLY A 454 31.89 -19.04 12.49
N ALA A 455 32.78 -18.85 13.47
CA ALA A 455 34.04 -19.57 13.49
C ALA A 455 33.87 -21.01 13.96
N MET A 456 33.45 -21.19 15.20
CA MET A 456 33.44 -22.48 15.89
C MET A 456 32.02 -22.87 16.28
N GLU A 457 31.91 -24.05 16.87
CA GLU A 457 30.65 -24.47 17.49
C GLU A 457 30.44 -23.71 18.79
N VAL A 458 29.20 -23.73 19.28
CA VAL A 458 28.82 -22.92 20.42
C VAL A 458 27.77 -23.66 21.27
N SER A 459 28.05 -24.92 21.59
CA SER A 459 27.09 -25.72 22.34
C SER A 459 26.95 -25.25 23.78
N ASP A 460 27.98 -24.63 24.34
CA ASP A 460 27.91 -24.20 25.74
C ASP A 460 26.86 -23.10 25.92
N ILE A 461 26.82 -22.13 25.00
CA ILE A 461 25.84 -21.07 25.12
C ILE A 461 24.43 -21.61 24.86
N LEU A 462 24.33 -22.62 24.00
CA LEU A 462 23.04 -23.27 23.78
C LEU A 462 22.55 -23.97 25.05
N GLU A 463 23.44 -24.68 25.74
CA GLU A 463 23.07 -25.29 27.01
C GLU A 463 22.65 -24.23 28.02
N TYR A 464 23.40 -23.13 28.08
CA TYR A 464 23.06 -22.05 29.00
C TYR A 464 21.68 -21.48 28.68
N LEU A 465 21.37 -21.30 27.40
CA LEU A 465 20.05 -20.80 27.02
C LEU A 465 18.95 -21.80 27.36
N GLN A 466 19.22 -23.10 27.20
CA GLN A 466 18.24 -24.10 27.63
C GLN A 466 18.00 -24.01 29.13
N GLU A 467 19.06 -23.74 29.89
CA GLU A 467 18.92 -23.63 31.34
C GLU A 467 18.05 -22.44 31.72
N GLU A 468 18.11 -21.35 30.94
CA GLU A 468 17.34 -20.15 31.23
C GLU A 468 15.92 -20.18 30.66
N ALA A 469 15.41 -21.38 30.34
CA ALA A 469 14.01 -21.55 29.92
C ALA A 469 13.69 -20.71 28.69
N VAL A 470 14.64 -20.62 27.77
CA VAL A 470 14.42 -19.86 26.54
C VAL A 470 14.60 -20.80 25.36
N LEU A 471 15.43 -21.83 25.53
CA LEU A 471 15.64 -22.84 24.51
C LEU A 471 15.31 -24.21 25.07
N HIS A 472 15.13 -25.18 24.18
CA HIS A 472 14.87 -26.55 24.61
C HIS A 472 15.45 -27.53 23.61
N ARG A 473 16.25 -28.49 24.09
CA ARG A 473 16.92 -29.43 23.21
C ARG A 473 16.00 -30.60 22.89
N ASN A 474 15.78 -30.85 21.60
CA ASN A 474 15.03 -32.00 21.13
C ASN A 474 15.94 -32.73 20.14
N GLY A 475 16.23 -33.98 20.41
CA GLY A 475 17.21 -34.70 19.62
C GLY A 475 18.56 -34.02 19.65
N GLU A 476 18.96 -33.44 18.51
CA GLU A 476 20.20 -32.68 18.42
C GLU A 476 19.97 -31.22 18.05
N ARG A 477 18.74 -30.73 18.10
CA ARG A 477 18.42 -29.37 17.69
C ARG A 477 17.74 -28.62 18.83
N TYR A 478 18.18 -27.38 19.06
CA TYR A 478 17.61 -26.55 20.11
C TYR A 478 16.48 -25.70 19.55
N HIS A 479 15.26 -25.94 20.02
CA HIS A 479 14.07 -25.26 19.55
C HIS A 479 13.75 -24.08 20.47
N TRP A 480 13.09 -23.07 19.90
CA TRP A 480 12.64 -21.92 20.66
C TRP A 480 11.57 -22.35 21.66
N ALA A 481 11.83 -22.16 22.94
CA ALA A 481 10.97 -22.59 24.03
C ALA A 481 10.47 -21.41 24.86
N SER A 482 10.19 -20.28 24.21
CA SER A 482 9.76 -19.09 24.94
C SER A 482 8.63 -18.41 24.18
N GLU A 483 7.77 -17.73 24.93
CA GLU A 483 6.64 -17.00 24.36
C GLU A 483 7.03 -15.63 23.84
N SER A 484 8.31 -15.26 23.92
CA SER A 484 8.77 -13.93 23.60
C SER A 484 9.33 -13.85 22.19
N PHE A 485 9.23 -12.65 21.60
CA PHE A 485 9.84 -12.31 20.32
C PHE A 485 11.17 -11.64 20.60
N PRO A 486 12.30 -12.28 20.28
CA PRO A 486 13.59 -11.72 20.75
C PRO A 486 14.06 -10.52 19.94
N ALA A 487 13.77 -10.51 18.65
CA ALA A 487 14.31 -9.47 17.78
C ALA A 487 13.83 -8.08 18.18
N SER A 488 12.63 -7.98 18.75
CA SER A 488 12.11 -6.67 19.13
C SER A 488 12.82 -6.10 20.35
N ASN A 489 13.44 -6.95 21.17
CA ASN A 489 14.10 -6.49 22.39
C ASN A 489 15.57 -6.19 22.20
N ILE A 490 16.12 -6.44 21.01
CA ILE A 490 17.55 -6.27 20.73
C ILE A 490 17.72 -5.21 19.66
N SER A 491 18.40 -4.13 20.01
CA SER A 491 18.74 -3.06 19.08
C SER A 491 20.19 -3.19 18.68
N LEU A 492 20.46 -3.15 17.37
CA LEU A 492 21.84 -3.32 16.90
C LEU A 492 22.73 -2.17 17.35
N ARG A 493 22.18 -0.97 17.39
CA ARG A 493 22.92 0.23 17.78
C ARG A 493 22.17 0.85 18.96
N SER A 494 22.34 0.26 20.14
CA SER A 494 21.62 0.75 21.32
C SER A 494 22.24 1.99 21.93
N ALA A 495 23.26 2.58 21.31
CA ALA A 495 23.78 3.84 21.82
C ALA A 495 22.74 4.93 21.64
N SER A 496 22.19 5.01 20.43
CA SER A 496 21.22 6.04 20.07
C SER A 496 19.91 5.86 20.82
N GLN A 497 19.21 6.97 21.01
CA GLN A 497 17.90 6.96 21.65
C GLN A 497 16.93 7.73 20.77
N GLU A 498 15.71 7.97 21.25
CA GLU A 498 14.80 8.82 20.52
C GLU A 498 15.37 10.23 20.44
N ASN A 499 15.06 10.93 19.35
CA ASN A 499 15.52 12.29 19.19
C ASN A 499 14.47 13.29 19.67
N VAL A 500 14.92 14.51 19.92
CA VAL A 500 14.04 15.62 20.25
C VAL A 500 13.57 16.27 18.95
N VAL A 501 12.31 16.67 18.90
CA VAL A 501 11.73 17.27 17.71
C VAL A 501 11.56 18.76 17.96
N ILE A 502 12.04 19.58 17.03
CA ILE A 502 12.01 21.03 17.15
C ILE A 502 10.76 21.54 16.44
N VAL A 503 9.87 22.17 17.21
CA VAL A 503 8.54 22.56 16.75
C VAL A 503 8.46 24.08 16.79
N ASP A 504 8.18 24.68 15.63
CA ASP A 504 7.99 26.12 15.50
C ASP A 504 6.52 26.44 15.74
N GLN A 505 6.27 27.10 16.87
CA GLN A 505 4.95 27.54 17.31
C GLN A 505 4.72 29.02 16.99
N SER A 506 5.52 29.59 16.10
CA SER A 506 5.55 31.05 15.92
C SER A 506 4.16 31.61 15.68
N ASP A 507 3.35 30.94 14.87
CA ASP A 507 1.91 31.18 14.84
C ASP A 507 1.18 29.87 15.08
N ILE A 508 0.06 29.94 15.79
CA ILE A 508 -0.69 28.73 16.11
C ILE A 508 -1.32 28.11 14.86
N ALA A 509 -1.54 28.90 13.80
CA ALA A 509 -2.18 28.37 12.61
C ALA A 509 -1.22 27.67 11.65
N ASN A 510 0.09 27.89 11.79
CA ASN A 510 1.10 27.25 10.96
C ASN A 510 2.23 26.65 11.79
N VAL A 511 1.86 25.91 12.84
CA VAL A 511 2.87 25.23 13.66
C VAL A 511 3.51 24.12 12.84
N ARG A 512 4.85 24.09 12.81
CA ARG A 512 5.52 23.17 11.90
C ARG A 512 6.79 22.61 12.54
N ILE A 513 7.12 21.38 12.19
CA ILE A 513 8.35 20.76 12.67
C ILE A 513 9.49 21.19 11.74
N ILE A 514 10.53 21.79 12.32
CA ILE A 514 11.61 22.38 11.54
C ILE A 514 12.89 21.57 11.56
N GLY A 515 13.03 20.60 12.47
CA GLY A 515 14.24 19.81 12.53
C GLY A 515 14.23 18.91 13.75
N GLU A 516 15.34 18.19 13.91
CA GLU A 516 15.53 17.28 15.02
C GLU A 516 16.92 17.45 15.61
N MET A 517 17.13 16.81 16.76
CA MET A 517 18.40 16.82 17.48
C MET A 517 18.39 15.72 18.52
N ASP A 518 19.51 15.02 18.67
CA ASP A 518 19.59 13.97 19.67
C ASP A 518 19.36 14.55 21.07
N ARG A 519 18.78 13.73 21.93
CA ARG A 519 18.37 14.21 23.25
C ARG A 519 19.55 14.74 24.05
N PHE A 520 20.69 14.05 24.01
CA PHE A 520 21.84 14.46 24.81
C PHE A 520 22.34 15.84 24.40
N SER A 521 22.38 16.12 23.09
CA SER A 521 22.87 17.41 22.61
C SER A 521 21.87 18.53 22.89
N ALA A 522 20.57 18.22 22.94
CA ALA A 522 19.57 19.24 23.18
C ALA A 522 19.66 19.86 24.57
N MET A 523 20.29 19.17 25.52
CA MET A 523 20.49 19.77 26.86
C MET A 523 21.28 21.07 26.78
N THR A 524 22.30 21.11 25.94
CA THR A 524 23.14 22.29 25.84
C THR A 524 22.87 23.11 24.58
N LEU A 525 22.14 22.56 23.62
CA LEU A 525 21.86 23.29 22.39
C LEU A 525 20.42 23.73 22.25
N LEU A 526 19.51 23.19 23.06
CA LEU A 526 18.08 23.49 22.96
C LEU A 526 17.47 23.78 24.33
N HIS A 527 18.27 24.25 25.29
CA HIS A 527 17.73 24.55 26.60
C HIS A 527 16.74 25.71 26.55
N ASP A 528 16.06 25.96 27.67
CA ASP A 528 14.87 26.81 27.69
C ASP A 528 15.08 28.21 27.12
N GLU A 529 16.31 28.67 26.91
CA GLU A 529 16.42 29.97 26.26
C GLU A 529 17.48 29.99 25.17
N ALA A 530 17.90 28.82 24.70
CA ALA A 530 18.94 28.74 23.69
C ALA A 530 18.46 29.33 22.37
N ILE A 531 19.43 29.65 21.51
CA ILE A 531 19.15 30.10 20.15
C ILE A 531 19.56 28.98 19.21
N TYR A 532 18.60 28.51 18.44
CA TYR A 532 18.79 27.44 17.46
C TYR A 532 18.92 28.06 16.08
N LEU A 533 20.04 27.76 15.41
CA LEU A 533 20.29 28.27 14.07
C LEU A 533 20.05 27.14 13.07
N HIS A 534 19.00 27.26 12.28
CA HIS A 534 18.65 26.28 11.26
C HIS A 534 18.96 26.88 9.89
N GLU A 535 20.15 26.57 9.38
CA GLU A 535 20.60 27.05 8.06
C GLU A 535 20.46 28.56 7.94
N GLY A 536 20.96 29.26 8.95
CA GLY A 536 20.89 30.72 8.98
C GLY A 536 19.62 31.29 9.56
N VAL A 537 18.56 30.51 9.70
CA VAL A 537 17.31 31.00 10.27
C VAL A 537 17.39 30.92 11.79
N GLN A 538 17.13 32.03 12.46
CA GLN A 538 17.27 32.11 13.90
C GLN A 538 15.95 31.76 14.59
N TYR A 539 16.03 30.88 15.58
CA TYR A 539 14.91 30.57 16.45
C TYR A 539 15.39 30.69 17.89
N GLN A 540 14.47 30.94 18.80
CA GLN A 540 14.76 30.87 20.23
C GLN A 540 13.85 29.84 20.86
N VAL A 541 14.42 28.97 21.69
CA VAL A 541 13.63 27.95 22.36
C VAL A 541 12.74 28.63 23.40
N GLU A 542 11.43 28.49 23.24
CA GLU A 542 10.50 28.98 24.26
C GLU A 542 10.43 28.00 25.42
N LYS A 543 10.31 26.71 25.12
CA LYS A 543 10.24 25.73 26.18
C LYS A 543 10.72 24.37 25.69
N LEU A 544 11.50 23.69 26.52
CA LEU A 544 11.99 22.34 26.23
C LEU A 544 11.19 21.33 27.04
N ASP A 545 10.23 20.65 26.39
CA ASP A 545 9.51 19.53 26.99
C ASP A 545 10.42 18.32 26.93
N TRP A 546 11.15 18.11 28.01
CA TRP A 546 12.19 17.08 28.03
C TRP A 546 11.60 15.69 28.03
N ASP A 547 10.51 15.49 28.77
CA ASP A 547 9.95 14.15 28.92
C ASP A 547 9.30 13.66 27.64
N HIS A 548 8.75 14.57 26.84
CA HIS A 548 8.11 14.22 25.59
C HIS A 548 9.01 14.48 24.38
N LYS A 549 10.25 14.90 24.60
CA LYS A 549 11.23 15.13 23.54
C LYS A 549 10.68 16.11 22.50
N LYS A 550 10.28 17.28 22.98
CA LYS A 550 9.81 18.35 22.12
C LYS A 550 10.48 19.65 22.54
N ALA A 551 10.74 20.52 21.55
CA ALA A 551 11.37 21.82 21.81
C ALA A 551 10.53 22.87 21.08
N TYR A 552 9.68 23.57 21.81
CA TYR A 552 8.84 24.60 21.23
C TYR A 552 9.65 25.89 21.11
N VAL A 553 9.81 26.36 19.86
CA VAL A 553 10.65 27.49 19.50
C VAL A 553 9.83 28.47 18.68
N ARG A 554 10.34 29.70 18.56
CA ARG A 554 9.73 30.72 17.74
C ARG A 554 10.80 31.45 16.94
N LYS A 555 10.37 32.05 15.83
CA LYS A 555 11.28 32.79 14.96
C LYS A 555 11.73 34.08 15.62
N VAL A 556 13.01 34.39 15.48
CA VAL A 556 13.65 35.45 16.24
C VAL A 556 14.73 36.09 15.37
N ASP A 557 14.96 37.39 15.56
CA ASP A 557 16.10 38.08 14.97
C ASP A 557 16.89 38.74 16.09
N VAL A 558 18.13 38.28 16.29
CA VAL A 558 19.00 38.81 17.35
C VAL A 558 20.42 39.01 16.82
N GLU A 559 21.25 39.61 17.68
CA GLU A 559 22.64 39.89 17.38
C GLU A 559 23.58 38.74 17.71
N TYR A 560 23.14 37.79 18.54
CA TYR A 560 24.02 36.82 19.15
C TYR A 560 23.48 35.40 18.94
N TYR A 561 24.31 34.42 19.29
CA TYR A 561 23.92 33.02 19.35
C TYR A 561 24.24 32.48 20.74
N THR A 562 23.82 31.23 20.96
CA THR A 562 23.91 30.58 22.25
C THR A 562 24.87 29.41 22.19
N ASP A 563 25.71 29.28 23.22
CA ASP A 563 26.51 28.08 23.35
C ASP A 563 26.53 27.65 24.80
N ALA A 564 26.84 26.38 25.03
CA ALA A 564 26.91 25.84 26.38
C ALA A 564 27.87 24.67 26.39
N ASN A 565 28.31 24.30 27.59
CA ASN A 565 29.18 23.14 27.76
C ASN A 565 28.76 22.41 29.03
N LEU A 566 28.99 21.10 29.02
CA LEU A 566 28.57 20.23 30.11
C LEU A 566 29.70 20.04 31.09
N ALA A 567 29.39 20.16 32.38
CA ALA A 567 30.34 19.83 33.44
C ALA A 567 30.16 18.35 33.75
N VAL A 568 31.07 17.52 33.26
CA VAL A 568 30.96 16.08 33.37
C VAL A 568 31.78 15.60 34.57
N GLN A 569 31.14 14.85 35.45
CA GLN A 569 31.80 14.25 36.60
C GLN A 569 31.55 12.75 36.58
N LEU A 570 32.41 12.01 37.26
CA LEU A 570 32.29 10.56 37.31
C LEU A 570 32.39 10.12 38.76
N LYS A 571 31.50 9.21 39.17
CA LYS A 571 31.46 8.71 40.53
C LYS A 571 31.52 7.20 40.52
N VAL A 572 32.29 6.63 41.44
CA VAL A 572 32.29 5.19 41.65
C VAL A 572 31.16 4.85 42.61
N LEU A 573 30.46 3.75 42.31
CA LEU A 573 29.31 3.32 43.09
C LEU A 573 29.71 2.26 44.11
N GLU A 574 30.16 1.12 43.63
CA GLU A 574 30.68 0.05 44.49
C GLU A 574 31.78 -0.69 43.74
N ILE A 575 32.90 -0.91 44.43
CA ILE A 575 34.06 -1.58 43.85
C ILE A 575 33.94 -3.07 44.13
N ASP A 576 33.85 -3.87 43.07
CA ASP A 576 33.68 -5.32 43.22
C ASP A 576 34.88 -6.13 42.70
N LYS A 577 35.91 -5.49 42.16
CA LYS A 577 37.13 -6.20 41.78
C LYS A 577 38.31 -5.27 42.03
N THR A 578 39.44 -5.82 42.47
CA THR A 578 40.60 -4.98 42.74
C THR A 578 41.89 -5.78 42.75
N LYS A 579 42.99 -5.10 42.39
CA LYS A 579 44.32 -5.69 42.35
C LYS A 579 45.35 -4.61 42.67
N GLU A 580 46.14 -4.81 43.73
CA GLU A 580 47.12 -3.84 44.19
C GLU A 580 48.53 -4.33 43.89
N LYS A 581 49.38 -3.41 43.41
CA LYS A 581 50.78 -3.73 43.10
C LYS A 581 51.59 -2.45 43.37
N SER A 582 52.21 -2.38 44.56
CA SER A 582 53.10 -1.29 44.93
C SER A 582 52.45 0.08 44.79
N ARG A 583 52.92 0.88 43.82
CA ARG A 583 52.42 2.23 43.58
C ARG A 583 51.20 2.25 42.66
N THR A 584 50.52 1.12 42.47
CA THR A 584 49.44 1.00 41.51
C THR A 584 48.31 0.22 42.14
N SER A 585 47.07 0.61 41.83
CA SER A 585 45.95 -0.28 42.16
C SER A 585 44.89 -0.15 41.07
N LEU A 586 44.53 -1.28 40.48
CA LEU A 586 43.56 -1.37 39.41
C LEU A 586 42.28 -1.97 39.96
N HIS A 587 41.20 -1.19 39.93
CA HIS A 587 39.90 -1.62 40.39
C HIS A 587 38.94 -1.77 39.20
N TYR A 588 37.90 -2.55 39.42
CA TYR A 588 36.78 -2.70 38.49
C TYR A 588 35.48 -2.59 39.26
N GLY A 589 34.54 -1.85 38.71
CA GLY A 589 33.27 -1.67 39.40
C GLY A 589 32.23 -0.98 38.55
N ASP A 590 31.20 -0.48 39.21
CA ASP A 590 30.13 0.27 38.57
C ASP A 590 30.33 1.76 38.85
N VAL A 591 30.10 2.58 37.82
CA VAL A 591 30.27 4.02 37.94
C VAL A 591 29.07 4.70 37.31
N THR A 592 28.95 5.98 37.58
CA THR A 592 27.96 6.83 36.96
C THR A 592 28.62 8.10 36.43
N VAL A 593 28.24 8.47 35.22
CA VAL A 593 28.77 9.63 34.51
C VAL A 593 27.67 10.69 34.49
N ASN A 594 27.85 11.74 35.29
CA ASN A 594 26.89 12.83 35.43
C ASN A 594 27.30 14.01 34.56
N ALA A 595 26.31 14.68 33.96
CA ALA A 595 26.54 15.86 33.12
C ALA A 595 25.72 17.03 33.65
N LEU A 596 26.33 17.85 34.51
CA LEU A 596 25.66 19.04 35.04
C LEU A 596 25.65 20.14 33.99
N PRO A 597 24.48 20.63 33.57
CA PRO A 597 24.45 21.64 32.50
C PRO A 597 25.06 22.98 32.90
N THR A 598 24.88 23.41 34.14
CA THR A 598 25.43 24.67 34.66
C THR A 598 24.88 25.83 33.83
N ILE A 599 25.70 26.57 33.09
CA ILE A 599 25.24 27.81 32.46
C ILE A 599 25.45 27.78 30.96
N PHE A 600 24.97 28.83 30.28
CA PHE A 600 25.19 29.04 28.85
C PHE A 600 25.61 30.48 28.61
N LYS A 601 26.26 30.70 27.46
CA LYS A 601 26.84 31.98 27.10
C LYS A 601 26.21 32.53 25.83
N LYS A 602 25.93 33.83 25.85
CA LYS A 602 25.52 34.58 24.68
C LYS A 602 26.76 35.12 24.00
N ILE A 603 26.89 34.88 22.69
CA ILE A 603 28.08 35.26 21.95
C ILE A 603 27.64 36.02 20.71
N LYS A 604 28.06 37.28 20.59
CA LYS A 604 27.69 38.07 19.42
C LYS A 604 28.25 37.43 18.15
N MET A 605 27.38 37.22 17.16
CA MET A 605 27.77 36.46 15.98
C MET A 605 28.87 37.17 15.20
N THR A 606 28.78 38.50 15.09
CA THR A 606 29.71 39.23 14.23
C THR A 606 31.10 39.32 14.85
N THR A 607 31.17 39.70 16.14
CA THR A 607 32.43 40.01 16.80
C THR A 607 32.92 38.89 17.70
N PHE A 608 32.10 37.88 17.97
CA PHE A 608 32.42 36.76 18.86
C PHE A 608 32.69 37.22 20.29
N GLU A 609 32.18 38.38 20.68
CA GLU A 609 32.37 38.87 22.03
C GLU A 609 31.27 38.33 22.94
N ASN A 610 31.60 38.14 24.21
CA ASN A 610 30.62 37.74 25.19
C ASN A 610 29.75 38.92 25.58
N ILE A 611 28.43 38.73 25.51
CA ILE A 611 27.49 39.80 25.85
C ILE A 611 26.57 39.41 27.00
N GLY A 612 26.79 38.26 27.61
CA GLY A 612 25.98 37.85 28.74
C GLY A 612 25.96 36.34 28.88
N SER A 613 25.28 35.90 29.95
CA SER A 613 25.19 34.48 30.26
C SER A 613 23.83 34.21 30.87
N GLY A 614 23.54 32.92 31.10
CA GLY A 614 22.28 32.52 31.66
C GLY A 614 22.30 31.12 32.25
N PRO A 615 21.26 30.76 32.99
CA PRO A 615 21.21 29.44 33.65
C PRO A 615 20.54 28.38 32.80
N ILE A 616 20.84 27.13 33.13
CA ILE A 616 20.26 25.96 32.48
C ILE A 616 19.73 25.02 33.55
N HIS A 617 18.41 24.91 33.64
CA HIS A 617 17.74 24.06 34.62
C HIS A 617 17.28 22.80 33.90
N LEU A 618 18.13 21.79 33.89
CA LEU A 618 17.83 20.54 33.21
C LEU A 618 18.32 19.37 34.04
N PRO A 619 17.67 18.21 33.93
CA PRO A 619 18.07 17.06 34.75
C PRO A 619 19.47 16.58 34.42
N GLU A 620 20.15 16.05 35.43
CA GLU A 620 21.55 15.68 35.32
C GLU A 620 21.65 14.33 34.62
N GLU A 621 21.81 14.38 33.29
CA GLU A 621 21.93 13.16 32.50
C GLU A 621 23.10 12.33 32.98
N GLU A 622 22.83 11.06 33.28
CA GLU A 622 23.83 10.17 33.84
C GLU A 622 23.81 8.82 33.13
N LEU A 623 25.01 8.30 32.89
CA LEU A 623 25.21 6.94 32.39
C LEU A 623 25.64 6.04 33.55
N HIS A 624 24.85 5.02 33.84
CA HIS A 624 25.23 3.99 34.80
C HIS A 624 25.89 2.85 34.03
N THR A 625 27.19 2.68 34.21
CA THR A 625 27.89 1.69 33.39
C THR A 625 29.09 1.15 34.15
N SER A 626 29.57 0.00 33.69
CA SER A 626 30.75 -0.61 34.30
C SER A 626 32.02 0.11 33.84
N ALA A 627 33.03 0.10 34.70
CA ALA A 627 34.28 0.77 34.39
C ALA A 627 35.42 0.05 35.09
N ALA A 628 36.62 0.24 34.53
CA ALA A 628 37.86 -0.26 35.10
C ALA A 628 38.81 0.92 35.22
N TRP A 629 39.33 1.16 36.42
CA TRP A 629 40.18 2.31 36.64
C TRP A 629 41.47 1.90 37.32
N LEU A 630 42.51 2.70 37.07
CA LEU A 630 43.79 2.56 37.73
C LEU A 630 44.08 3.83 38.50
N GLU A 631 44.49 3.70 39.76
CA GLU A 631 44.90 4.85 40.55
C GLU A 631 46.33 4.66 41.03
N ILE A 632 47.03 5.79 41.13
CA ILE A 632 48.45 5.81 41.45
C ILE A 632 48.60 6.11 42.93
N LYS A 633 48.94 5.08 43.71
CA LYS A 633 49.25 5.28 45.13
C LYS A 633 50.59 5.99 45.25
N THR A 634 50.60 7.13 45.94
CA THR A 634 51.79 7.96 46.06
C THR A 634 52.21 8.06 47.52
N ALA A 635 53.50 8.37 47.70
CA ALA A 635 54.03 8.70 49.01
C ALA A 635 53.98 10.22 49.21
N ASP A 636 54.35 10.68 50.40
CA ASP A 636 54.46 12.11 50.64
C ASP A 636 55.56 12.74 49.79
N GLU A 637 56.48 11.93 49.29
CA GLU A 637 57.50 12.39 48.35
C GLU A 637 56.93 12.35 46.94
N ASP A 638 56.05 13.32 46.66
CA ASP A 638 55.18 13.28 45.51
C ASP A 638 55.75 14.10 44.35
N ILE A 639 54.95 14.19 43.27
CA ILE A 639 55.32 14.90 42.06
C ILE A 639 54.47 16.17 42.02
N GLY A 640 54.88 17.12 41.17
CA GLY A 640 54.12 18.35 41.02
C GLY A 640 52.74 18.10 40.44
N GLU A 641 51.79 18.97 40.82
CA GLU A 641 50.39 18.77 40.44
C GLU A 641 50.21 18.87 38.93
N LYS A 642 50.68 19.96 38.32
CA LYS A 642 50.48 20.13 36.88
C LYS A 642 51.27 19.09 36.09
N THR A 643 52.49 18.75 36.54
CA THR A 643 53.22 17.65 35.95
C THR A 643 52.44 16.35 36.08
N LEU A 644 51.76 16.17 37.21
CA LEU A 644 50.96 14.95 37.41
C LEU A 644 49.78 14.91 36.44
N GLU A 645 49.11 16.05 36.23
CA GLU A 645 48.00 16.08 35.28
C GLU A 645 48.49 15.79 33.87
N GLN A 646 49.64 16.35 33.49
CA GLN A 646 50.23 16.05 32.18
C GLN A 646 50.52 14.55 32.04
N LEU A 647 51.10 13.95 33.09
CA LEU A 647 51.42 12.52 33.03
C LEU A 647 50.16 11.67 32.91
N LEU A 648 49.13 11.99 33.69
CA LEU A 648 47.87 11.23 33.59
C LEU A 648 47.24 11.39 32.22
N LEU A 649 47.36 12.58 31.63
CA LEU A 649 46.84 12.81 30.29
C LEU A 649 47.57 11.96 29.26
N GLY A 650 48.90 11.85 29.41
CA GLY A 650 49.66 11.00 28.49
C GLY A 650 49.29 9.54 28.63
N ILE A 651 49.15 9.06 29.88
CA ILE A 651 48.76 7.66 30.09
C ILE A 651 47.38 7.41 29.49
N SER A 652 46.46 8.37 29.65
CA SER A 652 45.12 8.19 29.09
C SER A 652 45.16 8.17 27.57
N ASN A 653 46.02 8.97 26.95
CA ASN A 653 46.17 8.91 25.49
C ASN A 653 46.67 7.55 25.04
N VAL A 654 47.70 7.03 25.70
CA VAL A 654 48.23 5.72 25.29
C VAL A 654 47.18 4.63 25.50
N LEU A 655 46.39 4.75 26.56
CA LEU A 655 45.31 3.79 26.78
C LEU A 655 44.23 3.90 25.71
N GLN A 656 43.86 5.13 25.33
CA GLN A 656 42.90 5.31 24.24
C GLN A 656 43.43 4.74 22.94
N HIS A 657 44.74 4.71 22.78
CA HIS A 657 45.31 4.13 21.57
C HIS A 657 45.30 2.61 21.62
N ILE A 658 45.63 2.04 22.77
CA ILE A 658 45.88 0.61 22.86
C ILE A 658 44.62 -0.19 23.13
N VAL A 659 43.76 0.28 24.03
CA VAL A 659 42.62 -0.53 24.46
C VAL A 659 41.74 -0.97 23.30
N PRO A 660 41.26 -0.08 22.42
CA PRO A 660 40.42 -0.55 21.31
C PRO A 660 41.13 -1.46 20.33
N VAL A 661 42.45 -1.39 20.26
CA VAL A 661 43.19 -2.28 19.36
C VAL A 661 43.27 -3.68 19.95
N TYR A 662 43.52 -3.77 21.25
CA TYR A 662 43.70 -5.07 21.88
C TYR A 662 42.38 -5.77 22.18
N ILE A 663 41.33 -5.03 22.53
CA ILE A 663 40.03 -5.64 22.80
C ILE A 663 39.13 -5.72 21.56
N MET A 664 39.60 -5.25 20.40
CA MET A 664 38.91 -5.40 19.13
C MET A 664 37.56 -4.68 19.11
N CYS A 665 37.57 -3.39 19.44
CA CYS A 665 36.39 -2.55 19.34
C CYS A 665 36.74 -1.24 18.64
N ASP A 666 35.85 -0.26 18.67
CA ASP A 666 36.12 1.04 18.05
C ASP A 666 36.51 2.07 19.10
N ARG A 667 37.19 3.13 18.63
CA ARG A 667 37.67 4.17 19.53
C ARG A 667 36.51 4.86 20.25
N ASN A 668 35.34 4.93 19.61
CA ASN A 668 34.16 5.55 20.21
C ASN A 668 33.35 4.59 21.08
N ASP A 669 33.79 3.34 21.19
CA ASP A 669 33.05 2.36 21.99
C ASP A 669 33.43 2.43 23.46
N VAL A 670 34.65 2.87 23.76
CA VAL A 670 35.13 2.98 25.13
C VAL A 670 35.62 4.41 25.34
N HIS A 671 35.36 4.95 26.53
CA HIS A 671 35.79 6.29 26.91
C HIS A 671 36.81 6.18 28.02
N VAL A 672 37.91 6.92 27.88
CA VAL A 672 39.00 6.93 28.85
C VAL A 672 39.11 8.35 29.41
N VAL A 673 38.75 8.50 30.68
CA VAL A 673 38.79 9.80 31.34
C VAL A 673 39.86 9.77 32.43
N SER A 674 40.36 10.94 32.77
CA SER A 674 41.39 11.08 33.78
C SER A 674 40.94 12.07 34.86
N GLN A 675 41.37 11.81 36.09
CA GLN A 675 41.08 12.67 37.22
C GLN A 675 42.35 12.84 38.02
N ILE A 676 42.68 14.08 38.36
CA ILE A 676 43.89 14.34 39.13
C ILE A 676 43.71 13.93 40.58
N LYS A 677 42.51 14.09 41.13
CA LYS A 677 42.19 13.69 42.50
C LYS A 677 40.75 13.18 42.52
N ALA A 678 40.57 11.86 42.56
CA ALA A 678 39.24 11.27 42.58
C ALA A 678 38.48 11.66 43.84
N ALA A 679 37.16 11.56 43.77
CA ALA A 679 36.34 11.98 44.90
C ALA A 679 36.50 11.04 46.08
N HIS A 680 36.46 9.73 45.86
CA HIS A 680 36.46 8.78 46.95
C HIS A 680 37.86 8.59 47.54
N THR A 681 38.89 8.48 46.70
CA THR A 681 40.24 8.18 47.17
C THR A 681 41.12 9.41 47.30
N GLY A 682 40.90 10.44 46.49
CA GLY A 682 41.80 11.58 46.43
C GLY A 682 43.03 11.38 45.60
N LEU A 683 43.29 10.12 45.07
CA LEU A 683 44.43 9.72 44.26
C LEU A 683 44.20 10.02 42.78
N PRO A 684 45.27 10.21 42.01
CA PRO A 684 45.12 10.32 40.55
C PRO A 684 44.64 8.99 39.97
N THR A 685 43.61 9.08 39.12
CA THR A 685 42.92 7.89 38.64
C THR A 685 42.58 8.05 37.16
N ILE A 686 42.64 6.94 36.43
CA ILE A 686 42.22 6.87 35.03
C ILE A 686 41.12 5.84 34.93
N PHE A 687 39.97 6.26 34.43
CA PHE A 687 38.81 5.39 34.25
C PHE A 687 38.68 5.02 32.79
N LEU A 688 38.26 3.77 32.53
CA LEU A 688 37.92 3.30 31.19
C LEU A 688 36.56 2.63 31.27
N TYR A 689 35.59 3.16 30.55
CA TYR A 689 34.23 2.64 30.63
C TYR A 689 33.58 2.65 29.26
N ASP A 690 32.83 1.60 28.94
CA ASP A 690 32.09 1.59 27.68
C ASP A 690 30.83 2.43 27.82
N HIS A 691 30.54 3.23 26.80
CA HIS A 691 29.46 4.21 26.92
C HIS A 691 28.09 3.61 26.66
N TYR A 692 28.01 2.36 26.20
CA TYR A 692 26.71 1.74 25.96
C TYR A 692 25.95 1.54 27.27
N PRO A 693 24.62 1.63 27.24
CA PRO A 693 23.84 1.61 28.48
C PRO A 693 24.03 0.30 29.23
N GLY A 694 24.40 0.42 30.51
CA GLY A 694 24.62 -0.72 31.37
C GLY A 694 25.99 -1.33 31.22
N GLY A 695 26.45 -1.49 29.98
CA GLY A 695 27.75 -2.08 29.73
C GLY A 695 27.67 -3.32 28.87
N ILE A 696 28.76 -3.66 28.20
CA ILE A 696 28.81 -4.82 27.32
C ILE A 696 30.17 -5.50 27.42
N GLY A 697 30.72 -5.56 28.63
CA GLY A 697 31.89 -6.37 28.89
C GLY A 697 33.21 -5.82 28.41
N LEU A 698 33.24 -4.58 27.90
CA LEU A 698 34.50 -3.99 27.49
C LEU A 698 35.40 -3.68 28.69
N ALA A 699 34.81 -3.07 29.73
CA ALA A 699 35.59 -2.77 30.93
C ALA A 699 36.06 -4.06 31.61
N GLU A 700 35.23 -5.11 31.57
CA GLU A 700 35.61 -6.37 32.17
C GLU A 700 36.82 -6.98 31.47
N GLU A 701 36.78 -7.04 30.14
CA GLU A 701 37.92 -7.56 29.39
C GLU A 701 39.15 -6.70 29.57
N VAL A 702 38.97 -5.39 29.71
CA VAL A 702 40.09 -4.50 29.97
C VAL A 702 40.73 -4.85 31.32
N PHE A 703 39.89 -5.06 32.34
CA PHE A 703 40.40 -5.43 33.65
C PHE A 703 41.12 -6.77 33.59
N LYS A 704 40.61 -7.71 32.79
CA LYS A 704 41.29 -8.99 32.64
C LYS A 704 42.66 -8.82 32.00
N ARG A 705 42.70 -8.26 30.79
CA ARG A 705 43.94 -8.19 30.02
C ARG A 705 44.71 -6.89 30.25
N PHE A 706 44.53 -6.23 31.38
CA PHE A 706 45.19 -4.94 31.59
C PHE A 706 46.71 -5.04 31.60
N SER A 707 47.28 -6.16 32.05
CA SER A 707 48.73 -6.30 32.01
C SER A 707 49.21 -6.32 30.56
N ASP A 708 48.53 -7.08 29.70
CA ASP A 708 48.86 -7.08 28.28
C ASP A 708 48.67 -5.70 27.68
N ILE A 709 47.64 -4.99 28.13
CA ILE A 709 47.37 -3.64 27.62
C ILE A 709 48.53 -2.71 27.99
N ASN A 710 49.02 -2.80 29.23
CA ASN A 710 50.13 -1.96 29.66
C ASN A 710 51.41 -2.29 28.90
N GLU A 711 51.65 -3.58 28.64
CA GLU A 711 52.84 -3.95 27.88
C GLU A 711 52.75 -3.45 26.44
N ALA A 712 51.58 -3.60 25.81
CA ALA A 712 51.38 -3.07 24.47
C ALA A 712 51.52 -1.55 24.45
N ALA A 713 51.12 -0.88 25.53
CA ALA A 713 51.29 0.56 25.62
C ALA A 713 52.76 0.94 25.67
N LYS A 714 53.54 0.24 26.51
CA LYS A 714 54.98 0.49 26.56
C LYS A 714 55.61 0.28 25.20
N GLN A 715 55.22 -0.80 24.50
CA GLN A 715 55.78 -1.09 23.18
C GLN A 715 55.43 0.01 22.19
N LEU A 716 54.19 0.48 22.22
CA LEU A 716 53.78 1.55 21.32
C LEU A 716 54.58 2.82 21.59
N ILE A 717 54.79 3.17 22.86
CA ILE A 717 55.54 4.38 23.19
C ILE A 717 56.99 4.24 22.73
N THR A 718 57.58 3.06 22.89
CA THR A 718 58.99 2.91 22.57
C THR A 718 59.22 2.91 21.06
N HIS A 719 58.30 2.32 20.29
CA HIS A 719 58.55 2.05 18.89
C HIS A 719 58.10 3.14 17.91
N CYS A 720 57.24 4.10 18.33
CA CYS A 720 56.88 5.09 17.32
C CYS A 720 58.02 6.09 17.12
N PRO A 721 58.28 6.51 15.87
CA PRO A 721 59.41 7.42 15.57
C PRO A 721 59.07 8.88 15.81
N CYS A 722 59.05 9.26 17.09
CA CYS A 722 58.67 10.60 17.52
C CYS A 722 59.75 11.19 18.41
N HIS A 723 59.85 12.52 18.38
CA HIS A 723 60.67 13.24 19.35
C HIS A 723 59.73 13.59 20.49
N ASP A 724 59.92 12.94 21.64
CA ASP A 724 58.94 12.94 22.74
C ASP A 724 57.64 12.37 22.16
N GLY A 725 56.52 13.10 22.18
CA GLY A 725 55.25 12.50 21.85
C GLY A 725 54.57 13.03 20.61
N CYS A 726 53.70 12.21 20.04
CA CYS A 726 52.86 12.54 18.90
C CYS A 726 51.43 12.15 19.19
N PRO A 727 50.48 12.58 18.36
CA PRO A 727 49.09 12.15 18.57
C PRO A 727 48.88 10.66 18.47
N SER A 728 49.83 9.91 17.89
CA SER A 728 49.73 8.46 17.80
C SER A 728 50.24 7.73 19.03
N CYS A 729 50.85 8.43 19.99
CA CYS A 729 51.31 7.78 21.21
C CYS A 729 50.81 8.55 22.43
N ILE A 730 51.65 9.41 23.00
CA ILE A 730 51.33 10.03 24.29
C ILE A 730 50.73 11.43 24.13
N GLY A 731 50.93 12.08 23.00
CA GLY A 731 50.45 13.43 22.79
C GLY A 731 51.53 14.48 22.99
N THR A 732 51.24 15.67 22.47
CA THR A 732 52.18 16.79 22.53
C THR A 732 51.91 17.75 23.68
N GLU A 733 50.82 17.55 24.44
CA GLU A 733 50.48 18.48 25.51
C GLU A 733 51.47 18.44 26.66
N ILE A 734 52.29 17.40 26.75
CA ILE A 734 53.34 17.35 27.76
C ILE A 734 54.39 18.41 27.47
N GLU A 735 54.66 19.27 28.45
CA GLU A 735 55.55 20.41 28.25
C GLU A 735 57.02 20.09 28.52
N GLY A 736 57.30 19.12 29.39
CA GLY A 736 58.68 18.80 29.71
C GLY A 736 59.43 18.21 28.53
N ILE A 737 60.72 17.96 28.76
CA ILE A 737 61.60 17.42 27.72
C ILE A 737 61.85 15.92 27.86
N LYS A 738 61.39 15.30 28.95
CA LYS A 738 61.54 13.87 29.12
C LYS A 738 60.17 13.21 29.22
N ALA A 739 59.35 13.33 28.16
CA ALA A 739 57.98 12.83 28.22
C ALA A 739 57.94 11.31 28.12
N LYS A 740 58.66 10.76 27.14
CA LYS A 740 58.65 9.32 26.96
C LYS A 740 59.18 8.61 28.20
N GLU A 741 60.24 9.15 28.80
CA GLU A 741 60.85 8.52 29.96
C GLU A 741 59.91 8.54 31.18
N ARG A 742 59.30 9.69 31.45
CA ARG A 742 58.39 9.77 32.60
C ARG A 742 57.17 8.88 32.42
N ILE A 743 56.56 8.90 31.22
CA ILE A 743 55.40 8.06 30.97
C ILE A 743 55.78 6.58 31.08
N LEU A 744 56.95 6.21 30.54
CA LEU A 744 57.39 4.82 30.61
C LEU A 744 57.70 4.39 32.04
N GLN A 745 58.23 5.30 32.86
CA GLN A 745 58.42 4.96 34.27
C GLN A 745 57.09 4.70 34.96
N LEU A 746 56.09 5.56 34.69
CA LEU A 746 54.79 5.32 35.30
C LEU A 746 54.20 3.99 34.84
N LEU A 747 54.44 3.63 33.57
CA LEU A 747 53.96 2.35 33.07
C LEU A 747 54.69 1.17 33.71
N ASP A 748 56.01 1.27 33.88
CA ASP A 748 56.76 0.19 34.52
C ASP A 748 56.36 0.04 35.98
N GLN A 749 56.10 1.16 36.65
CA GLN A 749 55.56 1.14 38.01
C GLN A 749 54.17 0.55 38.04
N MET A 750 53.47 0.58 36.91
CA MET A 750 52.12 0.03 36.78
C MET A 750 52.16 -1.39 36.22
N SER A 751 52.99 -2.24 36.81
CA SER A 751 53.15 -3.62 36.38
C SER A 751 51.85 -4.41 36.46
N LYS B 5 -26.13 -31.89 -40.45
CA LYS B 5 -27.31 -32.45 -41.10
C LYS B 5 -28.20 -31.33 -41.64
N LYS B 6 -28.87 -30.60 -40.73
CA LYS B 6 -29.69 -29.45 -41.09
C LYS B 6 -29.00 -28.14 -40.72
N SER B 7 -29.49 -27.05 -41.32
CA SER B 7 -29.11 -25.70 -40.97
C SER B 7 -30.25 -25.05 -40.18
N LEU B 8 -30.05 -23.79 -39.81
CA LEU B 8 -31.06 -23.12 -38.99
C LEU B 8 -32.34 -22.83 -39.78
N THR B 9 -32.20 -22.42 -41.04
CA THR B 9 -33.37 -22.10 -41.88
C THR B 9 -34.22 -23.36 -42.13
N GLU B 10 -33.58 -24.52 -42.35
CA GLU B 10 -34.34 -25.76 -42.48
C GLU B 10 -35.15 -26.03 -41.22
N LEU B 11 -34.54 -25.79 -40.04
CA LEU B 11 -35.24 -26.01 -38.78
C LEU B 11 -36.40 -25.04 -38.62
N ILE B 12 -36.21 -23.78 -39.03
CA ILE B 12 -37.31 -22.81 -38.98
C ILE B 12 -38.46 -23.26 -39.86
N SER B 13 -38.15 -23.78 -41.05
CA SER B 13 -39.20 -24.25 -41.93
C SER B 13 -39.91 -25.48 -41.35
N ASP B 14 -39.14 -26.43 -40.82
CA ASP B 14 -39.74 -27.61 -40.21
C ASP B 14 -40.63 -27.24 -39.04
N LEU B 15 -40.31 -26.15 -38.34
CA LEU B 15 -41.14 -25.71 -37.22
C LEU B 15 -42.34 -24.90 -37.68
N LYS B 16 -42.24 -24.27 -38.86
CA LYS B 16 -43.32 -23.40 -39.35
C LYS B 16 -44.61 -24.20 -39.58
N GLY B 17 -44.48 -25.44 -40.04
CA GLY B 17 -45.61 -26.31 -40.27
C GLY B 17 -45.56 -27.54 -39.38
N ASN B 18 -46.56 -28.41 -39.59
CA ASN B 18 -46.69 -29.76 -39.02
C ASN B 18 -46.46 -29.79 -37.50
N GLU B 19 -46.69 -28.67 -36.83
CA GLU B 19 -46.31 -28.59 -35.42
C GLU B 19 -47.46 -28.17 -34.51
N ASN B 20 -47.10 -27.84 -33.28
CA ASN B 20 -48.02 -27.41 -32.25
C ASN B 20 -48.05 -25.90 -32.13
N VAL B 21 -47.49 -25.18 -33.10
CA VAL B 21 -47.39 -23.73 -32.99
C VAL B 21 -48.78 -23.11 -32.98
N VAL B 22 -48.97 -22.16 -32.08
CA VAL B 22 -50.26 -21.47 -31.96
C VAL B 22 -50.19 -20.04 -32.48
N ASN B 23 -49.00 -19.44 -32.56
CA ASN B 23 -48.86 -18.12 -33.15
C ASN B 23 -47.45 -17.99 -33.68
N TRP B 24 -47.31 -17.30 -34.80
CA TRP B 24 -46.02 -16.95 -35.39
C TRP B 24 -45.99 -15.44 -35.57
N HIS B 25 -45.05 -14.77 -34.90
CA HIS B 25 -44.96 -13.33 -34.94
C HIS B 25 -43.62 -12.97 -35.58
N GLU B 26 -43.67 -12.31 -36.73
CA GLU B 26 -42.46 -11.94 -37.45
C GLU B 26 -42.05 -10.53 -37.08
N ILE B 27 -40.81 -10.37 -36.63
CA ILE B 27 -40.21 -9.09 -36.33
C ILE B 27 -39.30 -8.74 -37.48
N GLU B 28 -39.61 -7.63 -38.15
CA GLU B 28 -38.93 -7.24 -39.38
C GLU B 28 -37.48 -6.88 -39.10
N PRO B 29 -36.60 -7.11 -40.06
CA PRO B 29 -35.20 -6.65 -39.91
C PRO B 29 -35.15 -5.13 -39.88
N ARG B 30 -34.01 -4.61 -39.45
CA ARG B 30 -33.76 -3.18 -39.39
C ARG B 30 -32.37 -2.90 -39.93
N GLU B 31 -32.28 -2.01 -40.92
CA GLU B 31 -30.98 -1.65 -41.43
C GLU B 31 -30.25 -0.76 -40.43
N ALA B 32 -28.93 -0.89 -40.41
CA ALA B 32 -28.11 -0.12 -39.46
C ALA B 32 -28.29 1.36 -39.72
N LYS B 33 -28.80 2.08 -38.72
CA LYS B 33 -28.99 3.52 -38.80
C LYS B 33 -27.78 4.21 -38.18
N THR B 34 -27.26 5.22 -38.88
CA THR B 34 -25.93 5.73 -38.57
C THR B 34 -25.88 7.25 -38.67
N ARG B 35 -24.94 7.84 -37.92
CA ARG B 35 -24.51 9.23 -37.98
C ARG B 35 -22.99 9.26 -38.00
N PRO B 36 -22.39 10.36 -38.48
CA PRO B 36 -20.93 10.44 -38.54
C PRO B 36 -20.30 10.72 -37.19
N MET B 37 -19.03 10.37 -37.09
CA MET B 37 -18.27 10.66 -35.88
C MET B 37 -18.15 12.17 -35.67
N PRO B 38 -18.46 12.68 -34.49
CA PRO B 38 -18.39 14.13 -34.27
C PRO B 38 -16.97 14.67 -34.45
N GLU B 39 -16.89 15.92 -34.93
CA GLU B 39 -15.59 16.56 -35.12
C GLU B 39 -14.89 16.76 -33.78
N SER B 40 -15.66 17.05 -32.73
CA SER B 40 -15.14 17.34 -31.41
C SER B 40 -14.39 16.17 -30.79
N ILE B 41 -14.55 14.96 -31.36
CA ILE B 41 -13.88 13.79 -30.80
C ILE B 41 -12.36 13.94 -30.88
N ASP B 42 -11.69 13.58 -29.79
CA ASP B 42 -10.23 13.59 -29.75
C ASP B 42 -9.66 12.64 -30.80
N GLU B 43 -8.54 13.04 -31.40
CA GLU B 43 -7.95 12.23 -32.47
C GLU B 43 -7.43 10.89 -31.96
N ARG B 44 -6.91 10.84 -30.72
CA ARG B 44 -6.39 9.60 -30.19
C ARG B 44 -7.50 8.58 -29.97
N ILE B 45 -8.63 9.02 -29.40
CA ILE B 45 -9.74 8.08 -29.19
C ILE B 45 -10.40 7.75 -30.53
N LYS B 46 -10.41 8.70 -31.47
CA LYS B 46 -11.00 8.42 -32.78
C LYS B 46 -10.18 7.38 -33.55
N ALA B 47 -8.85 7.48 -33.46
CA ALA B 47 -7.99 6.46 -34.03
C ALA B 47 -8.18 5.12 -33.32
N ALA B 48 -8.34 5.15 -31.99
CA ALA B 48 -8.56 3.89 -31.27
C ALA B 48 -9.91 3.28 -31.64
N LEU B 49 -10.89 4.11 -31.98
CA LEU B 49 -12.21 3.62 -32.40
C LEU B 49 -12.22 3.16 -33.85
N SER B 50 -11.22 3.56 -34.64
CA SER B 50 -11.05 2.92 -35.94
C SER B 50 -10.89 1.41 -35.81
N LYS B 51 -10.29 0.95 -34.70
CA LYS B 51 -10.35 -0.44 -34.30
C LYS B 51 -11.80 -0.91 -34.17
N ARG B 52 -12.04 -2.19 -34.43
CA ARG B 52 -13.36 -2.80 -34.41
C ARG B 52 -14.27 -2.21 -35.46
N GLY B 53 -13.74 -1.38 -36.36
CA GLY B 53 -14.52 -0.80 -37.44
C GLY B 53 -15.58 0.16 -36.96
N ILE B 54 -15.21 1.07 -36.07
CA ILE B 54 -16.14 2.07 -35.56
C ILE B 54 -15.71 3.44 -36.07
N ASP B 55 -15.93 3.70 -37.35
CA ASP B 55 -15.72 5.02 -37.92
C ASP B 55 -17.00 5.84 -37.96
N GLU B 56 -18.13 5.18 -37.72
CA GLU B 56 -19.44 5.80 -37.69
C GLU B 56 -20.12 5.40 -36.40
N LEU B 57 -21.04 6.24 -35.93
CA LEU B 57 -21.82 5.94 -34.73
C LEU B 57 -23.24 5.55 -35.10
N TYR B 58 -23.84 4.70 -34.26
CA TYR B 58 -25.27 4.44 -34.42
C TYR B 58 -26.05 5.70 -34.03
N THR B 59 -27.33 5.72 -34.38
CA THR B 59 -28.13 6.90 -34.08
C THR B 59 -28.21 7.14 -32.58
N HIS B 60 -28.33 6.06 -31.79
CA HIS B 60 -28.44 6.23 -30.34
C HIS B 60 -27.12 6.67 -29.72
N GLN B 61 -26.00 6.15 -30.20
CA GLN B 61 -24.70 6.57 -29.68
C GLN B 61 -24.45 8.04 -29.97
N TYR B 62 -24.71 8.47 -31.21
CA TYR B 62 -24.53 9.87 -31.59
C TYR B 62 -25.46 10.78 -30.77
N SER B 63 -26.73 10.39 -30.65
CA SER B 63 -27.68 11.20 -29.89
C SER B 63 -27.27 11.31 -28.44
N ALA B 64 -26.77 10.21 -27.86
CA ALA B 64 -26.31 10.24 -26.48
C ALA B 64 -25.13 11.18 -26.32
N PHE B 65 -24.13 11.06 -27.19
CA PHE B 65 -22.96 11.92 -27.06
C PHE B 65 -23.34 13.39 -27.19
N GLN B 66 -24.20 13.71 -28.16
CA GLN B 66 -24.52 15.12 -28.38
C GLN B 66 -25.37 15.68 -27.24
N TYR B 67 -26.39 14.93 -26.80
CA TYR B 67 -27.19 15.34 -25.66
C TYR B 67 -26.31 15.57 -24.42
N VAL B 68 -25.35 14.69 -24.17
CA VAL B 68 -24.61 14.81 -22.91
C VAL B 68 -23.54 15.89 -23.01
N GLN B 69 -23.01 16.16 -24.21
CA GLN B 69 -22.07 17.27 -24.35
C GLN B 69 -22.75 18.61 -24.08
N LYS B 70 -24.05 18.73 -24.38
CA LYS B 70 -24.77 19.96 -24.08
C LYS B 70 -25.06 20.12 -22.60
N GLY B 71 -24.92 19.06 -21.81
CA GLY B 71 -25.20 19.11 -20.39
C GLY B 71 -26.52 18.53 -19.97
N GLU B 72 -27.27 17.91 -20.88
CA GLU B 72 -28.56 17.32 -20.56
C GLU B 72 -28.36 15.87 -20.17
N SER B 73 -28.80 15.50 -18.97
CA SER B 73 -28.73 14.11 -18.54
C SER B 73 -29.69 13.27 -19.37
N ILE B 74 -29.30 12.01 -19.59
CA ILE B 74 -30.03 11.14 -20.52
C ILE B 74 -30.21 9.75 -19.92
N VAL B 75 -31.23 9.06 -20.42
CA VAL B 75 -31.44 7.64 -20.19
C VAL B 75 -31.68 6.98 -21.54
N THR B 76 -30.85 6.00 -21.87
CA THR B 76 -30.91 5.32 -23.16
C THR B 76 -31.41 3.89 -23.00
N VAL B 77 -32.32 3.49 -23.89
CA VAL B 77 -32.81 2.12 -23.92
C VAL B 77 -32.10 1.36 -25.03
N THR B 78 -30.83 1.02 -24.80
CA THR B 78 -29.99 0.37 -25.78
C THR B 78 -29.45 -0.93 -25.19
N PRO B 79 -29.69 -2.09 -25.81
CA PRO B 79 -29.15 -3.34 -25.27
C PRO B 79 -27.64 -3.36 -25.29
N THR B 80 -27.06 -4.21 -24.43
CA THR B 80 -25.61 -4.36 -24.41
C THR B 80 -25.08 -4.84 -25.76
N ALA B 81 -25.88 -5.61 -26.49
CA ALA B 81 -25.49 -6.09 -27.82
C ALA B 81 -25.52 -4.98 -28.87
N SER B 82 -26.26 -3.90 -28.62
CA SER B 82 -26.32 -2.77 -29.54
C SER B 82 -25.30 -1.69 -29.20
N GLY B 83 -24.23 -2.04 -28.50
CA GLY B 83 -23.21 -1.08 -28.15
C GLY B 83 -23.66 -0.06 -27.13
N LYS B 84 -24.19 -0.52 -26.00
CA LYS B 84 -24.66 0.42 -24.99
C LYS B 84 -23.51 1.07 -24.23
N THR B 85 -22.41 0.35 -24.02
CA THR B 85 -21.33 0.90 -23.19
C THR B 85 -20.66 2.09 -23.86
N LEU B 86 -20.66 2.13 -25.20
CA LEU B 86 -20.07 3.28 -25.87
C LEU B 86 -20.83 4.56 -25.56
N CYS B 87 -22.14 4.47 -25.34
CA CYS B 87 -22.96 5.66 -25.11
C CYS B 87 -22.46 6.50 -23.94
N TYR B 88 -21.87 5.88 -22.94
CA TYR B 88 -21.26 6.64 -21.85
C TYR B 88 -19.74 6.58 -21.83
N ASN B 89 -19.12 5.58 -22.46
CA ASN B 89 -17.66 5.54 -22.49
C ASN B 89 -17.11 6.62 -23.40
N LEU B 90 -17.80 6.92 -24.50
CA LEU B 90 -17.33 7.96 -25.41
C LEU B 90 -17.33 9.33 -24.76
N PRO B 91 -18.40 9.80 -24.10
CA PRO B 91 -18.32 11.12 -23.44
C PRO B 91 -17.30 11.16 -22.32
N VAL B 92 -17.22 10.11 -21.50
CA VAL B 92 -16.27 10.11 -20.39
C VAL B 92 -14.84 10.15 -20.91
N LEU B 93 -14.51 9.28 -21.86
CA LEU B 93 -13.15 9.23 -22.37
C LEU B 93 -12.79 10.49 -23.15
N GLN B 94 -13.75 11.04 -23.90
CA GLN B 94 -13.58 12.34 -24.54
C GLN B 94 -13.26 13.42 -23.52
N SER B 95 -14.00 13.45 -22.42
CA SER B 95 -13.81 14.48 -21.39
C SER B 95 -12.48 14.32 -20.69
N ILE B 96 -12.02 13.08 -20.49
CA ILE B 96 -10.73 12.87 -19.85
C ILE B 96 -9.61 13.27 -20.80
N ALA B 97 -9.78 13.01 -22.09
CA ALA B 97 -8.77 13.43 -23.07
C ALA B 97 -8.69 14.95 -23.16
N GLN B 98 -9.83 15.63 -23.04
CA GLN B 98 -9.84 17.09 -23.05
C GLN B 98 -9.11 17.64 -21.83
N ASP B 99 -9.66 17.41 -20.64
CA ASP B 99 -9.07 17.85 -19.38
C ASP B 99 -8.65 16.63 -18.57
N GLU B 100 -7.35 16.48 -18.32
CA GLU B 100 -6.84 15.34 -17.60
C GLU B 100 -7.26 15.31 -16.14
N THR B 101 -7.79 16.41 -15.61
CA THR B 101 -8.22 16.49 -14.22
C THR B 101 -9.65 16.01 -14.00
N ASN B 102 -10.33 15.52 -15.03
CA ASN B 102 -11.72 15.11 -14.88
C ASN B 102 -11.81 13.67 -14.36
N ARG B 103 -12.97 13.36 -13.76
CA ARG B 103 -13.23 12.06 -13.17
C ARG B 103 -14.68 11.67 -13.44
N ALA B 104 -15.03 10.41 -13.14
CA ALA B 104 -16.39 9.94 -13.37
C ALA B 104 -16.69 8.72 -12.49
N LEU B 105 -17.91 8.69 -11.93
CA LEU B 105 -18.43 7.53 -11.21
C LEU B 105 -19.32 6.68 -12.09
N TYR B 106 -19.11 5.38 -12.03
CA TYR B 106 -19.96 4.40 -12.69
C TYR B 106 -20.69 3.60 -11.61
N LEU B 107 -22.02 3.49 -11.74
CA LEU B 107 -22.85 2.80 -10.77
C LEU B 107 -23.43 1.56 -11.43
N PHE B 108 -22.95 0.40 -11.03
CA PHE B 108 -23.44 -0.85 -11.60
C PHE B 108 -24.19 -1.66 -10.54
N PRO B 109 -25.21 -2.43 -10.93
CA PRO B 109 -26.00 -3.15 -9.92
C PRO B 109 -25.28 -4.34 -9.32
N THR B 110 -24.24 -4.85 -9.95
CA THR B 110 -23.46 -5.97 -9.42
C THR B 110 -21.97 -5.66 -9.53
N LYS B 111 -21.18 -6.42 -8.78
CA LYS B 111 -19.74 -6.25 -8.83
C LYS B 111 -19.13 -6.87 -10.08
N ALA B 112 -19.74 -7.95 -10.59
CA ALA B 112 -19.24 -8.60 -11.80
C ALA B 112 -19.39 -7.70 -13.02
N LEU B 113 -20.51 -6.99 -13.13
CA LEU B 113 -20.68 -6.03 -14.22
C LEU B 113 -19.66 -4.91 -14.10
N ALA B 114 -19.35 -4.50 -12.87
CA ALA B 114 -18.29 -3.51 -12.67
C ALA B 114 -16.96 -4.01 -13.17
N GLN B 115 -16.62 -5.28 -12.88
CA GLN B 115 -15.36 -5.85 -13.36
C GLN B 115 -15.33 -5.92 -14.89
N ASP B 116 -16.45 -6.33 -15.50
CA ASP B 116 -16.50 -6.41 -16.96
C ASP B 116 -16.26 -5.04 -17.58
N GLN B 117 -16.92 -4.00 -17.03
CA GLN B 117 -16.74 -2.66 -17.57
C GLN B 117 -15.32 -2.16 -17.34
N LYS B 118 -14.72 -2.53 -16.21
CA LYS B 118 -13.32 -2.18 -15.97
C LYS B 118 -12.43 -2.80 -17.05
N SER B 119 -12.66 -4.06 -17.38
CA SER B 119 -11.83 -4.72 -18.39
C SER B 119 -12.01 -4.08 -19.78
N GLU B 120 -13.26 -3.82 -20.17
CA GLU B 120 -13.49 -3.18 -21.47
C GLU B 120 -12.85 -1.79 -21.52
N LEU B 121 -13.00 -1.03 -20.44
CA LEU B 121 -12.37 0.30 -20.39
C LEU B 121 -10.86 0.18 -20.50
N ASN B 122 -10.28 -0.85 -19.87
CA ASN B 122 -8.84 -1.06 -19.96
C ASN B 122 -8.41 -1.30 -21.40
N GLU B 123 -9.17 -2.12 -22.13
CA GLU B 123 -8.86 -2.35 -23.54
C GLU B 123 -8.93 -1.05 -24.33
N ILE B 124 -10.04 -0.31 -24.19
CA ILE B 124 -10.22 0.92 -24.98
C ILE B 124 -9.15 1.95 -24.65
N ILE B 125 -8.75 2.04 -23.37
CA ILE B 125 -7.75 3.02 -22.96
C ILE B 125 -6.37 2.63 -23.48
N ASP B 126 -5.99 1.35 -23.35
CA ASP B 126 -4.69 0.92 -23.86
C ASP B 126 -4.59 1.08 -25.37
N GLU B 127 -5.70 0.90 -26.10
CA GLU B 127 -5.65 1.11 -27.54
C GLU B 127 -5.42 2.58 -27.89
N MET B 128 -5.82 3.51 -27.02
CA MET B 128 -5.42 4.90 -27.18
C MET B 128 -4.01 5.09 -26.64
N GLY B 129 -3.45 6.26 -26.89
CA GLY B 129 -2.16 6.57 -26.33
C GLY B 129 -2.21 7.27 -24.99
N ILE B 130 -3.37 7.32 -24.34
CA ILE B 130 -3.56 8.08 -23.12
C ILE B 130 -3.39 7.16 -21.92
N ASP B 131 -2.86 7.71 -20.83
CA ASP B 131 -2.72 6.99 -19.57
C ASP B 131 -3.91 7.38 -18.69
N ILE B 132 -5.05 6.75 -18.94
CA ILE B 132 -6.24 6.91 -18.12
C ILE B 132 -6.36 5.69 -17.22
N LYS B 133 -6.34 5.93 -15.91
CA LYS B 133 -6.41 4.86 -14.93
C LYS B 133 -7.85 4.75 -14.42
N SER B 134 -8.43 3.56 -14.53
CA SER B 134 -9.74 3.26 -13.99
C SER B 134 -9.65 2.16 -12.94
N PHE B 135 -10.52 2.20 -11.94
CA PHE B 135 -10.53 1.23 -10.86
C PHE B 135 -11.94 0.93 -10.42
N THR B 136 -12.13 -0.27 -9.87
CA THR B 136 -13.38 -0.61 -9.19
C THR B 136 -13.19 -0.44 -7.70
N TYR B 137 -14.19 0.12 -7.04
CA TYR B 137 -14.17 0.36 -5.59
C TYR B 137 -15.42 -0.29 -5.02
N ASP B 138 -15.29 -1.54 -4.59
CA ASP B 138 -16.41 -2.31 -4.08
C ASP B 138 -15.90 -3.24 -3.00
N GLY B 139 -16.78 -4.10 -2.49
CA GLY B 139 -16.43 -4.97 -1.38
C GLY B 139 -15.30 -5.95 -1.69
N ASP B 140 -15.01 -6.17 -2.97
CA ASP B 140 -13.95 -7.06 -3.38
C ASP B 140 -12.60 -6.38 -3.49
N THR B 141 -12.55 -5.06 -3.32
CA THR B 141 -11.30 -4.32 -3.38
C THR B 141 -10.52 -4.53 -2.09
N SER B 142 -9.31 -5.07 -2.19
CA SER B 142 -8.49 -5.29 -1.01
C SER B 142 -8.14 -3.95 -0.37
N PRO B 143 -8.14 -3.86 0.96
CA PRO B 143 -7.98 -2.55 1.61
C PRO B 143 -6.65 -1.86 1.33
N ALA B 144 -5.61 -2.60 0.94
CA ALA B 144 -4.33 -1.94 0.65
C ALA B 144 -4.41 -1.06 -0.58
N ILE B 145 -5.25 -1.43 -1.56
CA ILE B 145 -5.37 -0.66 -2.79
C ILE B 145 -6.38 0.48 -2.70
N ARG B 146 -7.19 0.54 -1.64
CA ARG B 146 -8.29 1.49 -1.61
C ARG B 146 -7.80 2.94 -1.59
N GLN B 147 -6.71 3.22 -0.89
CA GLN B 147 -6.16 4.57 -0.89
C GLN B 147 -5.62 4.95 -2.28
N LYS B 148 -4.90 4.03 -2.92
CA LYS B 148 -4.39 4.29 -4.27
C LYS B 148 -5.55 4.52 -5.23
N VAL B 149 -6.66 3.81 -5.03
CA VAL B 149 -7.81 3.99 -5.93
C VAL B 149 -8.45 5.34 -5.69
N ARG B 150 -8.59 5.75 -4.42
CA ARG B 150 -9.17 7.05 -4.12
C ARG B 150 -8.33 8.18 -4.70
N LYS B 151 -7.02 7.97 -4.81
CA LYS B 151 -6.17 9.07 -5.29
C LYS B 151 -5.98 9.07 -6.82
N ALA B 152 -5.62 7.93 -7.41
CA ALA B 152 -5.23 7.88 -8.81
C ALA B 152 -6.37 7.53 -9.76
N GLY B 153 -7.53 7.13 -9.25
CA GLY B 153 -8.62 6.67 -10.10
C GLY B 153 -9.34 7.75 -10.89
N HIS B 154 -9.18 7.75 -12.22
CA HIS B 154 -9.96 8.65 -13.07
C HIS B 154 -11.41 8.20 -13.18
N ILE B 155 -11.63 6.90 -13.33
CA ILE B 155 -12.97 6.33 -13.43
C ILE B 155 -13.16 5.37 -12.25
N VAL B 156 -14.14 5.66 -11.40
CA VAL B 156 -14.39 4.88 -10.19
C VAL B 156 -15.69 4.10 -10.42
N ILE B 157 -15.58 2.77 -10.42
CA ILE B 157 -16.69 1.88 -10.77
C ILE B 157 -17.13 1.16 -9.50
N THR B 158 -18.30 1.53 -8.97
CA THR B 158 -18.75 1.07 -7.66
C THR B 158 -20.19 0.56 -7.77
N ASN B 159 -20.72 0.15 -6.64
CA ASN B 159 -22.09 -0.24 -6.46
C ASN B 159 -22.87 0.91 -5.87
N PRO B 160 -24.20 0.93 -6.01
CA PRO B 160 -24.99 1.83 -5.16
C PRO B 160 -24.78 1.56 -3.69
N ASP B 161 -24.55 0.29 -3.34
CA ASP B 161 -24.38 -0.09 -1.95
C ASP B 161 -23.04 0.37 -1.41
N MET B 162 -21.96 0.12 -2.15
CA MET B 162 -20.66 0.57 -1.71
C MET B 162 -20.55 2.09 -1.78
N LEU B 163 -21.23 2.72 -2.75
CA LEU B 163 -21.27 4.18 -2.76
C LEU B 163 -21.96 4.69 -1.51
N HIS B 164 -23.10 4.07 -1.15
CA HIS B 164 -23.76 4.32 0.11
C HIS B 164 -22.84 4.26 1.33
N SER B 165 -22.25 3.09 1.59
CA SER B 165 -21.62 2.89 2.89
C SER B 165 -20.20 3.44 2.94
N ALA B 166 -19.51 3.46 1.81
CA ALA B 166 -18.08 3.74 1.86
C ALA B 166 -17.76 5.15 1.39
N ILE B 167 -18.30 5.53 0.24
CA ILE B 167 -17.84 6.73 -0.42
C ILE B 167 -18.49 7.98 0.19
N LEU B 168 -19.82 7.95 0.40
CA LEU B 168 -20.47 9.16 0.87
C LEU B 168 -20.04 9.56 2.29
N PRO B 169 -20.07 8.68 3.29
CA PRO B 169 -19.61 9.09 4.62
C PRO B 169 -18.12 9.44 4.72
N HIS B 170 -17.30 9.11 3.73
CA HIS B 170 -15.90 9.49 3.71
C HIS B 170 -15.56 10.37 2.53
N HIS B 171 -16.43 11.34 2.23
CA HIS B 171 -16.15 12.26 1.15
C HIS B 171 -14.87 13.05 1.38
N THR B 172 -14.43 13.18 2.64
CA THR B 172 -13.16 13.86 2.90
C THR B 172 -11.98 13.09 2.33
N LYS B 173 -12.15 11.78 2.09
CA LYS B 173 -11.10 10.99 1.45
C LYS B 173 -11.26 10.92 -0.06
N TRP B 174 -12.34 11.50 -0.60
CA TRP B 174 -12.64 11.44 -2.04
C TRP B 174 -12.67 12.84 -2.66
N VAL B 175 -11.99 13.81 -2.05
CA VAL B 175 -12.08 15.20 -2.52
C VAL B 175 -11.69 15.30 -3.98
N SER B 176 -10.75 14.45 -4.42
CA SER B 176 -10.20 14.55 -5.77
C SER B 176 -11.29 14.47 -6.83
N LEU B 177 -12.16 13.45 -6.75
CA LEU B 177 -13.16 13.31 -7.80
C LEU B 177 -14.45 14.05 -7.47
N PHE B 178 -14.76 14.26 -6.20
CA PHE B 178 -15.97 15.02 -5.91
C PHE B 178 -15.82 16.47 -6.36
N GLU B 179 -14.58 16.99 -6.38
CA GLU B 179 -14.37 18.34 -6.89
C GLU B 179 -14.29 18.39 -8.40
N ASN B 180 -14.07 17.25 -9.06
CA ASN B 180 -13.89 17.18 -10.52
C ASN B 180 -14.77 16.11 -11.14
N LEU B 181 -16.00 15.96 -10.65
CA LEU B 181 -16.93 14.96 -11.15
C LEU B 181 -17.73 15.55 -12.31
N LYS B 182 -17.62 14.92 -13.48
CA LYS B 182 -18.30 15.40 -14.68
C LYS B 182 -19.40 14.47 -15.14
N TYR B 183 -19.28 13.16 -14.91
CA TYR B 183 -20.25 12.20 -15.40
C TYR B 183 -20.57 11.20 -14.31
N ILE B 184 -21.84 10.83 -14.21
CA ILE B 184 -22.31 9.76 -13.32
C ILE B 184 -23.06 8.76 -14.17
N VAL B 185 -22.55 7.53 -14.24
CA VAL B 185 -23.11 6.50 -15.09
C VAL B 185 -23.93 5.55 -14.21
N ILE B 186 -25.18 5.32 -14.61
CA ILE B 186 -26.07 4.37 -13.93
C ILE B 186 -26.47 3.32 -14.96
N ASP B 187 -25.99 2.09 -14.76
CA ASP B 187 -25.97 1.13 -15.86
C ASP B 187 -27.32 0.49 -16.15
N GLU B 188 -28.00 -0.03 -15.13
CA GLU B 188 -29.33 -0.62 -15.39
C GLU B 188 -30.37 -0.03 -14.46
N LEU B 189 -30.98 1.06 -14.93
CA LEU B 189 -31.91 1.83 -14.13
C LEU B 189 -33.06 0.98 -13.62
N HIS B 190 -33.60 0.11 -14.48
CA HIS B 190 -34.79 -0.65 -14.11
C HIS B 190 -34.56 -1.59 -12.94
N THR B 191 -33.30 -1.90 -12.61
CA THR B 191 -33.05 -2.71 -11.43
C THR B 191 -33.34 -1.95 -10.14
N TYR B 192 -33.19 -0.61 -10.17
CA TYR B 192 -33.47 0.22 -9.00
C TYR B 192 -34.93 0.66 -9.01
N ARG B 193 -35.80 -0.30 -8.71
CA ARG B 193 -37.22 -0.05 -8.64
C ARG B 193 -37.76 -0.61 -7.33
N GLY B 194 -38.97 -0.17 -6.97
CA GLY B 194 -39.56 -0.61 -5.72
C GLY B 194 -38.87 0.04 -4.52
N VAL B 195 -38.78 -0.73 -3.43
CA VAL B 195 -38.16 -0.20 -2.22
C VAL B 195 -36.67 -0.01 -2.42
N PHE B 196 -36.02 -0.97 -3.08
CA PHE B 196 -34.62 -0.81 -3.45
C PHE B 196 -34.42 0.45 -4.28
N GLY B 197 -35.35 0.75 -5.17
CA GLY B 197 -35.26 1.98 -5.94
C GLY B 197 -35.42 3.21 -5.08
N SER B 198 -36.25 3.13 -4.04
CA SER B 198 -36.40 4.25 -3.11
C SER B 198 -35.09 4.51 -2.38
N HIS B 199 -34.47 3.44 -1.88
CA HIS B 199 -33.16 3.52 -1.24
C HIS B 199 -32.12 4.15 -2.18
N VAL B 200 -32.06 3.66 -3.42
CA VAL B 200 -31.05 4.16 -4.34
C VAL B 200 -31.31 5.61 -4.71
N ALA B 201 -32.59 6.01 -4.81
CA ALA B 201 -32.90 7.41 -5.08
C ALA B 201 -32.39 8.31 -3.97
N ASN B 202 -32.59 7.90 -2.71
CA ASN B 202 -32.08 8.71 -1.61
C ASN B 202 -30.55 8.72 -1.56
N VAL B 203 -29.92 7.60 -1.92
CA VAL B 203 -28.46 7.59 -2.03
C VAL B 203 -28.02 8.60 -3.07
N ILE B 204 -28.75 8.69 -4.19
CA ILE B 204 -28.42 9.65 -5.24
C ILE B 204 -28.60 11.07 -4.73
N ARG B 205 -29.64 11.32 -3.92
CA ARG B 205 -29.81 12.64 -3.31
C ARG B 205 -28.59 13.02 -2.46
N ARG B 206 -28.12 12.07 -1.64
CA ARG B 206 -26.92 12.32 -0.84
C ARG B 206 -25.71 12.58 -1.71
N LEU B 207 -25.54 11.80 -2.78
CA LEU B 207 -24.43 12.01 -3.70
C LEU B 207 -24.50 13.39 -4.35
N LYS B 208 -25.72 13.84 -4.67
CA LYS B 208 -25.88 15.14 -5.28
C LYS B 208 -25.53 16.26 -4.30
N ARG B 209 -25.94 16.12 -3.03
CA ARG B 209 -25.56 17.15 -2.07
C ARG B 209 -24.05 17.16 -1.83
N ILE B 210 -23.41 15.99 -1.83
CA ILE B 210 -21.96 15.93 -1.70
C ILE B 210 -21.27 16.62 -2.88
N CYS B 211 -21.76 16.35 -4.09
CA CYS B 211 -21.18 17.01 -5.27
C CYS B 211 -21.40 18.51 -5.20
N ARG B 212 -22.57 18.94 -4.74
CA ARG B 212 -22.84 20.37 -4.58
C ARG B 212 -21.88 21.01 -3.60
N PHE B 213 -21.52 20.28 -2.53
CA PHE B 213 -20.59 20.81 -1.55
C PHE B 213 -19.22 21.08 -2.17
N TYR B 214 -18.74 20.16 -3.00
CA TYR B 214 -17.40 20.27 -3.58
C TYR B 214 -17.39 21.05 -4.89
N GLY B 215 -18.46 21.77 -5.21
CA GLY B 215 -18.48 22.62 -6.37
C GLY B 215 -18.41 21.89 -7.70
N SER B 216 -19.26 20.89 -7.88
CA SER B 216 -19.34 20.14 -9.13
C SER B 216 -20.77 19.71 -9.35
N ASP B 217 -21.24 19.83 -10.59
CA ASP B 217 -22.58 19.42 -10.99
C ASP B 217 -22.43 18.48 -12.17
N PRO B 218 -22.14 17.20 -11.91
CA PRO B 218 -21.96 16.26 -13.01
C PRO B 218 -23.28 15.96 -13.71
N VAL B 219 -23.16 15.41 -14.91
CA VAL B 219 -24.31 15.06 -15.74
C VAL B 219 -24.49 13.54 -15.72
N PHE B 220 -25.75 13.10 -15.72
CA PHE B 220 -26.09 11.70 -15.54
C PHE B 220 -26.30 11.02 -16.88
N ILE B 221 -25.60 9.90 -17.08
CA ILE B 221 -25.79 9.03 -18.24
C ILE B 221 -26.33 7.71 -17.71
N CYS B 222 -27.55 7.37 -18.10
CA CYS B 222 -28.19 6.16 -17.60
C CYS B 222 -28.52 5.24 -18.76
N THR B 223 -28.55 3.94 -18.46
CA THR B 223 -29.00 2.93 -19.40
C THR B 223 -30.11 2.13 -18.74
N SER B 224 -31.11 1.75 -19.52
CA SER B 224 -32.20 0.96 -18.96
C SER B 224 -32.72 -0.01 -20.01
N ALA B 225 -33.38 -1.06 -19.52
CA ALA B 225 -34.10 -1.98 -20.37
C ALA B 225 -35.42 -1.34 -20.81
N THR B 226 -36.14 -2.04 -21.68
CA THR B 226 -37.40 -1.53 -22.21
C THR B 226 -38.49 -1.73 -21.15
N ILE B 227 -38.54 -0.79 -20.22
CA ILE B 227 -39.64 -0.68 -19.30
C ILE B 227 -40.57 0.42 -19.81
N ALA B 228 -41.76 0.52 -19.23
CA ALA B 228 -42.75 1.46 -19.74
C ALA B 228 -42.32 2.91 -19.53
N ASN B 229 -41.69 3.21 -18.39
CA ASN B 229 -41.38 4.58 -17.98
C ASN B 229 -39.90 4.75 -17.70
N PRO B 230 -39.05 4.65 -18.74
CA PRO B 230 -37.61 4.81 -18.49
C PRO B 230 -37.23 6.26 -18.23
N LYS B 231 -37.77 7.20 -19.00
CA LYS B 231 -37.50 8.61 -18.73
C LYS B 231 -38.03 9.00 -17.37
N GLU B 232 -39.25 8.54 -17.03
CA GLU B 232 -39.85 8.89 -15.74
C GLU B 232 -39.07 8.27 -14.59
N LEU B 233 -38.66 7.00 -14.74
CA LEU B 233 -37.86 6.37 -13.70
C LEU B 233 -36.53 7.09 -13.51
N GLY B 234 -35.86 7.46 -14.61
CA GLY B 234 -34.61 8.19 -14.49
C GLY B 234 -34.76 9.54 -13.83
N GLU B 235 -35.82 10.26 -14.19
CA GLU B 235 -36.06 11.57 -13.58
C GLU B 235 -36.37 11.43 -12.10
N GLN B 236 -37.20 10.45 -11.74
CA GLN B 236 -37.54 10.23 -10.34
C GLN B 236 -36.38 9.66 -9.53
N LEU B 237 -35.40 9.03 -10.19
CA LEU B 237 -34.27 8.42 -9.51
C LEU B 237 -33.11 9.37 -9.34
N THR B 238 -32.84 10.21 -10.33
CA THR B 238 -31.73 11.17 -10.26
C THR B 238 -32.16 12.56 -9.83
N GLY B 239 -33.43 12.91 -9.96
CA GLY B 239 -33.88 14.24 -9.62
C GLY B 239 -33.54 15.32 -10.63
N LYS B 240 -33.11 14.94 -11.83
CA LYS B 240 -32.76 15.87 -12.90
C LYS B 240 -33.61 15.55 -14.12
N PRO B 241 -33.82 16.52 -15.01
CA PRO B 241 -34.56 16.24 -16.25
C PRO B 241 -33.73 15.35 -17.16
N MET B 242 -34.43 14.45 -17.88
CA MET B 242 -33.79 13.45 -18.71
C MET B 242 -34.29 13.56 -20.15
N ARG B 243 -33.41 13.22 -21.08
CA ARG B 243 -33.74 13.12 -22.49
C ARG B 243 -33.67 11.65 -22.87
N LEU B 244 -34.81 11.09 -23.27
CA LEU B 244 -34.89 9.66 -23.50
C LEU B 244 -34.36 9.37 -24.91
N VAL B 245 -33.50 8.36 -25.03
CA VAL B 245 -32.97 7.92 -26.31
C VAL B 245 -33.67 6.62 -26.69
N ASP B 246 -34.61 6.71 -27.64
CA ASP B 246 -35.40 5.57 -28.11
C ASP B 246 -34.72 4.76 -29.21
N ASP B 247 -34.48 5.39 -30.36
CA ASP B 247 -34.07 4.68 -31.56
C ASP B 247 -32.83 3.82 -31.33
N ASN B 248 -32.84 2.63 -31.91
CA ASN B 248 -31.75 1.67 -31.85
C ASN B 248 -31.19 1.56 -33.26
N GLY B 249 -30.17 2.37 -33.55
CA GLY B 249 -29.57 2.34 -34.87
C GLY B 249 -28.76 1.09 -35.17
N ALA B 250 -28.65 0.16 -34.23
CA ALA B 250 -27.88 -1.04 -34.49
C ALA B 250 -28.62 -1.93 -35.49
N PRO B 251 -27.88 -2.64 -36.34
CA PRO B 251 -28.52 -3.49 -37.33
C PRO B 251 -29.16 -4.71 -36.69
N SER B 252 -30.32 -5.09 -37.22
CA SER B 252 -31.07 -6.22 -36.72
C SER B 252 -31.58 -7.04 -37.90
N GLY B 253 -31.57 -8.37 -37.73
CA GLY B 253 -32.06 -9.27 -38.75
C GLY B 253 -33.52 -9.67 -38.49
N ARG B 254 -34.01 -10.56 -39.35
CA ARG B 254 -35.35 -11.09 -39.17
C ARG B 254 -35.41 -11.85 -37.85
N LYS B 255 -36.56 -11.78 -37.18
CA LYS B 255 -36.72 -12.50 -35.93
C LYS B 255 -38.07 -13.20 -35.92
N HIS B 256 -38.10 -14.47 -35.53
CA HIS B 256 -39.33 -15.25 -35.51
C HIS B 256 -39.66 -15.58 -34.05
N PHE B 257 -40.62 -14.86 -33.49
CA PHE B 257 -41.03 -15.07 -32.10
C PHE B 257 -42.31 -15.91 -32.15
N VAL B 258 -42.20 -17.17 -31.75
CA VAL B 258 -43.23 -18.17 -31.98
C VAL B 258 -43.74 -18.70 -30.66
N PHE B 259 -45.04 -18.99 -30.61
CA PHE B 259 -45.70 -19.57 -29.44
C PHE B 259 -45.92 -21.05 -29.67
N TYR B 260 -45.61 -21.86 -28.65
CA TYR B 260 -45.64 -23.30 -28.75
C TYR B 260 -46.48 -23.87 -27.59
N ASN B 261 -47.41 -24.75 -27.92
CA ASN B 261 -48.26 -25.40 -26.92
C ASN B 261 -48.10 -26.92 -27.03
N PRO B 262 -47.61 -27.60 -26.00
CA PRO B 262 -47.37 -29.04 -26.13
C PRO B 262 -48.67 -29.78 -26.37
N PRO B 263 -48.62 -30.91 -27.06
CA PRO B 263 -49.86 -31.64 -27.36
C PRO B 263 -50.53 -32.17 -26.10
N ILE B 264 -51.84 -32.36 -26.21
CA ILE B 264 -52.61 -32.97 -25.12
C ILE B 264 -52.52 -34.48 -25.25
N VAL B 265 -52.31 -35.17 -24.13
CA VAL B 265 -52.13 -36.61 -24.14
C VAL B 265 -53.42 -37.35 -23.80
N ASN B 266 -54.25 -36.80 -22.90
CA ASN B 266 -55.60 -37.31 -22.71
C ASN B 266 -56.56 -36.14 -22.48
N LYS B 267 -57.68 -36.16 -23.18
CA LYS B 267 -58.65 -35.07 -23.11
C LYS B 267 -59.75 -35.39 -22.09
N ILE B 271 -55.12 -32.96 -20.17
CA ILE B 271 -53.76 -32.70 -19.69
C ILE B 271 -52.77 -32.72 -20.85
N ARG B 272 -51.98 -31.65 -20.97
CA ARG B 272 -51.01 -31.50 -22.04
C ARG B 272 -49.65 -32.06 -21.60
N ARG B 273 -48.76 -32.19 -22.57
CA ARG B 273 -47.40 -32.67 -22.30
C ARG B 273 -46.61 -31.61 -21.53
N SER B 274 -45.66 -32.07 -20.72
CA SER B 274 -44.83 -31.16 -19.93
C SER B 274 -44.03 -30.25 -20.85
N ALA B 275 -44.05 -28.95 -20.56
CA ALA B 275 -43.23 -28.01 -21.31
C ALA B 275 -41.75 -28.35 -21.23
N THR B 276 -41.33 -28.99 -20.13
CA THR B 276 -39.92 -29.35 -19.97
C THR B 276 -39.48 -30.34 -21.05
N ALA B 277 -40.30 -31.36 -21.34
CA ALA B 277 -39.92 -32.36 -22.33
C ALA B 277 -39.89 -31.76 -23.73
N GLU B 278 -40.89 -30.94 -24.07
CA GLU B 278 -40.90 -30.29 -25.36
C GLU B 278 -39.69 -29.38 -25.53
N VAL B 279 -39.32 -28.65 -24.47
CA VAL B 279 -38.13 -27.80 -24.53
C VAL B 279 -36.88 -28.64 -24.69
N ASN B 280 -36.79 -29.75 -23.95
CA ASN B 280 -35.64 -30.64 -24.09
C ASN B 280 -35.46 -31.10 -25.54
N GLU B 281 -36.53 -31.55 -26.17
CA GLU B 281 -36.37 -32.09 -27.51
C GLU B 281 -36.14 -30.98 -28.55
N LEU B 282 -36.79 -29.82 -28.37
CA LEU B 282 -36.55 -28.71 -29.29
C LEU B 282 -35.11 -28.20 -29.21
N ALA B 283 -34.62 -27.96 -27.99
CA ALA B 283 -33.23 -27.54 -27.82
C ALA B 283 -32.26 -28.62 -28.28
N LYS B 284 -32.64 -29.90 -28.16
CA LYS B 284 -31.82 -30.97 -28.71
C LYS B 284 -31.68 -30.82 -30.23
N GLU B 285 -32.81 -30.67 -30.92
CA GLU B 285 -32.78 -30.54 -32.37
C GLU B 285 -32.00 -29.31 -32.81
N PHE B 286 -31.99 -28.25 -32.00
CA PHE B 286 -31.23 -27.08 -32.41
C PHE B 286 -29.74 -27.21 -32.10
N LEU B 287 -29.40 -27.78 -30.94
CA LEU B 287 -28.00 -27.87 -30.53
C LEU B 287 -27.25 -28.95 -31.30
N LYS B 288 -27.94 -30.02 -31.72
CA LYS B 288 -27.27 -31.06 -32.49
C LYS B 288 -26.76 -30.52 -33.81
N ASN B 289 -27.39 -29.47 -34.34
CA ASN B 289 -26.97 -28.83 -35.58
C ASN B 289 -26.04 -27.65 -35.34
N LYS B 290 -25.39 -27.58 -34.18
CA LYS B 290 -24.42 -26.52 -33.87
C LYS B 290 -25.05 -25.13 -34.00
N VAL B 291 -26.25 -24.98 -33.45
CA VAL B 291 -26.97 -23.72 -33.42
C VAL B 291 -26.90 -23.18 -31.99
N GLN B 292 -26.41 -21.95 -31.84
CA GLN B 292 -26.16 -21.42 -30.51
C GLN B 292 -27.49 -21.09 -29.86
N THR B 293 -27.78 -21.71 -28.71
CA THR B 293 -29.12 -21.65 -28.13
C THR B 293 -29.05 -21.36 -26.64
N ILE B 294 -29.95 -20.51 -26.18
CA ILE B 294 -30.16 -20.25 -24.76
C ILE B 294 -31.51 -20.80 -24.36
N VAL B 295 -31.60 -21.34 -23.16
CA VAL B 295 -32.85 -21.89 -22.64
C VAL B 295 -33.06 -21.29 -21.26
N PHE B 296 -34.11 -20.49 -21.11
CA PHE B 296 -34.51 -19.94 -19.82
C PHE B 296 -35.51 -20.88 -19.15
N ALA B 297 -35.38 -21.05 -17.84
CA ALA B 297 -36.33 -21.84 -17.06
C ALA B 297 -36.73 -21.07 -15.81
N ARG B 298 -37.82 -21.53 -15.18
CA ARG B 298 -38.50 -20.75 -14.17
C ARG B 298 -37.83 -20.82 -12.80
N SER B 299 -37.06 -21.89 -12.54
CA SER B 299 -36.46 -22.12 -11.23
C SER B 299 -35.09 -22.76 -11.41
N ARG B 300 -34.29 -22.72 -10.34
CA ARG B 300 -32.96 -23.33 -10.38
C ARG B 300 -33.05 -24.84 -10.58
N VAL B 301 -33.97 -25.48 -9.85
CA VAL B 301 -34.12 -26.93 -9.96
C VAL B 301 -34.49 -27.32 -11.38
N ARG B 302 -35.41 -26.57 -11.98
CA ARG B 302 -35.84 -26.90 -13.34
C ARG B 302 -34.72 -26.62 -14.33
N VAL B 303 -33.89 -25.62 -14.05
CA VAL B 303 -32.70 -25.37 -14.87
C VAL B 303 -31.78 -26.59 -14.86
N GLU B 304 -31.51 -27.13 -13.66
CA GLU B 304 -30.63 -28.30 -13.58
C GLU B 304 -31.26 -29.51 -14.26
N ILE B 305 -32.58 -29.67 -14.12
CA ILE B 305 -33.27 -30.78 -14.78
C ILE B 305 -33.10 -30.69 -16.28
N ILE B 306 -33.38 -29.50 -16.84
CA ILE B 306 -33.30 -29.32 -18.29
C ILE B 306 -31.86 -29.46 -18.76
N LEU B 307 -30.88 -28.97 -18.00
CA LEU B 307 -29.48 -29.16 -18.34
C LEU B 307 -29.17 -30.64 -18.46
N SER B 308 -29.55 -31.43 -17.44
CA SER B 308 -29.25 -32.86 -17.46
C SER B 308 -29.89 -33.54 -18.66
N HIS B 309 -31.17 -33.26 -18.91
CA HIS B 309 -31.86 -33.92 -20.02
C HIS B 309 -31.24 -33.54 -21.36
N ILE B 310 -30.90 -32.26 -21.53
CA ILE B 310 -30.31 -31.80 -22.78
C ILE B 310 -28.94 -32.43 -23.00
N GLN B 311 -28.11 -32.44 -21.96
CA GLN B 311 -26.79 -33.08 -22.11
C GLN B 311 -26.95 -34.56 -22.46
N GLU B 312 -27.92 -35.25 -21.85
CA GLU B 312 -28.12 -36.65 -22.19
C GLU B 312 -28.54 -36.81 -23.65
N LEU B 313 -29.51 -36.02 -24.11
CA LEU B 313 -30.03 -36.18 -25.46
C LEU B 313 -29.18 -35.52 -26.52
N VAL B 314 -28.06 -34.89 -26.15
CA VAL B 314 -27.20 -34.23 -27.12
C VAL B 314 -25.76 -34.75 -27.10
N LYS B 315 -25.28 -35.31 -25.99
CA LYS B 315 -23.86 -35.66 -25.85
C LYS B 315 -23.38 -36.66 -26.89
N LYS B 316 -24.29 -37.43 -27.50
CA LYS B 316 -23.86 -38.38 -28.52
C LYS B 316 -23.25 -37.67 -29.73
N GLU B 317 -23.76 -36.48 -30.06
CA GLU B 317 -23.30 -35.73 -31.23
C GLU B 317 -22.42 -34.54 -30.91
N ILE B 318 -22.66 -33.84 -29.79
CA ILE B 318 -21.99 -32.59 -29.48
C ILE B 318 -20.98 -32.75 -28.36
N GLY B 319 -21.29 -33.52 -27.33
CA GLY B 319 -20.40 -33.74 -26.22
C GLY B 319 -20.95 -33.19 -24.93
N THR B 320 -20.07 -33.12 -23.93
CA THR B 320 -20.46 -32.71 -22.58
C THR B 320 -20.19 -31.24 -22.32
N LYS B 321 -18.97 -30.77 -22.64
CA LYS B 321 -18.52 -29.45 -22.24
C LYS B 321 -18.95 -28.36 -23.20
N SER B 322 -19.98 -28.61 -24.01
CA SER B 322 -20.49 -27.60 -24.93
C SER B 322 -21.82 -27.00 -24.48
N ILE B 323 -22.56 -27.73 -23.65
CA ILE B 323 -23.81 -27.25 -23.07
C ILE B 323 -23.53 -27.03 -21.60
N ARG B 324 -23.78 -25.81 -21.13
CA ARG B 324 -23.50 -25.44 -19.76
C ARG B 324 -24.74 -24.81 -19.13
N GLY B 325 -24.68 -24.62 -17.82
CA GLY B 325 -25.75 -23.97 -17.07
C GLY B 325 -25.36 -22.56 -16.65
N TYR B 326 -26.31 -21.91 -15.98
CA TYR B 326 -26.05 -20.60 -15.42
C TYR B 326 -27.02 -20.37 -14.27
N ARG B 327 -26.48 -20.19 -13.06
CA ARG B 327 -27.26 -19.81 -11.89
C ARG B 327 -26.40 -18.92 -11.01
N GLY B 328 -27.07 -18.10 -10.20
CA GLY B 328 -26.35 -17.19 -9.33
C GLY B 328 -25.55 -17.89 -8.26
N GLY B 329 -25.98 -19.09 -7.87
CA GLY B 329 -25.26 -19.87 -6.88
C GLY B 329 -23.92 -20.41 -7.37
N TYR B 330 -23.62 -20.27 -8.65
CA TYR B 330 -22.36 -20.73 -9.18
C TYR B 330 -21.22 -19.87 -8.66
N LEU B 331 -20.01 -20.44 -8.70
CA LEU B 331 -18.83 -19.69 -8.27
C LEU B 331 -18.55 -18.55 -9.24
N PRO B 332 -17.95 -17.47 -8.76
CA PRO B 332 -17.60 -16.36 -9.66
C PRO B 332 -16.78 -16.81 -10.86
N LYS B 333 -15.61 -17.40 -10.64
CA LYS B 333 -14.77 -17.88 -11.75
C LYS B 333 -15.59 -18.74 -12.71
N GLU B 334 -16.48 -19.56 -12.16
CA GLU B 334 -17.22 -20.52 -12.96
C GLU B 334 -18.20 -19.83 -13.89
N ARG B 335 -18.97 -18.87 -13.38
CA ARG B 335 -19.92 -18.19 -14.25
C ARG B 335 -19.27 -17.11 -15.10
N ARG B 336 -18.12 -16.55 -14.69
CA ARG B 336 -17.36 -15.72 -15.61
C ARG B 336 -16.88 -16.54 -16.80
N GLU B 337 -16.41 -17.77 -16.55
CA GLU B 337 -16.00 -18.65 -17.64
C GLU B 337 -17.18 -18.98 -18.54
N ILE B 338 -18.36 -19.21 -17.95
CA ILE B 338 -19.54 -19.46 -18.79
C ILE B 338 -19.83 -18.24 -19.67
N GLU B 339 -19.76 -17.03 -19.09
CA GLU B 339 -20.02 -15.83 -19.87
C GLU B 339 -19.03 -15.67 -21.00
N ARG B 340 -17.74 -15.86 -20.69
CA ARG B 340 -16.69 -15.75 -21.70
C ARG B 340 -16.91 -16.76 -22.82
N GLY B 341 -17.26 -18.00 -22.47
CA GLY B 341 -17.48 -19.01 -23.48
C GLY B 341 -18.67 -18.70 -24.37
N LEU B 342 -19.78 -18.26 -23.79
CA LEU B 342 -20.93 -17.86 -24.60
C LEU B 342 -20.55 -16.70 -25.52
N ARG B 343 -19.72 -15.78 -25.02
CA ARG B 343 -19.35 -14.59 -25.78
C ARG B 343 -18.51 -14.97 -26.99
N GLU B 344 -17.41 -15.71 -26.76
CA GLU B 344 -16.50 -16.08 -27.84
C GLU B 344 -17.14 -17.05 -28.84
N GLY B 345 -18.17 -17.78 -28.44
CA GLY B 345 -18.86 -18.68 -29.33
C GLY B 345 -18.49 -20.15 -29.20
N ASP B 346 -17.55 -20.49 -28.32
CA ASP B 346 -17.15 -21.88 -28.14
C ASP B 346 -18.00 -22.60 -27.10
N ILE B 347 -18.96 -21.93 -26.48
CA ILE B 347 -20.01 -22.58 -25.70
C ILE B 347 -21.27 -22.54 -26.55
N LEU B 348 -21.79 -23.72 -26.88
CA LEU B 348 -22.83 -23.81 -27.89
C LEU B 348 -24.21 -23.53 -27.31
N GLY B 349 -24.49 -24.06 -26.11
CA GLY B 349 -25.77 -23.83 -25.48
C GLY B 349 -25.60 -23.55 -24.00
N VAL B 350 -26.59 -22.85 -23.44
CA VAL B 350 -26.61 -22.54 -22.01
C VAL B 350 -28.03 -22.65 -21.49
N VAL B 351 -28.19 -23.32 -20.35
CA VAL B 351 -29.48 -23.42 -19.65
C VAL B 351 -29.39 -22.52 -18.42
N SER B 352 -30.24 -21.48 -18.38
CA SER B 352 -30.08 -20.39 -17.44
C SER B 352 -31.36 -20.18 -16.63
N THR B 353 -31.20 -19.49 -15.51
CA THR B 353 -32.32 -18.98 -14.75
C THR B 353 -32.65 -17.60 -15.32
N ASN B 354 -33.41 -16.79 -14.58
CA ASN B 354 -33.59 -15.41 -15.01
C ASN B 354 -32.33 -14.57 -14.81
N ALA B 355 -31.25 -15.18 -14.30
CA ALA B 355 -30.04 -14.44 -13.96
C ALA B 355 -29.38 -13.85 -15.20
N LEU B 356 -29.63 -14.42 -16.37
CA LEU B 356 -29.07 -13.90 -17.62
C LEU B 356 -29.98 -12.87 -18.27
N GLU B 357 -30.99 -12.37 -17.56
CA GLU B 357 -31.70 -11.18 -17.98
C GLU B 357 -30.91 -9.91 -17.67
N LEU B 358 -29.97 -9.99 -16.72
CA LEU B 358 -29.07 -8.88 -16.46
C LEU B 358 -28.18 -8.66 -17.68
N GLY B 359 -27.84 -7.40 -17.94
CA GLY B 359 -27.15 -7.08 -19.17
C GLY B 359 -25.69 -7.46 -19.26
N VAL B 360 -25.37 -8.68 -18.86
CA VAL B 360 -24.01 -9.18 -19.01
C VAL B 360 -23.79 -9.53 -20.48
N ASP B 361 -22.55 -9.40 -20.94
CA ASP B 361 -22.20 -9.64 -22.34
C ASP B 361 -21.92 -11.13 -22.55
N ILE B 362 -22.92 -11.85 -23.04
CA ILE B 362 -22.75 -13.25 -23.41
C ILE B 362 -22.91 -13.42 -24.92
N GLY B 363 -22.67 -12.35 -25.67
CA GLY B 363 -22.86 -12.42 -27.10
C GLY B 363 -24.33 -12.36 -27.47
N GLN B 364 -24.68 -13.02 -28.57
CA GLN B 364 -26.02 -12.98 -29.12
C GLN B 364 -26.37 -14.37 -29.62
N LEU B 365 -27.33 -15.00 -28.95
CA LEU B 365 -27.70 -16.37 -29.25
C LEU B 365 -28.49 -16.40 -30.56
N GLN B 366 -28.57 -17.59 -31.17
CA GLN B 366 -29.33 -17.73 -32.41
C GLN B 366 -30.78 -18.13 -32.15
N VAL B 367 -31.00 -19.00 -31.17
CA VAL B 367 -32.32 -19.47 -30.81
C VAL B 367 -32.48 -19.28 -29.33
N CYS B 368 -33.62 -18.74 -28.91
CA CYS B 368 -33.98 -18.64 -27.51
C CYS B 368 -35.21 -19.51 -27.27
N VAL B 369 -35.14 -20.37 -26.27
CA VAL B 369 -36.27 -21.20 -25.92
C VAL B 369 -36.55 -20.95 -24.45
N MET B 370 -37.67 -20.30 -24.15
CA MET B 370 -38.08 -20.02 -22.79
C MET B 370 -39.16 -21.01 -22.38
N THR B 371 -38.92 -21.71 -21.27
CA THR B 371 -39.83 -22.75 -20.77
C THR B 371 -40.94 -22.08 -19.96
N GLY B 372 -41.93 -21.57 -20.68
CA GLY B 372 -43.05 -20.89 -20.09
C GLY B 372 -42.86 -19.38 -20.03
N TYR B 373 -43.97 -18.69 -19.82
CA TYR B 373 -43.94 -17.25 -19.67
C TYR B 373 -43.05 -16.90 -18.48
N PRO B 374 -42.04 -16.04 -18.66
CA PRO B 374 -41.16 -15.72 -17.53
C PRO B 374 -41.87 -15.02 -16.38
N GLY B 375 -43.04 -14.44 -16.61
CA GLY B 375 -43.77 -13.79 -15.55
C GLY B 375 -44.28 -12.41 -15.88
N SER B 376 -43.48 -11.62 -16.59
CA SER B 376 -43.86 -10.28 -16.98
C SER B 376 -43.54 -10.07 -18.45
N VAL B 377 -44.17 -9.04 -19.03
CA VAL B 377 -43.89 -8.71 -20.43
C VAL B 377 -42.46 -8.24 -20.61
N ALA B 378 -41.96 -7.44 -19.65
CA ALA B 378 -40.59 -6.95 -19.72
C ALA B 378 -39.59 -8.09 -19.66
N SER B 379 -39.81 -9.06 -18.76
CA SER B 379 -38.93 -10.22 -18.70
C SER B 379 -39.01 -11.03 -19.98
N ALA B 380 -40.22 -11.19 -20.52
CA ALA B 380 -40.39 -11.93 -21.78
C ALA B 380 -39.59 -11.28 -22.88
N TRP B 381 -39.70 -9.96 -23.01
CA TRP B 381 -38.98 -9.25 -24.05
C TRP B 381 -37.47 -9.25 -23.80
N GLN B 382 -37.03 -9.31 -22.54
CA GLN B 382 -35.59 -9.36 -22.30
C GLN B 382 -35.00 -10.70 -22.68
N GLN B 383 -35.68 -11.79 -22.29
CA GLN B 383 -35.25 -13.12 -22.72
C GLN B 383 -35.31 -13.26 -24.23
N ALA B 384 -36.31 -12.66 -24.87
CA ALA B 384 -36.39 -12.72 -26.32
C ALA B 384 -35.28 -11.91 -26.98
N GLY B 385 -34.97 -10.73 -26.43
CA GLY B 385 -33.88 -9.91 -26.93
C GLY B 385 -32.52 -10.48 -26.66
N ARG B 386 -32.43 -11.53 -25.84
CA ARG B 386 -31.17 -12.21 -25.66
C ARG B 386 -30.77 -13.04 -26.88
N ALA B 387 -31.68 -13.26 -27.83
CA ALA B 387 -31.39 -13.97 -29.07
C ALA B 387 -31.69 -13.07 -30.25
N GLY B 388 -30.71 -12.89 -31.11
CA GLY B 388 -30.84 -12.06 -32.30
C GLY B 388 -29.49 -11.90 -32.96
N ARG B 389 -29.45 -11.57 -34.24
CA ARG B 389 -28.18 -11.41 -34.93
C ARG B 389 -28.15 -10.10 -35.70
N ARG B 390 -26.91 -9.62 -35.94
CA ARG B 390 -26.70 -8.40 -36.72
C ARG B 390 -27.29 -8.53 -38.12
N HIS B 391 -27.24 -9.72 -38.71
CA HIS B 391 -27.57 -9.89 -40.12
C HIS B 391 -28.40 -11.12 -40.44
N GLY B 392 -28.22 -12.24 -39.76
CA GLY B 392 -29.00 -13.42 -40.01
C GLY B 392 -30.39 -13.33 -39.40
N GLU B 393 -31.01 -14.49 -39.23
CA GLU B 393 -32.30 -14.60 -38.58
C GLU B 393 -32.15 -15.36 -37.28
N SER B 394 -33.19 -15.27 -36.46
CA SER B 394 -33.17 -15.85 -35.11
C SER B 394 -34.57 -16.28 -34.72
N LEU B 395 -34.63 -17.31 -33.88
CA LEU B 395 -35.88 -17.83 -33.32
C LEU B 395 -36.00 -17.53 -31.84
N ILE B 396 -37.25 -17.38 -31.40
CA ILE B 396 -37.58 -17.33 -29.98
C ILE B 396 -38.82 -18.19 -29.79
N ILE B 397 -38.65 -19.38 -29.23
CA ILE B 397 -39.74 -20.33 -29.04
C ILE B 397 -40.16 -20.29 -27.58
N MET B 398 -41.37 -19.81 -27.32
CA MET B 398 -41.95 -19.81 -25.98
C MET B 398 -42.89 -21.01 -25.85
N VAL B 399 -42.42 -22.04 -25.15
CA VAL B 399 -43.19 -23.26 -24.93
C VAL B 399 -43.96 -23.10 -23.63
N ALA B 400 -45.29 -23.00 -23.73
CA ALA B 400 -46.11 -22.77 -22.55
C ALA B 400 -46.29 -24.04 -21.74
N ASN B 401 -46.69 -23.87 -20.48
CA ASN B 401 -46.99 -25.00 -19.61
C ASN B 401 -48.44 -24.96 -19.17
N SER B 402 -48.75 -25.61 -18.04
CA SER B 402 -50.12 -25.79 -17.60
C SER B 402 -50.69 -24.59 -16.83
N THR B 403 -49.93 -23.51 -16.69
CA THR B 403 -50.42 -22.35 -15.97
C THR B 403 -51.60 -21.72 -16.69
N PRO B 404 -52.60 -21.21 -15.96
CA PRO B 404 -53.67 -20.46 -16.65
C PRO B 404 -53.17 -19.28 -17.45
N ILE B 405 -52.15 -18.56 -16.96
CA ILE B 405 -51.60 -17.42 -17.68
C ILE B 405 -50.89 -17.86 -18.95
N ASP B 406 -50.10 -18.94 -18.87
CA ASP B 406 -49.49 -19.51 -20.07
C ASP B 406 -50.53 -19.88 -21.11
N GLN B 407 -51.59 -20.59 -20.69
CA GLN B 407 -52.60 -21.03 -21.65
C GLN B 407 -53.40 -19.86 -22.20
N TYR B 408 -53.59 -18.80 -21.41
CA TYR B 408 -54.26 -17.61 -21.92
C TYR B 408 -53.39 -16.88 -22.93
N ILE B 409 -52.08 -16.78 -22.66
CA ILE B 409 -51.16 -16.17 -23.62
C ILE B 409 -51.13 -16.97 -24.91
N VAL B 410 -51.23 -18.30 -24.81
CA VAL B 410 -51.30 -19.14 -26.00
C VAL B 410 -52.57 -18.86 -26.78
N ARG B 411 -53.72 -19.02 -26.13
CA ARG B 411 -55.00 -18.89 -26.83
C ARG B 411 -55.28 -17.45 -27.28
N HIS B 412 -54.59 -16.47 -26.71
CA HIS B 412 -54.77 -15.06 -27.07
C HIS B 412 -53.42 -14.39 -27.25
N PRO B 413 -52.75 -14.62 -28.39
CA PRO B 413 -51.43 -14.00 -28.59
C PRO B 413 -51.50 -12.49 -28.69
N GLU B 414 -52.62 -11.95 -29.18
CA GLU B 414 -52.79 -10.50 -29.24
C GLU B 414 -52.75 -9.89 -27.85
N TYR B 415 -53.12 -10.66 -26.83
CA TYR B 415 -53.08 -10.14 -25.47
C TYR B 415 -51.65 -9.86 -25.04
N PHE B 416 -50.70 -10.69 -25.48
CA PHE B 416 -49.30 -10.42 -25.16
C PHE B 416 -48.70 -9.38 -26.09
N PHE B 417 -48.97 -9.48 -27.40
CA PHE B 417 -48.29 -8.57 -28.32
C PHE B 417 -48.84 -7.16 -28.28
N ASN B 418 -50.01 -6.94 -27.69
CA ASN B 418 -50.54 -5.60 -27.53
C ASN B 418 -50.21 -4.99 -26.19
N ARG B 419 -49.92 -5.80 -25.17
CA ARG B 419 -49.60 -5.27 -23.85
C ARG B 419 -48.21 -4.64 -23.85
N SER B 420 -48.14 -3.41 -23.37
CA SER B 420 -46.89 -2.69 -23.19
C SER B 420 -46.15 -3.23 -21.96
N PRO B 421 -44.82 -3.14 -21.94
CA PRO B 421 -44.07 -3.62 -20.77
C PRO B 421 -44.48 -2.91 -19.50
N GLU B 422 -44.15 -3.53 -18.37
CA GLU B 422 -44.54 -3.03 -17.06
C GLU B 422 -43.81 -1.74 -16.73
N SER B 423 -44.24 -1.09 -15.65
CA SER B 423 -43.69 0.18 -15.19
C SER B 423 -42.86 -0.03 -13.94
N ALA B 424 -41.88 0.84 -13.74
CA ALA B 424 -41.05 0.82 -12.55
C ALA B 424 -41.47 1.98 -11.65
N ARG B 425 -41.92 1.67 -10.45
CA ARG B 425 -42.43 2.66 -9.52
C ARG B 425 -41.57 2.66 -8.26
N ILE B 426 -41.12 3.84 -7.85
CA ILE B 426 -40.40 4.00 -6.59
C ILE B 426 -41.11 5.05 -5.77
N ASN B 427 -40.80 5.08 -4.48
CA ASN B 427 -41.35 6.07 -3.55
C ASN B 427 -40.23 6.53 -2.62
N PRO B 428 -39.39 7.45 -3.08
CA PRO B 428 -38.26 7.91 -2.24
C PRO B 428 -38.69 8.67 -0.99
N GLU B 429 -39.97 9.00 -0.83
CA GLU B 429 -40.47 9.68 0.36
C GLU B 429 -41.13 8.73 1.36
N ASN B 430 -40.81 7.43 1.29
CA ASN B 430 -41.17 6.52 2.36
C ASN B 430 -40.52 6.98 3.66
N LEU B 431 -41.32 7.03 4.73
CA LEU B 431 -40.86 7.64 5.97
C LEU B 431 -39.65 6.92 6.53
N ILE B 432 -39.68 5.59 6.57
CA ILE B 432 -38.57 4.83 7.12
C ILE B 432 -37.31 5.07 6.32
N ILE B 433 -37.42 4.92 5.00
CA ILE B 433 -36.26 5.07 4.11
C ILE B 433 -35.75 6.51 4.16
N LEU B 434 -36.66 7.47 4.13
CA LEU B 434 -36.24 8.87 4.13
C LEU B 434 -35.56 9.24 5.44
N VAL B 435 -36.02 8.69 6.57
CA VAL B 435 -35.38 8.96 7.85
C VAL B 435 -33.99 8.35 7.89
N ASP B 436 -33.87 7.10 7.41
CA ASP B 436 -32.56 6.44 7.39
C ASP B 436 -31.55 7.23 6.55
N HIS B 437 -31.96 7.67 5.36
CA HIS B 437 -31.01 8.37 4.52
C HIS B 437 -30.82 9.82 4.94
N LEU B 438 -31.78 10.43 5.63
CA LEU B 438 -31.54 11.74 6.20
C LEU B 438 -30.52 11.67 7.32
N LYS B 439 -30.61 10.66 8.20
CA LYS B 439 -29.59 10.54 9.24
C LYS B 439 -28.22 10.21 8.64
N CYS B 440 -28.17 9.37 7.60
CA CYS B 440 -26.88 9.13 6.94
C CYS B 440 -26.31 10.43 6.34
N ALA B 441 -27.17 11.21 5.66
CA ALA B 441 -26.72 12.45 5.06
C ALA B 441 -26.29 13.45 6.13
N ALA B 442 -26.97 13.46 7.28
CA ALA B 442 -26.56 14.34 8.37
C ALA B 442 -25.22 13.92 8.93
N TYR B 443 -24.94 12.61 8.98
CA TYR B 443 -23.59 12.18 9.33
C TYR B 443 -22.58 12.69 8.32
N GLU B 444 -22.94 12.69 7.03
CA GLU B 444 -22.02 13.17 6.01
C GLU B 444 -21.87 14.70 6.08
N LEU B 445 -22.96 15.43 5.85
CA LEU B 445 -22.99 16.88 5.94
C LEU B 445 -24.11 17.37 6.84
N PRO B 446 -23.84 18.40 7.65
CA PRO B 446 -24.90 19.03 8.44
C PRO B 446 -25.98 19.66 7.58
N PHE B 447 -27.23 19.41 7.96
CA PHE B 447 -28.40 19.87 7.22
C PHE B 447 -28.82 21.25 7.69
N ARG B 448 -28.71 22.25 6.82
CA ARG B 448 -29.36 23.52 7.12
C ARG B 448 -30.86 23.28 7.10
N ALA B 449 -31.59 23.97 7.99
CA ALA B 449 -33.00 23.64 8.18
C ALA B 449 -33.80 23.87 6.91
N ASP B 450 -33.40 24.87 6.11
CA ASP B 450 -34.13 25.25 4.91
C ASP B 450 -33.75 24.44 3.67
N GLU B 451 -32.67 23.67 3.73
CA GLU B 451 -32.23 22.88 2.58
C GLU B 451 -33.25 21.81 2.20
N GLU B 452 -33.53 21.71 0.91
CA GLU B 452 -34.46 20.71 0.38
C GLU B 452 -33.72 19.39 0.15
N PHE B 453 -34.36 18.30 0.55
CA PHE B 453 -33.85 16.95 0.28
C PHE B 453 -34.78 16.30 -0.73
N GLY B 454 -34.42 16.38 -2.00
CA GLY B 454 -35.25 15.83 -3.06
C GLY B 454 -36.26 16.86 -3.56
N ALA B 455 -37.54 16.55 -3.39
CA ALA B 455 -38.58 17.42 -3.94
C ALA B 455 -38.76 18.69 -3.11
N MET B 456 -39.13 18.54 -1.85
CA MET B 456 -39.54 19.65 -1.01
C MET B 456 -38.59 19.77 0.18
N GLU B 457 -38.81 20.76 1.02
CA GLU B 457 -38.05 20.90 2.25
C GLU B 457 -38.45 19.79 3.24
N VAL B 458 -37.59 19.58 4.24
CA VAL B 458 -37.78 18.45 5.14
C VAL B 458 -37.35 18.84 6.55
N SER B 459 -37.83 20.00 7.01
CA SER B 459 -37.49 20.46 8.36
C SER B 459 -38.20 19.64 9.43
N ASP B 460 -39.37 19.08 9.11
CA ASP B 460 -40.14 18.36 10.12
C ASP B 460 -39.40 17.11 10.58
N ILE B 461 -38.85 16.34 9.64
CA ILE B 461 -38.12 15.13 9.99
C ILE B 461 -36.79 15.46 10.66
N LEU B 462 -36.18 16.60 10.31
CA LEU B 462 -34.97 17.03 11.00
C LEU B 462 -35.24 17.33 12.47
N GLU B 463 -36.33 18.07 12.74
CA GLU B 463 -36.72 18.33 14.12
C GLU B 463 -37.08 17.04 14.85
N TYR B 464 -37.80 16.13 14.18
CA TYR B 464 -38.14 14.86 14.80
C TYR B 464 -36.90 14.06 15.18
N LEU B 465 -35.91 14.00 14.28
CA LEU B 465 -34.68 13.30 14.59
C LEU B 465 -33.94 13.97 15.73
N GLN B 466 -34.00 15.31 15.80
CA GLN B 466 -33.43 16.00 16.95
C GLN B 466 -34.13 15.60 18.24
N GLU B 467 -35.46 15.46 18.20
CA GLU B 467 -36.21 15.06 19.39
C GLU B 467 -35.93 13.62 19.80
N GLU B 468 -35.69 12.73 18.83
CA GLU B 468 -35.44 11.32 19.10
C GLU B 468 -33.97 11.04 19.40
N ALA B 469 -33.21 12.05 19.81
CA ALA B 469 -31.83 11.86 20.26
C ALA B 469 -30.95 11.27 19.16
N VAL B 470 -31.14 11.73 17.92
CA VAL B 470 -30.35 11.22 16.81
C VAL B 470 -29.60 12.38 16.16
N LEU B 471 -30.20 13.56 16.14
CA LEU B 471 -29.59 14.79 15.64
C LEU B 471 -29.59 15.86 16.72
N HIS B 472 -28.79 16.90 16.50
CA HIS B 472 -28.78 18.04 17.41
C HIS B 472 -28.44 19.31 16.64
N ARG B 473 -29.19 20.37 16.89
CA ARG B 473 -29.04 21.62 16.14
C ARG B 473 -27.91 22.48 16.71
N ASN B 474 -26.99 22.90 15.85
CA ASN B 474 -25.92 23.84 16.18
C ASN B 474 -26.01 25.00 15.20
N GLY B 475 -26.11 26.22 15.74
CA GLY B 475 -26.37 27.37 14.91
C GLY B 475 -27.70 27.21 14.19
N GLU B 476 -27.66 27.05 12.87
CA GLU B 476 -28.86 26.79 12.10
C GLU B 476 -28.80 25.47 11.35
N ARG B 477 -27.83 24.61 11.66
CA ARG B 477 -27.63 23.35 10.94
C ARG B 477 -27.69 22.17 11.92
N TYR B 478 -28.38 21.11 11.49
CA TYR B 478 -28.57 19.93 12.33
C TYR B 478 -27.41 18.96 12.14
N HIS B 479 -26.64 18.73 13.20
CA HIS B 479 -25.48 17.86 13.17
C HIS B 479 -25.83 16.47 13.68
N TRP B 480 -25.04 15.50 13.22
CA TRP B 480 -25.11 14.13 13.73
C TRP B 480 -24.66 14.15 15.19
N ALA B 481 -25.52 13.67 16.09
CA ALA B 481 -25.29 13.77 17.53
C ALA B 481 -25.04 12.41 18.19
N SER B 482 -24.34 11.52 17.47
CA SER B 482 -24.04 10.19 17.97
C SER B 482 -22.64 9.79 17.50
N GLU B 483 -21.96 8.95 18.28
CA GLU B 483 -20.66 8.43 17.88
C GLU B 483 -20.75 7.24 16.95
N SER B 484 -21.95 6.88 16.51
CA SER B 484 -22.18 5.67 15.74
C SER B 484 -22.12 5.95 14.24
N PHE B 485 -21.79 4.92 13.48
CA PHE B 485 -21.79 4.98 12.03
C PHE B 485 -23.15 4.55 11.52
N PRO B 486 -23.94 5.43 10.90
CA PRO B 486 -25.32 5.07 10.56
C PRO B 486 -25.39 4.15 9.35
N ALA B 487 -24.45 4.35 8.41
CA ALA B 487 -24.47 3.61 7.15
C ALA B 487 -24.26 2.11 7.37
N SER B 488 -23.61 1.72 8.47
CA SER B 488 -23.37 0.31 8.72
C SER B 488 -24.63 -0.44 9.14
N ASN B 489 -25.64 0.24 9.67
CA ASN B 489 -26.85 -0.40 10.15
C ASN B 489 -27.95 -0.43 9.12
N ILE B 490 -27.75 0.19 7.95
CA ILE B 490 -28.77 0.31 6.93
C ILE B 490 -28.28 -0.39 5.67
N SER B 491 -29.02 -1.41 5.26
CA SER B 491 -28.75 -2.12 4.01
C SER B 491 -29.76 -1.67 2.99
N LEU B 492 -29.28 -1.32 1.79
CA LEU B 492 -30.17 -0.85 0.73
C LEU B 492 -31.13 -1.95 0.29
N ARG B 493 -30.74 -3.20 0.47
CA ARG B 493 -31.52 -4.33 -0.04
C ARG B 493 -32.02 -5.17 1.11
N SER B 494 -33.20 -5.77 0.91
CA SER B 494 -33.78 -6.68 1.87
C SER B 494 -33.15 -8.06 1.79
N ALA B 495 -32.03 -8.17 1.07
CA ALA B 495 -31.38 -9.46 0.86
C ALA B 495 -30.97 -10.10 2.19
N SER B 496 -30.75 -11.41 2.12
CA SER B 496 -30.48 -12.19 3.32
C SER B 496 -29.17 -11.75 3.99
N GLN B 497 -29.09 -11.96 5.30
CA GLN B 497 -27.90 -11.54 6.05
C GLN B 497 -26.65 -12.21 5.50
N GLU B 498 -26.71 -13.51 5.30
CA GLU B 498 -25.68 -14.26 4.59
C GLU B 498 -26.32 -15.44 3.87
N ASN B 499 -25.64 -15.88 2.81
CA ASN B 499 -26.02 -17.10 2.12
C ASN B 499 -25.24 -18.25 2.74
N VAL B 500 -25.71 -19.46 2.49
CA VAL B 500 -24.99 -20.65 2.94
C VAL B 500 -23.93 -21.01 1.91
N VAL B 501 -22.82 -21.53 2.40
CA VAL B 501 -21.70 -21.94 1.55
C VAL B 501 -21.71 -23.46 1.49
N ILE B 502 -21.67 -23.99 0.27
CA ILE B 502 -21.73 -25.43 0.05
C ILE B 502 -20.30 -25.94 -0.03
N VAL B 503 -19.93 -26.81 0.91
CA VAL B 503 -18.56 -27.25 1.09
C VAL B 503 -18.51 -28.74 0.79
N ASP B 504 -17.73 -29.12 -0.21
CA ASP B 504 -17.52 -30.51 -0.57
C ASP B 504 -16.28 -30.99 0.18
N GLN B 505 -16.48 -31.85 1.18
CA GLN B 505 -15.36 -32.40 1.94
C GLN B 505 -15.04 -33.83 1.48
N SER B 506 -15.58 -34.24 0.33
CA SER B 506 -15.58 -35.66 -0.05
C SER B 506 -14.20 -36.30 0.10
N ASP B 507 -13.12 -35.57 -0.24
CA ASP B 507 -11.81 -35.98 0.27
C ASP B 507 -11.11 -34.82 0.97
N ILE B 508 -10.37 -35.16 2.03
CA ILE B 508 -9.60 -34.15 2.75
C ILE B 508 -8.43 -33.69 1.87
N ALA B 509 -7.88 -32.52 2.22
CA ALA B 509 -6.75 -31.88 1.54
C ALA B 509 -7.15 -31.28 0.19
N ASN B 510 -8.29 -31.71 -0.34
CA ASN B 510 -8.87 -31.10 -1.53
C ASN B 510 -10.33 -30.78 -1.26
N VAL B 511 -10.58 -30.31 -0.04
CA VAL B 511 -11.89 -29.82 0.37
C VAL B 511 -12.13 -28.47 -0.27
N ARG B 512 -13.30 -28.29 -0.89
CA ARG B 512 -13.48 -27.09 -1.70
C ARG B 512 -14.90 -26.55 -1.62
N ILE B 513 -15.02 -25.23 -1.77
CA ILE B 513 -16.32 -24.56 -1.81
C ILE B 513 -16.84 -24.64 -3.24
N ILE B 514 -18.03 -25.21 -3.41
CA ILE B 514 -18.55 -25.44 -4.75
C ILE B 514 -19.66 -24.46 -5.14
N GLY B 515 -20.22 -23.71 -4.20
CA GLY B 515 -21.25 -22.75 -4.56
C GLY B 515 -21.88 -22.16 -3.32
N GLU B 516 -22.88 -21.31 -3.58
CA GLU B 516 -23.64 -20.66 -2.51
C GLU B 516 -25.12 -20.74 -2.83
N MET B 517 -25.94 -20.40 -1.82
CA MET B 517 -27.38 -20.42 -1.94
C MET B 517 -27.96 -19.62 -0.79
N ASP B 518 -29.03 -18.86 -1.06
CA ASP B 518 -29.64 -18.07 -0.01
C ASP B 518 -30.16 -18.97 1.10
N ARG B 519 -30.10 -18.45 2.33
CA ARG B 519 -30.44 -19.26 3.51
C ARG B 519 -31.86 -19.81 3.41
N PHE B 520 -32.80 -18.96 3.00
CA PHE B 520 -34.20 -19.37 2.94
C PHE B 520 -34.39 -20.51 1.96
N SER B 521 -33.75 -20.44 0.79
CA SER B 521 -33.90 -21.52 -0.18
C SER B 521 -33.14 -22.76 0.25
N ALA B 522 -32.01 -22.58 0.96
CA ALA B 522 -31.24 -23.72 1.43
C ALA B 522 -31.95 -24.47 2.54
N MET B 523 -32.91 -23.84 3.19
CA MET B 523 -33.69 -24.54 4.20
C MET B 523 -34.40 -25.75 3.60
N THR B 524 -34.94 -25.62 2.38
CA THR B 524 -35.65 -26.70 1.72
C THR B 524 -34.88 -27.36 0.59
N LEU B 525 -33.79 -26.78 0.12
CA LEU B 525 -33.01 -27.35 -0.97
C LEU B 525 -31.70 -27.96 -0.51
N LEU B 526 -31.30 -27.75 0.74
CA LEU B 526 -30.01 -28.22 1.23
C LEU B 526 -30.13 -28.95 2.57
N HIS B 527 -31.30 -29.52 2.87
CA HIS B 527 -31.50 -30.21 4.13
C HIS B 527 -30.62 -31.47 4.22
N ASP B 528 -30.63 -32.11 5.39
CA ASP B 528 -29.64 -33.12 5.76
C ASP B 528 -29.56 -34.30 4.80
N GLU B 529 -30.51 -34.48 3.89
CA GLU B 529 -30.32 -35.54 2.89
C GLU B 529 -30.70 -35.09 1.49
N ALA B 530 -30.79 -33.78 1.26
CA ALA B 530 -31.15 -33.28 -0.06
C ALA B 530 -30.03 -33.57 -1.06
N ILE B 531 -30.39 -33.49 -2.33
CA ILE B 531 -29.42 -33.62 -3.42
C ILE B 531 -29.28 -32.27 -4.09
N TYR B 532 -28.05 -31.75 -4.12
CA TYR B 532 -27.72 -30.48 -4.76
C TYR B 532 -27.10 -30.75 -6.12
N LEU B 533 -27.69 -30.15 -7.15
CA LEU B 533 -27.20 -30.31 -8.51
C LEU B 533 -26.46 -29.04 -8.91
N HIS B 534 -25.15 -29.13 -9.05
CA HIS B 534 -24.31 -28.02 -9.47
C HIS B 534 -23.88 -28.26 -10.91
N GLU B 535 -24.62 -27.67 -11.85
CA GLU B 535 -24.32 -27.77 -13.28
C GLU B 535 -24.16 -29.23 -13.70
N GLY B 536 -25.13 -30.06 -13.30
CA GLY B 536 -25.13 -31.46 -13.63
C GLY B 536 -24.35 -32.35 -12.67
N VAL B 537 -23.50 -31.78 -11.83
CA VAL B 537 -22.75 -32.58 -10.87
C VAL B 537 -23.61 -32.81 -9.65
N GLN B 538 -23.77 -34.08 -9.26
CA GLN B 538 -24.65 -34.44 -8.16
C GLN B 538 -23.87 -34.47 -6.86
N TYR B 539 -24.42 -33.83 -5.82
CA TYR B 539 -23.91 -33.89 -4.47
C TYR B 539 -25.05 -34.26 -3.53
N GLN B 540 -24.72 -34.87 -2.40
CA GLN B 540 -25.70 -35.12 -1.35
C GLN B 540 -25.26 -34.41 -0.08
N VAL B 541 -26.20 -33.71 0.55
CA VAL B 541 -25.89 -32.97 1.78
C VAL B 541 -25.64 -33.97 2.90
N GLU B 542 -24.44 -33.93 3.47
CA GLU B 542 -24.17 -34.72 4.66
C GLU B 542 -24.75 -34.03 5.89
N LYS B 543 -24.51 -32.72 6.03
CA LYS B 543 -25.04 -32.02 7.19
C LYS B 543 -25.19 -30.54 6.89
N LEU B 544 -26.30 -29.95 7.35
CA LEU B 544 -26.56 -28.51 7.21
C LEU B 544 -26.28 -27.86 8.56
N ASP B 545 -25.12 -27.21 8.68
CA ASP B 545 -24.80 -26.39 9.83
C ASP B 545 -25.53 -25.06 9.67
N TRP B 546 -26.73 -25.00 10.26
CA TRP B 546 -27.60 -23.85 10.05
C TRP B 546 -27.08 -22.60 10.73
N ASP B 547 -26.51 -22.77 11.93
CA ASP B 547 -26.07 -21.61 12.69
C ASP B 547 -24.85 -20.95 12.06
N HIS B 548 -24.00 -21.75 11.41
CA HIS B 548 -22.80 -21.24 10.76
C HIS B 548 -22.97 -21.09 9.26
N LYS B 549 -24.18 -21.35 8.75
CA LYS B 549 -24.51 -21.18 7.34
C LYS B 549 -23.52 -21.95 6.46
N LYS B 550 -23.41 -23.25 6.73
CA LYS B 550 -22.56 -24.15 5.96
C LYS B 550 -23.34 -25.39 5.59
N ALA B 551 -23.03 -25.96 4.43
CA ALA B 551 -23.70 -27.18 3.96
C ALA B 551 -22.61 -28.16 3.53
N TYR B 552 -22.30 -29.13 4.38
CA TYR B 552 -21.28 -30.13 4.07
C TYR B 552 -21.90 -31.23 3.22
N VAL B 553 -21.35 -31.40 2.02
CA VAL B 553 -21.86 -32.31 1.00
C VAL B 553 -20.72 -33.18 0.49
N ARG B 554 -21.07 -34.27 -0.19
CA ARG B 554 -20.11 -35.15 -0.83
C ARG B 554 -20.61 -35.52 -2.22
N LYS B 555 -19.68 -35.90 -3.09
CA LYS B 555 -20.04 -36.28 -4.45
C LYS B 555 -20.79 -37.61 -4.47
N VAL B 556 -21.82 -37.67 -5.33
CA VAL B 556 -22.77 -38.78 -5.36
C VAL B 556 -23.23 -38.98 -6.79
N ASP B 557 -23.52 -40.23 -7.15
CA ASP B 557 -24.18 -40.57 -8.41
C ASP B 557 -25.42 -41.38 -8.07
N VAL B 558 -26.60 -40.82 -8.36
CA VAL B 558 -27.87 -41.48 -8.10
C VAL B 558 -28.79 -41.30 -9.30
N GLU B 559 -29.94 -41.98 -9.22
CA GLU B 559 -30.97 -41.94 -10.25
C GLU B 559 -31.93 -40.78 -10.09
N TYR B 560 -31.95 -40.13 -8.93
CA TYR B 560 -33.02 -39.20 -8.58
C TYR B 560 -32.44 -37.88 -8.11
N TYR B 561 -33.33 -36.91 -7.97
CA TYR B 561 -33.05 -35.63 -7.35
C TYR B 561 -34.06 -35.41 -6.23
N THR B 562 -33.86 -34.32 -5.49
CA THR B 562 -34.65 -34.01 -4.31
C THR B 562 -35.42 -32.72 -4.53
N ASP B 563 -36.69 -32.71 -4.13
CA ASP B 563 -37.45 -31.47 -4.14
C ASP B 563 -38.30 -31.40 -2.89
N ALA B 564 -38.72 -30.19 -2.55
CA ALA B 564 -39.54 -29.99 -1.36
C ALA B 564 -40.39 -28.74 -1.53
N ASN B 565 -41.39 -28.61 -0.66
CA ASN B 565 -42.24 -27.44 -0.61
C ASN B 565 -42.51 -27.09 0.85
N LEU B 566 -42.71 -25.81 1.10
CA LEU B 566 -42.88 -25.30 2.45
C LEU B 566 -44.35 -25.22 2.83
N ALA B 567 -44.66 -25.64 4.05
CA ALA B 567 -46.00 -25.46 4.61
C ALA B 567 -46.02 -24.07 5.25
N VAL B 568 -46.59 -23.10 4.54
CA VAL B 568 -46.57 -21.70 4.97
C VAL B 568 -47.88 -21.38 5.68
N GLN B 569 -47.77 -20.87 6.90
CA GLN B 569 -48.92 -20.44 7.68
C GLN B 569 -48.66 -19.03 8.19
N LEU B 570 -49.75 -18.35 8.55
CA LEU B 570 -49.69 -16.97 9.01
C LEU B 570 -50.41 -16.83 10.33
N LYS B 571 -49.81 -16.07 11.25
CA LYS B 571 -50.41 -15.88 12.57
C LYS B 571 -50.56 -14.40 12.92
N ILE B 575 -52.54 -6.52 16.51
CA ILE B 575 -53.38 -5.44 16.00
C ILE B 575 -53.07 -4.13 16.71
N ASP B 576 -52.59 -3.14 15.94
CA ASP B 576 -52.26 -1.84 16.49
C ASP B 576 -53.18 -0.72 16.02
N LYS B 577 -54.03 -0.97 15.03
CA LYS B 577 -55.05 -0.01 14.60
C LYS B 577 -56.21 -0.76 13.97
N THR B 578 -57.41 -0.23 14.14
CA THR B 578 -58.62 -0.81 13.56
C THR B 578 -59.71 0.24 13.45
N HIS B 587 -58.61 -4.45 8.79
CA HIS B 587 -57.79 -4.38 9.98
C HIS B 587 -56.30 -4.33 9.62
N TYR B 588 -55.49 -3.81 10.54
CA TYR B 588 -54.04 -3.75 10.42
C TYR B 588 -53.41 -4.23 11.72
N GLY B 589 -52.34 -5.00 11.61
CA GLY B 589 -51.70 -5.46 12.82
C GLY B 589 -50.36 -6.11 12.53
N ASP B 590 -49.86 -6.82 13.53
CA ASP B 590 -48.60 -7.54 13.41
C ASP B 590 -48.87 -9.03 13.26
N VAL B 591 -48.12 -9.66 12.34
CA VAL B 591 -48.27 -11.06 12.03
C VAL B 591 -46.89 -11.71 11.98
N THR B 592 -46.88 -13.04 11.96
CA THR B 592 -45.67 -13.82 11.76
C THR B 592 -45.92 -14.87 10.69
N VAL B 593 -44.92 -15.06 9.83
CA VAL B 593 -45.00 -15.98 8.71
C VAL B 593 -44.17 -17.21 9.05
N ASN B 594 -44.84 -18.33 9.33
CA ASN B 594 -44.17 -19.57 9.68
C ASN B 594 -44.04 -20.44 8.45
N ALA B 595 -42.89 -21.10 8.32
CA ALA B 595 -42.61 -22.00 7.20
C ALA B 595 -42.19 -23.35 7.75
N LEU B 596 -43.14 -24.26 7.93
CA LEU B 596 -42.84 -25.60 8.39
C LEU B 596 -42.30 -26.43 7.23
N PRO B 597 -41.07 -26.95 7.31
CA PRO B 597 -40.50 -27.66 6.17
C PRO B 597 -41.21 -28.95 5.83
N THR B 598 -41.71 -29.68 6.84
CA THR B 598 -42.45 -30.93 6.66
C THR B 598 -41.54 -31.92 5.94
N ILE B 599 -41.86 -32.35 4.72
CA ILE B 599 -41.15 -33.45 4.09
C ILE B 599 -40.57 -32.99 2.74
N PHE B 600 -39.79 -33.89 2.14
CA PHE B 600 -39.26 -33.74 0.79
C PHE B 600 -39.46 -35.05 0.03
N LYS B 601 -39.46 -34.95 -1.29
CA LYS B 601 -39.72 -36.08 -2.17
C LYS B 601 -38.53 -36.34 -3.09
N LYS B 602 -38.22 -37.62 -3.26
CA LYS B 602 -37.23 -38.10 -4.21
C LYS B 602 -37.92 -38.32 -5.55
N ILE B 603 -37.33 -37.78 -6.62
CA ILE B 603 -37.93 -37.82 -7.95
C ILE B 603 -36.88 -38.36 -8.91
N LYS B 604 -37.18 -39.48 -9.55
CA LYS B 604 -36.25 -40.06 -10.53
C LYS B 604 -36.04 -39.07 -11.67
N MET B 605 -34.77 -38.82 -12.00
CA MET B 605 -34.45 -37.78 -12.97
C MET B 605 -35.01 -38.10 -14.34
N THR B 606 -34.95 -39.37 -14.74
CA THR B 606 -35.33 -39.74 -16.11
C THR B 606 -36.84 -39.68 -16.30
N THR B 607 -37.61 -40.28 -15.38
CA THR B 607 -39.04 -40.46 -15.55
C THR B 607 -39.89 -39.49 -14.74
N PHE B 608 -39.29 -38.73 -13.83
CA PHE B 608 -39.99 -37.76 -12.97
C PHE B 608 -40.99 -38.43 -12.03
N GLU B 609 -40.83 -39.72 -11.74
CA GLU B 609 -41.69 -40.43 -10.81
C GLU B 609 -41.14 -40.31 -9.38
N ASN B 610 -42.06 -40.33 -8.41
CA ASN B 610 -41.67 -40.33 -7.01
C ASN B 610 -41.20 -41.73 -6.60
N ILE B 611 -40.02 -41.81 -6.00
CA ILE B 611 -39.46 -43.07 -5.58
C ILE B 611 -39.24 -43.14 -4.07
N GLY B 612 -39.72 -42.14 -3.33
CA GLY B 612 -39.58 -42.14 -1.89
C GLY B 612 -39.66 -40.73 -1.35
N SER B 613 -39.61 -40.64 -0.02
CA SER B 613 -39.69 -39.34 0.63
C SER B 613 -38.85 -39.37 1.89
N GLY B 614 -38.76 -38.21 2.55
CA GLY B 614 -38.01 -38.08 3.77
C GLY B 614 -38.40 -36.83 4.54
N PRO B 615 -37.98 -36.73 5.80
CA PRO B 615 -38.35 -35.57 6.61
C PRO B 615 -37.31 -34.46 6.57
N ILE B 616 -37.77 -33.25 6.92
CA ILE B 616 -36.92 -32.07 7.02
C ILE B 616 -37.17 -31.44 8.38
N HIS B 617 -36.21 -31.56 9.28
CA HIS B 617 -36.32 -31.01 10.63
C HIS B 617 -35.44 -29.76 10.74
N LEU B 618 -36.02 -28.61 10.40
CA LEU B 618 -35.31 -27.34 10.49
C LEU B 618 -36.29 -26.26 10.96
N PRO B 619 -35.80 -25.25 11.71
CA PRO B 619 -36.66 -24.18 12.22
C PRO B 619 -37.25 -23.31 11.12
N SER B 626 -45.43 -6.76 9.77
CA SER B 626 -46.73 -6.09 9.79
C SER B 626 -47.57 -6.45 8.57
N ALA B 627 -48.89 -6.45 8.73
CA ALA B 627 -49.78 -6.84 7.65
C ALA B 627 -51.12 -6.10 7.79
N ALA B 628 -51.83 -6.02 6.67
CA ALA B 628 -53.18 -5.46 6.61
C ALA B 628 -54.09 -6.49 5.96
N TRP B 629 -55.18 -6.84 6.63
CA TRP B 629 -56.07 -7.88 6.14
C TRP B 629 -57.52 -7.40 6.12
N LEU B 630 -58.30 -8.03 5.26
CA LEU B 630 -59.75 -7.83 5.19
C LEU B 630 -60.44 -9.14 5.50
N GLU B 631 -61.44 -9.10 6.38
CA GLU B 631 -62.30 -10.24 6.64
C GLU B 631 -63.77 -9.89 6.46
N THR B 643 -67.02 -24.04 -3.11
CA THR B 643 -65.64 -23.69 -2.77
C THR B 643 -65.41 -22.18 -2.98
N LEU B 644 -64.97 -21.51 -1.91
CA LEU B 644 -64.70 -20.07 -1.96
C LEU B 644 -63.45 -19.78 -2.79
N LEU B 647 -62.36 -18.22 -5.54
CA LEU B 647 -63.02 -16.93 -5.53
C LEU B 647 -62.15 -15.86 -4.88
N LEU B 648 -61.58 -16.19 -3.73
CA LEU B 648 -60.68 -15.26 -3.04
C LEU B 648 -59.40 -15.06 -3.85
N LEU B 649 -59.01 -16.06 -4.64
CA LEU B 649 -57.82 -15.96 -5.48
C LEU B 649 -57.91 -14.81 -6.47
N GLY B 650 -59.10 -14.58 -7.03
CA GLY B 650 -59.27 -13.43 -7.92
C GLY B 650 -59.07 -12.10 -7.20
N ILE B 651 -59.62 -11.98 -5.99
CA ILE B 651 -59.41 -10.78 -5.19
C ILE B 651 -57.93 -10.59 -4.91
N SER B 652 -57.22 -11.68 -4.63
CA SER B 652 -55.80 -11.60 -4.36
C SER B 652 -55.02 -11.14 -5.60
N ASN B 653 -55.42 -11.62 -6.78
CA ASN B 653 -54.78 -11.15 -8.00
C ASN B 653 -55.02 -9.67 -8.23
N VAL B 654 -56.26 -9.21 -8.03
CA VAL B 654 -56.53 -7.79 -8.24
C VAL B 654 -55.78 -6.95 -7.21
N LEU B 655 -55.61 -7.46 -6.00
CA LEU B 655 -54.82 -6.74 -5.00
C LEU B 655 -53.35 -6.69 -5.41
N GLN B 656 -52.80 -7.81 -5.88
CA GLN B 656 -51.42 -7.83 -6.36
C GLN B 656 -51.22 -6.90 -7.54
N HIS B 657 -52.28 -6.67 -8.33
CA HIS B 657 -52.17 -5.74 -9.45
C HIS B 657 -52.26 -4.29 -9.00
N ILE B 658 -53.14 -3.99 -8.06
CA ILE B 658 -53.46 -2.59 -7.75
C ILE B 658 -52.53 -2.02 -6.68
N VAL B 659 -52.24 -2.80 -5.63
CA VAL B 659 -51.54 -2.26 -4.46
C VAL B 659 -50.21 -1.60 -4.83
N PRO B 660 -49.29 -2.25 -5.54
CA PRO B 660 -48.02 -1.59 -5.87
C PRO B 660 -48.18 -0.36 -6.75
N VAL B 661 -49.30 -0.22 -7.46
CA VAL B 661 -49.48 0.94 -8.33
C VAL B 661 -49.76 2.20 -7.52
N TYR B 662 -50.65 2.11 -6.53
CA TYR B 662 -50.91 3.29 -5.72
C TYR B 662 -49.89 3.50 -4.61
N ILE B 663 -49.32 2.44 -4.03
CA ILE B 663 -48.34 2.67 -2.98
C ILE B 663 -46.93 2.86 -3.53
N MET B 664 -46.76 2.81 -4.85
CA MET B 664 -45.49 3.14 -5.52
C MET B 664 -44.35 2.24 -5.08
N CYS B 665 -44.58 0.93 -5.17
CA CYS B 665 -43.54 -0.06 -4.89
C CYS B 665 -43.52 -1.09 -5.99
N ASP B 666 -42.78 -2.18 -5.79
CA ASP B 666 -42.70 -3.26 -6.77
C ASP B 666 -43.61 -4.42 -6.38
N ARG B 667 -43.95 -5.23 -7.37
CA ARG B 667 -44.85 -6.35 -7.12
C ARG B 667 -44.24 -7.33 -6.12
N ASN B 668 -42.92 -7.41 -6.05
CA ASN B 668 -42.22 -8.31 -5.15
C ASN B 668 -42.05 -7.73 -3.74
N ASP B 669 -42.51 -6.51 -3.50
CA ASP B 669 -42.36 -5.91 -2.18
C ASP B 669 -43.48 -6.32 -1.23
N VAL B 670 -44.65 -6.66 -1.76
CA VAL B 670 -45.79 -7.04 -0.94
C VAL B 670 -46.28 -8.40 -1.37
N HIS B 671 -46.67 -9.23 -0.40
CA HIS B 671 -47.24 -10.55 -0.64
C HIS B 671 -48.69 -10.54 -0.22
N VAL B 672 -49.55 -11.09 -1.07
CA VAL B 672 -50.99 -11.14 -0.83
C VAL B 672 -51.40 -12.60 -0.74
N VAL B 673 -51.73 -13.05 0.48
CA VAL B 673 -52.16 -14.41 0.73
C VAL B 673 -53.60 -14.35 1.23
N SER B 674 -54.34 -15.45 1.05
CA SER B 674 -55.73 -15.51 1.49
C SER B 674 -55.95 -16.75 2.35
N GLN B 675 -56.83 -16.60 3.34
CA GLN B 675 -57.23 -17.67 4.24
C GLN B 675 -58.73 -17.59 4.47
N ILE B 676 -59.41 -18.73 4.41
CA ILE B 676 -60.86 -18.76 4.60
C ILE B 676 -61.22 -18.50 6.06
N THR B 685 -60.58 -14.38 4.87
CA THR B 685 -59.73 -13.23 5.15
C THR B 685 -58.57 -13.19 4.15
N ILE B 686 -58.18 -11.99 3.71
CA ILE B 686 -57.05 -11.80 2.81
C ILE B 686 -56.03 -10.89 3.50
N PHE B 687 -54.80 -11.38 3.65
CA PHE B 687 -53.71 -10.65 4.24
C PHE B 687 -52.77 -10.12 3.17
N LEU B 688 -52.24 -8.92 3.40
CA LEU B 688 -51.21 -8.32 2.56
C LEU B 688 -50.10 -7.85 3.49
N TYR B 689 -48.89 -8.35 3.26
CA TYR B 689 -47.79 -8.03 4.16
C TYR B 689 -46.53 -7.74 3.35
N ASP B 690 -45.77 -6.74 3.78
CA ASP B 690 -44.54 -6.37 3.11
C ASP B 690 -43.41 -7.32 3.46
N HIS B 691 -42.60 -7.66 2.46
CA HIS B 691 -41.59 -8.71 2.59
C HIS B 691 -40.34 -8.22 3.31
N TYR B 692 -40.18 -6.92 3.50
CA TYR B 692 -39.01 -6.40 4.20
C TYR B 692 -39.09 -6.72 5.69
N PRO B 693 -37.94 -6.91 6.34
CA PRO B 693 -37.95 -7.38 7.74
C PRO B 693 -38.62 -6.40 8.68
N GLY B 694 -39.59 -6.90 9.44
CA GLY B 694 -40.32 -6.08 10.38
C GLY B 694 -41.41 -5.28 9.72
N GLY B 695 -41.09 -4.70 8.56
CA GLY B 695 -42.02 -3.86 7.83
C GLY B 695 -41.45 -2.48 7.57
N ILE B 696 -41.99 -1.80 6.55
CA ILE B 696 -41.54 -0.47 6.15
C ILE B 696 -42.72 0.38 5.72
N GLY B 697 -43.84 0.23 6.43
CA GLY B 697 -44.98 1.11 6.24
C GLY B 697 -45.82 0.86 5.02
N LEU B 698 -45.54 -0.20 4.26
CA LEU B 698 -46.38 -0.53 3.10
C LEU B 698 -47.75 -1.02 3.54
N ALA B 699 -47.80 -1.90 4.54
CA ALA B 699 -49.08 -2.38 5.05
C ALA B 699 -49.88 -1.24 5.67
N GLU B 700 -49.20 -0.30 6.33
CA GLU B 700 -49.88 0.84 6.93
C GLU B 700 -50.56 1.69 5.86
N GLU B 701 -49.81 2.08 4.83
CA GLU B 701 -50.39 2.89 3.76
C GLU B 701 -51.48 2.13 3.01
N VAL B 702 -51.33 0.81 2.88
CA VAL B 702 -52.38 0.01 2.25
C VAL B 702 -53.66 0.09 3.08
N PHE B 703 -53.55 -0.10 4.39
CA PHE B 703 -54.74 -0.02 5.23
C PHE B 703 -55.35 1.37 5.19
N LYS B 704 -54.52 2.41 5.15
CA LYS B 704 -55.04 3.77 5.07
C LYS B 704 -55.83 3.97 3.78
N ARG B 705 -55.19 3.76 2.64
CA ARG B 705 -55.81 4.06 1.35
C ARG B 705 -56.55 2.86 0.77
N PHE B 706 -56.98 1.91 1.63
CA PHE B 706 -57.62 0.70 1.13
C PHE B 706 -58.93 0.97 0.42
N SER B 707 -59.67 2.01 0.82
CA SER B 707 -60.92 2.31 0.10
C SER B 707 -60.64 2.74 -1.34
N ASP B 708 -59.65 3.63 -1.53
CA ASP B 708 -59.24 4.01 -2.88
C ASP B 708 -58.70 2.82 -3.64
N ILE B 709 -57.96 1.94 -2.95
CA ILE B 709 -57.43 0.74 -3.60
C ILE B 709 -58.56 -0.15 -4.08
N ASN B 710 -59.59 -0.33 -3.26
CA ASN B 710 -60.73 -1.16 -3.65
C ASN B 710 -61.49 -0.55 -4.81
N GLU B 711 -61.63 0.78 -4.83
CA GLU B 711 -62.30 1.42 -5.96
C GLU B 711 -61.50 1.25 -7.25
N ALA B 712 -60.17 1.43 -7.17
CA ALA B 712 -59.33 1.19 -8.34
C ALA B 712 -59.39 -0.27 -8.78
N ALA B 713 -59.53 -1.19 -7.82
CA ALA B 713 -59.66 -2.61 -8.16
C ALA B 713 -60.97 -2.89 -8.91
N LYS B 714 -62.07 -2.33 -8.42
CA LYS B 714 -63.34 -2.47 -9.12
C LYS B 714 -63.25 -1.90 -10.53
N GLN B 715 -62.62 -0.73 -10.68
CA GLN B 715 -62.47 -0.14 -12.00
C GLN B 715 -61.61 -1.00 -12.91
N LEU B 716 -60.53 -1.58 -12.38
CA LEU B 716 -59.68 -2.46 -13.17
C LEU B 716 -60.44 -3.69 -13.64
N ILE B 717 -61.25 -4.29 -12.75
CA ILE B 717 -62.03 -5.46 -13.14
C ILE B 717 -63.07 -5.08 -14.18
N THR B 718 -63.66 -3.88 -14.06
CA THR B 718 -64.72 -3.48 -14.98
C THR B 718 -64.17 -3.14 -16.36
N HIS B 719 -62.99 -2.55 -16.42
CA HIS B 719 -62.51 -1.96 -17.67
C HIS B 719 -61.66 -2.90 -18.53
N CYS B 720 -61.16 -4.01 -17.98
CA CYS B 720 -60.38 -4.85 -18.87
C CYS B 720 -61.32 -5.69 -19.76
N PRO B 721 -61.01 -5.83 -21.04
CA PRO B 721 -61.90 -6.54 -21.99
C PRO B 721 -61.68 -8.06 -22.08
N CYS B 722 -62.11 -8.79 -21.06
CA CYS B 722 -61.96 -10.23 -21.04
C CYS B 722 -63.28 -10.88 -20.65
N HIS B 723 -63.48 -12.10 -21.13
CA HIS B 723 -64.60 -12.94 -20.73
C HIS B 723 -64.17 -13.74 -19.51
N ASP B 724 -64.82 -13.47 -18.37
CA ASP B 724 -64.37 -13.91 -17.05
C ASP B 724 -63.01 -13.26 -16.79
N GLY B 725 -61.93 -14.01 -16.56
CA GLY B 725 -60.68 -13.42 -16.11
C GLY B 725 -59.54 -13.61 -17.11
N CYS B 726 -58.57 -12.71 -17.04
CA CYS B 726 -57.33 -12.76 -17.80
C CYS B 726 -56.17 -12.51 -16.85
N PRO B 727 -54.93 -12.70 -17.29
CA PRO B 727 -53.79 -12.42 -16.40
C PRO B 727 -53.69 -10.99 -15.94
N SER B 728 -54.35 -10.03 -16.60
CA SER B 728 -54.29 -8.64 -16.18
C SER B 728 -55.30 -8.28 -15.10
N CYS B 729 -56.22 -9.19 -14.75
CA CYS B 729 -57.23 -8.88 -13.74
C CYS B 729 -57.33 -9.94 -12.64
N ILE B 730 -58.30 -10.86 -12.76
CA ILE B 730 -58.60 -11.78 -11.67
C ILE B 730 -58.04 -13.19 -11.86
N GLY B 731 -57.78 -13.60 -13.10
CA GLY B 731 -57.39 -14.97 -13.36
C GLY B 731 -58.56 -15.82 -13.82
N THR B 732 -58.25 -16.97 -14.40
CA THR B 732 -59.29 -17.82 -14.97
C THR B 732 -59.78 -18.86 -13.96
N LYS B 738 -69.36 -16.59 -14.98
CA LYS B 738 -69.50 -15.16 -14.72
C LYS B 738 -68.75 -14.75 -13.45
N ALA B 739 -67.42 -14.88 -13.51
CA ALA B 739 -66.59 -14.64 -12.34
C ALA B 739 -66.49 -13.15 -12.01
N LYS B 740 -66.35 -12.29 -13.02
CA LYS B 740 -66.15 -10.87 -12.78
C LYS B 740 -67.30 -10.27 -11.95
N GLU B 741 -68.54 -10.68 -12.24
CA GLU B 741 -69.68 -10.16 -11.47
C GLU B 741 -69.62 -10.61 -10.01
N ARG B 742 -69.33 -11.88 -9.76
CA ARG B 742 -69.25 -12.37 -8.39
C ARG B 742 -68.14 -11.68 -7.62
N ILE B 743 -66.97 -11.52 -8.26
CA ILE B 743 -65.85 -10.83 -7.63
C ILE B 743 -66.20 -9.37 -7.33
N LEU B 744 -66.87 -8.69 -8.27
CA LEU B 744 -67.21 -7.29 -8.05
C LEU B 744 -68.25 -7.17 -6.93
N GLN B 745 -69.17 -8.13 -6.83
CA GLN B 745 -70.12 -8.13 -5.73
C GLN B 745 -69.41 -8.28 -4.39
N LEU B 746 -68.50 -9.26 -4.31
CA LEU B 746 -67.80 -9.50 -3.06
C LEU B 746 -66.91 -8.32 -2.67
N LEU B 747 -66.34 -7.63 -3.66
CA LEU B 747 -65.58 -6.41 -3.38
C LEU B 747 -66.48 -5.28 -2.89
N ASP B 748 -67.66 -5.13 -3.51
CA ASP B 748 -68.59 -4.09 -3.10
C ASP B 748 -69.11 -4.30 -1.69
N GLN B 749 -69.27 -5.57 -1.26
CA GLN B 749 -69.81 -5.82 0.07
C GLN B 749 -68.90 -5.27 1.17
N MET B 750 -67.58 -5.41 1.02
CA MET B 750 -66.65 -4.88 2.01
C MET B 750 -65.90 -3.66 1.48
N SER B 751 -66.63 -2.67 0.97
CA SER B 751 -66.01 -1.46 0.43
C SER B 751 -65.21 -0.71 1.47
ZN ZN E . 54.88 9.16 18.98
C1 CIT F . 46.70 2.96 13.38
O1 CIT F . 47.76 3.51 13.00
O2 CIT F . 46.63 1.70 13.36
C2 CIT F . 45.54 3.81 13.85
C3 CIT F . 44.74 3.11 14.95
O7 CIT F . 45.65 2.41 15.82
C4 CIT F . 43.92 4.11 15.76
C5 CIT F . 44.79 4.81 16.78
O3 CIT F . 44.59 6.01 17.04
O4 CIT F . 45.70 4.19 17.37
C6 CIT F . 43.76 2.11 14.32
O5 CIT F . 42.82 1.65 15.01
O6 CIT F . 43.88 1.74 13.14
ZN ZN G . -59.04 -8.95 -17.66
#